data_7P2K
#
_entry.id   7P2K
#
loop_
_entity.id
_entity.type
_entity.pdbx_description
1 polymer 'E3 ubiquitin-protein ligase Arkadia'
2 non-polymer 'ZINC ION'
#
_entity_poly.entity_id   1
_entity_poly.type   'polypeptide(L)'
_entity_poly.pdbx_seq_one_letter_code
;MKQDGEEGTEEDTEEKCTICLSILEEGEDVRCLPCMHLFHQVCVDQWLITNKKCPICRVDIEAQLPSES
;
_entity_poly.pdbx_strand_id   A
#
# COMPACT_ATOMS: atom_id res chain seq x y z
N MET A 1 5.26 -2.65 -25.29
CA MET A 1 6.25 -1.55 -25.16
C MET A 1 7.44 -2.03 -24.37
N LYS A 2 7.37 -2.03 -23.03
CA LYS A 2 8.47 -2.47 -22.19
C LYS A 2 7.89 -3.12 -20.95
N GLN A 3 8.71 -3.86 -20.21
CA GLN A 3 8.34 -4.47 -18.95
C GLN A 3 9.51 -4.22 -17.99
N ASP A 4 9.35 -4.62 -16.73
CA ASP A 4 10.41 -4.56 -15.73
C ASP A 4 10.15 -5.69 -14.72
N GLY A 5 10.98 -5.83 -13.69
CA GLY A 5 10.84 -6.88 -12.69
C GLY A 5 11.20 -6.34 -11.30
N GLU A 6 11.84 -7.16 -10.47
CA GLU A 6 12.20 -6.81 -9.11
C GLU A 6 13.65 -7.23 -8.84
N GLU A 7 14.32 -6.60 -7.88
CA GLU A 7 15.64 -7.02 -7.44
C GLU A 7 15.84 -6.58 -6.00
N GLY A 8 15.86 -7.51 -5.04
CA GLY A 8 16.10 -7.15 -3.65
C GLY A 8 15.51 -8.19 -2.69
N THR A 9 15.60 -7.93 -1.39
CA THR A 9 14.91 -8.66 -0.35
C THR A 9 13.70 -7.84 0.06
N GLU A 10 12.57 -8.50 0.35
CA GLU A 10 11.28 -7.89 0.60
C GLU A 10 10.57 -8.95 1.42
N GLU A 11 10.26 -8.61 2.68
CA GLU A 11 9.68 -9.54 3.63
C GLU A 11 8.16 -9.41 3.58
N ASP A 12 7.62 -8.30 4.10
CA ASP A 12 6.21 -7.94 3.96
C ASP A 12 6.09 -6.50 4.40
N THR A 13 6.39 -5.57 3.49
CA THR A 13 6.36 -4.15 3.79
C THR A 13 6.05 -3.41 2.49
N GLU A 14 6.99 -3.37 1.54
CA GLU A 14 6.86 -2.51 0.39
C GLU A 14 7.12 -3.28 -0.90
N GLU A 15 6.10 -3.97 -1.38
CA GLU A 15 6.19 -4.75 -2.60
C GLU A 15 4.80 -4.83 -3.25
N LYS A 16 4.66 -4.32 -4.49
CA LYS A 16 3.46 -4.41 -5.33
C LYS A 16 2.20 -3.77 -4.73
N CYS A 17 1.20 -3.43 -5.55
CA CYS A 17 -0.06 -2.91 -5.03
C CYS A 17 -0.84 -4.12 -4.51
N THR A 18 -1.51 -3.98 -3.36
CA THR A 18 -2.34 -5.04 -2.79
C THR A 18 -3.78 -4.57 -2.59
N ILE A 19 -4.04 -3.26 -2.48
CA ILE A 19 -5.41 -2.74 -2.54
C ILE A 19 -6.10 -3.26 -3.79
N CYS A 20 -5.48 -2.98 -4.94
CA CYS A 20 -6.02 -3.32 -6.25
C CYS A 20 -5.49 -4.68 -6.71
N LEU A 21 -4.37 -5.13 -6.14
CA LEU A 21 -3.52 -6.20 -6.68
C LEU A 21 -3.02 -5.85 -8.07
N SER A 22 -1.87 -5.17 -8.07
CA SER A 22 -1.15 -4.75 -9.26
C SER A 22 0.31 -4.55 -8.84
N ILE A 23 1.06 -3.70 -9.53
CA ILE A 23 2.45 -3.37 -9.28
C ILE A 23 2.51 -1.88 -8.91
N LEU A 24 3.63 -1.45 -8.32
CA LEU A 24 3.97 -0.07 -8.08
C LEU A 24 5.34 0.16 -8.69
N GLU A 25 5.38 0.71 -9.90
CA GLU A 25 6.59 1.14 -10.54
C GLU A 25 7.02 2.48 -9.96
N GLU A 26 8.33 2.71 -9.80
CA GLU A 26 8.78 4.01 -9.31
C GLU A 26 8.59 5.07 -10.39
N GLY A 27 8.47 6.33 -9.97
CA GLY A 27 8.29 7.46 -10.87
C GLY A 27 6.90 8.08 -10.70
N GLU A 28 5.88 7.26 -10.42
CA GLU A 28 4.55 7.78 -10.18
C GLU A 28 4.44 8.38 -8.77
N ASP A 29 3.42 9.22 -8.57
CA ASP A 29 3.08 9.75 -7.26
C ASP A 29 2.27 8.68 -6.53
N VAL A 30 2.97 7.69 -6.00
CA VAL A 30 2.36 6.65 -5.19
C VAL A 30 2.22 7.17 -3.75
N ARG A 31 1.62 6.41 -2.84
CA ARG A 31 1.53 6.81 -1.44
C ARG A 31 1.95 5.66 -0.55
N CYS A 32 2.54 5.98 0.59
CA CYS A 32 2.86 5.03 1.62
C CYS A 32 1.98 5.32 2.82
N LEU A 33 1.37 4.26 3.36
CA LEU A 33 0.60 4.28 4.60
C LEU A 33 1.50 3.79 5.73
N PRO A 34 1.24 4.21 6.96
CA PRO A 34 2.02 3.80 8.10
C PRO A 34 1.73 2.36 8.53
N CYS A 35 0.77 1.65 7.92
CA CYS A 35 0.38 0.32 8.35
C CYS A 35 1.29 -0.73 7.69
N MET A 36 2.60 -0.44 7.63
CA MET A 36 3.70 -1.11 6.94
C MET A 36 3.38 -1.49 5.49
N HIS A 37 2.66 -0.65 4.74
CA HIS A 37 2.27 -0.96 3.38
C HIS A 37 2.15 0.31 2.55
N LEU A 38 2.33 0.22 1.23
CA LEU A 38 2.23 1.36 0.33
C LEU A 38 1.46 0.95 -0.91
N PHE A 39 0.67 1.86 -1.49
CA PHE A 39 -0.14 1.61 -2.68
C PHE A 39 -0.30 2.89 -3.47
N HIS A 40 -0.84 2.78 -4.67
CA HIS A 40 -1.18 3.93 -5.49
C HIS A 40 -1.91 4.99 -4.66
N GLN A 41 -1.52 6.26 -4.78
CA GLN A 41 -2.20 7.33 -4.07
C GLN A 41 -3.71 7.23 -4.24
N VAL A 42 -4.19 7.08 -5.48
CA VAL A 42 -5.61 6.92 -5.76
C VAL A 42 -6.22 5.72 -5.03
N CYS A 43 -5.49 4.60 -5.00
CA CYS A 43 -5.95 3.37 -4.37
C CYS A 43 -6.22 3.65 -2.89
N VAL A 44 -5.27 4.26 -2.15
CA VAL A 44 -5.52 4.55 -0.74
C VAL A 44 -6.67 5.56 -0.61
N ASP A 45 -6.67 6.56 -1.49
CA ASP A 45 -7.62 7.67 -1.52
C ASP A 45 -9.02 7.21 -1.92
N GLN A 46 -9.18 5.93 -2.24
CA GLN A 46 -10.45 5.29 -2.45
C GLN A 46 -10.70 4.25 -1.37
N TRP A 47 -9.70 3.52 -0.91
CA TRP A 47 -9.91 2.44 0.04
C TRP A 47 -10.24 3.01 1.42
N LEU A 48 -9.91 4.27 1.67
CA LEU A 48 -10.21 4.96 2.91
C LEU A 48 -11.53 5.73 2.84
N ILE A 49 -12.19 5.68 1.68
CA ILE A 49 -13.41 6.39 1.37
C ILE A 49 -14.53 5.34 1.39
N THR A 50 -14.41 4.32 0.54
CA THR A 50 -15.37 3.23 0.48
C THR A 50 -15.10 2.19 1.58
N ASN A 51 -13.93 2.23 2.21
CA ASN A 51 -13.58 1.34 3.32
C ASN A 51 -12.86 2.16 4.39
N LYS A 52 -12.35 1.54 5.45
CA LYS A 52 -11.65 2.26 6.50
C LYS A 52 -10.59 1.39 7.21
N LYS A 53 -10.01 0.41 6.51
CA LYS A 53 -9.25 -0.67 7.15
C LYS A 53 -8.06 -1.06 6.28
N CYS A 54 -6.93 -1.41 6.92
CA CYS A 54 -5.71 -1.68 6.16
C CYS A 54 -6.03 -2.90 5.28
N PRO A 55 -5.66 -2.93 4.00
CA PRO A 55 -6.01 -4.04 3.11
C PRO A 55 -5.45 -5.37 3.62
N ILE A 56 -4.20 -5.37 4.07
CA ILE A 56 -3.50 -6.58 4.48
C ILE A 56 -3.72 -6.76 5.98
N CYS A 57 -3.29 -5.79 6.79
CA CYS A 57 -3.31 -5.88 8.23
C CYS A 57 -4.76 -6.03 8.74
N ARG A 58 -5.74 -5.51 7.99
CA ARG A 58 -7.16 -5.46 8.36
C ARG A 58 -7.46 -4.75 9.68
N VAL A 59 -6.48 -4.15 10.35
CA VAL A 59 -6.76 -3.28 11.47
C VAL A 59 -7.30 -1.97 10.91
N ASP A 60 -8.33 -1.40 11.52
CA ASP A 60 -8.90 -0.16 11.04
C ASP A 60 -7.90 0.96 11.28
N ILE A 61 -7.29 1.48 10.22
CA ILE A 61 -6.31 2.54 10.36
C ILE A 61 -6.93 3.88 10.79
N GLU A 62 -8.24 4.05 10.63
CA GLU A 62 -8.99 5.28 10.94
C GLU A 62 -8.55 6.55 10.20
N ALA A 63 -7.47 6.50 9.43
CA ALA A 63 -6.72 7.63 8.93
C ALA A 63 -6.31 8.59 10.06
N GLN A 64 -5.75 9.75 9.70
CA GLN A 64 -5.15 10.70 10.65
C GLN A 64 -4.14 10.06 11.63
N LEU A 65 -3.53 8.94 11.22
CA LEU A 65 -2.47 8.28 11.98
C LEU A 65 -1.15 9.07 11.86
N PRO A 66 -0.64 9.31 10.64
CA PRO A 66 0.57 10.10 10.48
C PRO A 66 0.19 11.58 10.60
N SER A 67 1.19 12.45 10.76
CA SER A 67 0.91 13.87 10.72
C SER A 67 0.42 14.24 9.32
N GLU A 68 -0.52 15.18 9.27
CA GLU A 68 -1.01 15.84 8.07
C GLU A 68 -1.02 17.32 8.37
N SER A 69 -1.50 18.17 7.46
CA SER A 69 -1.59 19.61 7.67
C SER A 69 -2.73 20.17 6.84
N MET A 1 9.06 -17.98 -26.63
CA MET A 1 9.81 -18.44 -25.46
C MET A 1 10.45 -17.22 -24.80
N LYS A 2 10.35 -17.10 -23.49
CA LYS A 2 10.94 -16.03 -22.70
C LYS A 2 11.04 -16.55 -21.26
N GLN A 3 11.55 -15.73 -20.33
CA GLN A 3 11.38 -15.96 -18.91
C GLN A 3 10.93 -14.64 -18.30
N ASP A 4 10.53 -14.70 -17.03
CA ASP A 4 10.19 -13.55 -16.21
C ASP A 4 11.48 -12.90 -15.68
N GLY A 5 11.38 -12.05 -14.65
CA GLY A 5 12.49 -11.30 -14.11
C GLY A 5 12.69 -11.66 -12.65
N GLU A 6 13.35 -10.80 -11.88
CA GLU A 6 13.70 -11.08 -10.51
C GLU A 6 13.52 -9.81 -9.70
N GLU A 7 12.57 -9.79 -8.77
CA GLU A 7 12.28 -8.69 -7.90
C GLU A 7 11.37 -9.27 -6.83
N GLY A 8 11.60 -8.95 -5.57
CA GLY A 8 10.80 -9.44 -4.45
C GLY A 8 10.89 -8.48 -3.29
N THR A 9 10.16 -8.76 -2.20
CA THR A 9 10.22 -7.94 -1.00
C THR A 9 11.65 -7.92 -0.47
N GLU A 10 12.10 -6.75 -0.01
CA GLU A 10 13.42 -6.58 0.56
C GLU A 10 13.28 -6.81 2.06
N GLU A 11 12.48 -5.95 2.69
CA GLU A 11 12.28 -5.92 4.12
C GLU A 11 10.84 -6.43 4.37
N ASP A 12 9.87 -5.55 4.61
CA ASP A 12 8.53 -5.98 5.02
C ASP A 12 7.39 -5.16 4.43
N THR A 13 7.72 -4.17 3.60
CA THR A 13 6.81 -3.08 3.24
C THR A 13 6.66 -2.95 1.73
N GLU A 14 7.76 -2.93 0.97
CA GLU A 14 7.69 -2.75 -0.48
C GLU A 14 7.14 -3.99 -1.16
N GLU A 15 5.97 -3.88 -1.81
CA GLU A 15 5.36 -5.00 -2.52
C GLU A 15 4.45 -4.43 -3.63
N LYS A 16 3.76 -5.28 -4.38
CA LYS A 16 2.82 -4.96 -5.44
C LYS A 16 1.49 -4.52 -4.79
N CYS A 17 0.66 -3.75 -5.52
CA CYS A 17 -0.53 -3.11 -4.95
C CYS A 17 -1.51 -4.19 -4.55
N THR A 18 -1.98 -4.17 -3.30
CA THR A 18 -2.92 -5.18 -2.82
C THR A 18 -4.34 -4.62 -2.69
N ILE A 19 -4.52 -3.30 -2.74
CA ILE A 19 -5.85 -2.72 -2.80
C ILE A 19 -6.53 -3.19 -4.07
N CYS A 20 -5.87 -2.94 -5.21
CA CYS A 20 -6.41 -3.18 -6.54
C CYS A 20 -5.95 -4.54 -7.08
N LEU A 21 -4.91 -5.13 -6.48
CA LEU A 21 -4.15 -6.24 -7.03
C LEU A 21 -3.53 -5.84 -8.37
N SER A 22 -2.39 -5.18 -8.28
CA SER A 22 -1.58 -4.72 -9.39
C SER A 22 -0.15 -4.63 -8.86
N ILE A 23 0.70 -3.82 -9.50
CA ILE A 23 2.10 -3.60 -9.20
C ILE A 23 2.25 -2.20 -8.65
N LEU A 24 3.38 -1.96 -7.99
CA LEU A 24 3.86 -0.64 -7.64
C LEU A 24 5.28 -0.56 -8.16
N GLU A 25 5.50 0.26 -9.19
CA GLU A 25 6.84 0.64 -9.63
C GLU A 25 7.11 2.07 -9.16
N GLU A 26 8.38 2.48 -9.15
CA GLU A 26 8.72 3.86 -8.84
C GLU A 26 8.42 4.74 -10.06
N GLY A 27 8.25 6.04 -9.82
CA GLY A 27 7.94 7.01 -10.87
C GLY A 27 6.50 7.52 -10.71
N GLU A 28 5.59 6.65 -10.28
CA GLU A 28 4.24 7.04 -9.99
C GLU A 28 4.18 7.83 -8.68
N ASP A 29 3.18 8.70 -8.54
CA ASP A 29 2.83 9.30 -7.27
C ASP A 29 2.11 8.22 -6.46
N VAL A 30 2.90 7.39 -5.79
CA VAL A 30 2.43 6.32 -4.92
C VAL A 30 2.33 6.87 -3.48
N ARG A 31 1.80 6.09 -2.54
CA ARG A 31 1.63 6.54 -1.15
C ARG A 31 1.94 5.39 -0.20
N CYS A 32 2.55 5.71 0.93
CA CYS A 32 2.94 4.72 1.92
C CYS A 32 2.03 4.89 3.12
N LEU A 33 1.29 3.86 3.50
CA LEU A 33 0.53 3.88 4.74
C LEU A 33 1.46 3.45 5.87
N PRO A 34 1.21 3.93 7.09
CA PRO A 34 2.06 3.65 8.23
C PRO A 34 1.97 2.20 8.67
N CYS A 35 0.97 1.44 8.21
CA CYS A 35 0.76 0.07 8.65
C CYS A 35 1.61 -0.91 7.83
N MET A 36 2.91 -0.59 7.67
CA MET A 36 3.94 -1.36 6.98
C MET A 36 3.53 -1.78 5.57
N HIS A 37 2.78 -0.93 4.85
CA HIS A 37 2.28 -1.29 3.53
C HIS A 37 2.19 -0.03 2.68
N LEU A 38 2.46 -0.12 1.39
CA LEU A 38 2.31 1.00 0.47
C LEU A 38 1.45 0.57 -0.71
N PHE A 39 0.78 1.52 -1.35
CA PHE A 39 -0.11 1.29 -2.48
C PHE A 39 -0.17 2.56 -3.30
N HIS A 40 -0.79 2.50 -4.47
CA HIS A 40 -1.04 3.70 -5.27
C HIS A 40 -1.74 4.78 -4.44
N GLN A 41 -1.33 6.04 -4.60
CA GLN A 41 -2.01 7.14 -3.93
C GLN A 41 -3.51 7.07 -4.21
N VAL A 42 -3.91 6.95 -5.48
CA VAL A 42 -5.34 6.90 -5.82
C VAL A 42 -6.07 5.77 -5.09
N CYS A 43 -5.40 4.62 -4.98
CA CYS A 43 -5.98 3.44 -4.34
C CYS A 43 -6.27 3.79 -2.87
N VAL A 44 -5.30 4.27 -2.09
CA VAL A 44 -5.57 4.61 -0.69
C VAL A 44 -6.60 5.73 -0.60
N ASP A 45 -6.51 6.69 -1.52
CA ASP A 45 -7.32 7.91 -1.56
C ASP A 45 -8.79 7.59 -1.81
N GLN A 46 -9.11 6.33 -2.12
CA GLN A 46 -10.45 5.85 -2.24
C GLN A 46 -10.73 4.79 -1.16
N TRP A 47 -9.75 3.95 -0.83
CA TRP A 47 -9.94 2.88 0.15
C TRP A 47 -10.05 3.42 1.57
N LEU A 48 -9.79 4.71 1.76
CA LEU A 48 -9.96 5.44 3.00
C LEU A 48 -11.19 6.34 3.00
N ILE A 49 -11.92 6.39 1.88
CA ILE A 49 -13.08 7.24 1.68
C ILE A 49 -14.31 6.34 1.69
N THR A 50 -14.36 5.35 0.80
CA THR A 50 -15.46 4.39 0.72
C THR A 50 -15.24 3.23 1.69
N ASN A 51 -14.00 3.04 2.15
CA ASN A 51 -13.60 2.07 3.14
C ASN A 51 -12.73 2.82 4.14
N LYS A 52 -12.44 2.26 5.32
CA LYS A 52 -11.56 2.89 6.30
C LYS A 52 -10.76 1.81 7.05
N LYS A 53 -10.25 0.82 6.31
CA LYS A 53 -9.67 -0.40 6.85
C LYS A 53 -8.47 -0.83 6.00
N CYS A 54 -7.45 -1.42 6.63
CA CYS A 54 -6.23 -1.79 5.92
C CYS A 54 -6.56 -3.01 5.03
N PRO A 55 -6.02 -3.10 3.81
CA PRO A 55 -6.25 -4.22 2.92
C PRO A 55 -5.53 -5.49 3.40
N ILE A 56 -4.23 -5.44 3.66
CA ILE A 56 -3.41 -6.63 3.90
C ILE A 56 -3.56 -7.08 5.34
N CYS A 57 -3.27 -6.18 6.28
CA CYS A 57 -3.24 -6.42 7.71
C CYS A 57 -4.67 -6.54 8.26
N ARG A 58 -5.69 -6.05 7.54
CA ARG A 58 -7.09 -6.07 7.95
C ARG A 58 -7.32 -5.57 9.39
N VAL A 59 -6.57 -4.57 9.83
CA VAL A 59 -6.95 -3.81 11.01
C VAL A 59 -7.64 -2.54 10.52
N ASP A 60 -8.74 -2.14 11.13
CA ASP A 60 -9.46 -0.96 10.69
C ASP A 60 -8.66 0.28 11.05
N ILE A 61 -7.92 0.80 10.07
CA ILE A 61 -6.97 1.87 10.34
C ILE A 61 -7.63 3.21 10.64
N GLU A 62 -8.80 3.54 10.06
CA GLU A 62 -9.42 4.86 10.17
C GLU A 62 -8.44 6.01 9.86
N ALA A 63 -7.38 5.70 9.15
CA ALA A 63 -6.42 6.68 8.70
C ALA A 63 -6.97 7.31 7.44
N GLN A 64 -6.98 8.63 7.40
CA GLN A 64 -7.39 9.40 6.24
C GLN A 64 -6.65 10.73 6.26
N LEU A 65 -6.62 11.37 7.43
CA LEU A 65 -5.94 12.64 7.66
C LEU A 65 -6.53 13.74 6.77
N PRO A 66 -7.81 14.10 6.97
CA PRO A 66 -8.49 15.08 6.14
C PRO A 66 -7.81 16.43 6.36
N SER A 67 -7.01 16.86 5.39
CA SER A 67 -6.16 18.02 5.53
C SER A 67 -6.05 18.64 4.15
N GLU A 68 -6.87 19.68 3.92
CA GLU A 68 -7.08 20.30 2.62
C GLU A 68 -7.57 19.30 1.58
N SER A 69 -8.85 18.91 1.72
CA SER A 69 -9.54 17.93 0.90
C SER A 69 -9.19 16.52 1.39
N MET A 1 3.03 -33.03 -4.68
CA MET A 1 2.81 -32.61 -3.29
C MET A 1 4.04 -31.85 -2.78
N LYS A 2 4.00 -30.51 -2.80
CA LYS A 2 4.99 -29.69 -2.10
C LYS A 2 4.41 -28.28 -2.00
N GLN A 3 5.24 -27.29 -1.71
CA GLN A 3 4.92 -25.87 -1.72
C GLN A 3 6.16 -25.13 -2.19
N ASP A 4 6.05 -23.83 -2.47
CA ASP A 4 7.15 -23.03 -3.03
C ASP A 4 6.92 -21.57 -2.61
N GLY A 5 7.94 -20.71 -2.67
CA GLY A 5 7.84 -19.32 -2.25
C GLY A 5 9.13 -18.57 -2.56
N GLU A 6 9.09 -17.23 -2.49
CA GLU A 6 10.23 -16.38 -2.83
C GLU A 6 10.14 -15.02 -2.13
N GLU A 7 8.95 -14.40 -2.15
CA GLU A 7 8.63 -13.10 -1.58
C GLU A 7 9.70 -12.05 -1.85
N GLY A 8 9.82 -11.60 -3.10
CA GLY A 8 10.65 -10.48 -3.46
C GLY A 8 10.21 -9.21 -2.72
N THR A 9 10.86 -8.92 -1.60
CA THR A 9 10.65 -7.78 -0.73
C THR A 9 12.03 -7.41 -0.14
N GLU A 10 12.07 -6.47 0.81
CA GLU A 10 13.30 -5.95 1.40
C GLU A 10 13.23 -6.11 2.92
N GLU A 11 12.07 -5.81 3.50
CA GLU A 11 11.78 -5.96 4.90
C GLU A 11 10.30 -6.36 4.95
N ASP A 12 9.38 -5.40 4.75
CA ASP A 12 7.95 -5.69 4.84
C ASP A 12 7.05 -4.64 4.18
N THR A 13 7.60 -3.74 3.36
CA THR A 13 6.91 -2.53 2.96
C THR A 13 6.66 -2.48 1.45
N GLU A 14 7.70 -2.44 0.61
CA GLU A 14 7.51 -2.29 -0.82
C GLU A 14 7.00 -3.59 -1.44
N GLU A 15 5.76 -3.60 -1.94
CA GLU A 15 5.19 -4.77 -2.60
C GLU A 15 4.12 -4.33 -3.61
N LYS A 16 3.46 -5.25 -4.32
CA LYS A 16 2.42 -4.98 -5.30
C LYS A 16 1.17 -4.40 -4.61
N CYS A 17 0.40 -3.59 -5.35
CA CYS A 17 -0.79 -2.91 -4.82
C CYS A 17 -1.80 -3.99 -4.47
N THR A 18 -2.24 -4.02 -3.22
CA THR A 18 -3.20 -5.03 -2.78
C THR A 18 -4.58 -4.42 -2.49
N ILE A 19 -4.73 -3.10 -2.60
CA ILE A 19 -6.06 -2.51 -2.65
C ILE A 19 -6.75 -2.99 -3.92
N CYS A 20 -6.09 -2.75 -5.05
CA CYS A 20 -6.65 -2.94 -6.38
C CYS A 20 -6.25 -4.30 -6.95
N LEU A 21 -5.18 -4.88 -6.41
CA LEU A 21 -4.47 -6.02 -7.00
C LEU A 21 -3.89 -5.61 -8.35
N SER A 22 -2.75 -4.95 -8.26
CA SER A 22 -1.91 -4.53 -9.36
C SER A 22 -0.49 -4.44 -8.80
N ILE A 23 0.44 -3.84 -9.52
CA ILE A 23 1.84 -3.71 -9.16
C ILE A 23 2.08 -2.33 -8.59
N LEU A 24 3.24 -2.17 -7.97
CA LEU A 24 3.87 -0.90 -7.66
C LEU A 24 5.33 -1.05 -8.04
N GLU A 25 5.80 -0.28 -9.02
CA GLU A 25 7.21 -0.12 -9.30
C GLU A 25 7.61 1.30 -8.92
N GLU A 26 8.91 1.53 -8.71
CA GLU A 26 9.40 2.86 -8.39
C GLU A 26 9.24 3.77 -9.61
N GLY A 27 9.19 5.09 -9.37
CA GLY A 27 9.07 6.08 -10.43
C GLY A 27 7.72 6.77 -10.36
N GLU A 28 6.65 6.04 -10.07
CA GLU A 28 5.36 6.66 -9.84
C GLU A 28 5.40 7.48 -8.55
N ASP A 29 4.56 8.52 -8.46
CA ASP A 29 4.40 9.35 -7.27
C ASP A 29 3.44 8.65 -6.30
N VAL A 30 3.74 7.40 -5.96
CA VAL A 30 2.81 6.53 -5.28
C VAL A 30 2.85 6.85 -3.77
N ARG A 31 1.86 6.39 -3.01
CA ARG A 31 1.64 6.84 -1.64
C ARG A 31 1.95 5.70 -0.67
N CYS A 32 2.31 6.02 0.57
CA CYS A 32 2.53 5.00 1.59
C CYS A 32 1.49 5.19 2.68
N LEU A 33 0.99 4.08 3.22
CA LEU A 33 0.23 4.09 4.47
C LEU A 33 1.19 3.77 5.60
N PRO A 34 0.89 4.23 6.81
CA PRO A 34 1.69 3.94 7.99
C PRO A 34 1.58 2.48 8.40
N CYS A 35 0.64 1.72 7.83
CA CYS A 35 0.32 0.37 8.28
C CYS A 35 1.26 -0.67 7.63
N MET A 36 2.55 -0.30 7.50
CA MET A 36 3.66 -1.03 6.87
C MET A 36 3.34 -1.50 5.46
N HIS A 37 2.67 -0.69 4.65
CA HIS A 37 2.30 -1.05 3.31
C HIS A 37 2.16 0.21 2.45
N LEU A 38 2.43 0.12 1.15
CA LEU A 38 2.26 1.25 0.22
C LEU A 38 1.37 0.83 -0.95
N PHE A 39 0.75 1.81 -1.62
CA PHE A 39 -0.23 1.58 -2.68
C PHE A 39 -0.26 2.81 -3.58
N HIS A 40 -1.06 2.74 -4.65
CA HIS A 40 -1.40 3.94 -5.41
C HIS A 40 -2.11 4.96 -4.52
N GLN A 41 -1.74 6.23 -4.69
CA GLN A 41 -2.42 7.38 -4.15
C GLN A 41 -3.94 7.23 -4.29
N VAL A 42 -4.44 7.08 -5.51
CA VAL A 42 -5.88 6.99 -5.77
C VAL A 42 -6.51 5.85 -4.98
N CYS A 43 -5.82 4.71 -4.93
CA CYS A 43 -6.32 3.52 -4.29
C CYS A 43 -6.59 3.84 -2.81
N VAL A 44 -5.63 4.37 -2.06
CA VAL A 44 -5.85 4.70 -0.65
C VAL A 44 -6.88 5.82 -0.51
N ASP A 45 -6.81 6.81 -1.39
CA ASP A 45 -7.63 8.01 -1.42
C ASP A 45 -9.10 7.67 -1.65
N GLN A 46 -9.39 6.41 -1.99
CA GLN A 46 -10.74 5.89 -2.05
C GLN A 46 -10.95 4.82 -0.98
N TRP A 47 -9.96 4.00 -0.65
CA TRP A 47 -10.14 2.90 0.28
C TRP A 47 -10.23 3.38 1.73
N LEU A 48 -9.98 4.67 1.95
CA LEU A 48 -10.14 5.33 3.24
C LEU A 48 -11.44 6.15 3.29
N ILE A 49 -12.17 6.22 2.18
CA ILE A 49 -13.36 7.03 2.00
C ILE A 49 -14.55 6.07 2.03
N THR A 50 -14.57 5.08 1.13
CA THR A 50 -15.62 4.07 1.09
C THR A 50 -15.29 2.90 2.03
N ASN A 51 -14.03 2.80 2.47
CA ASN A 51 -13.57 1.77 3.40
C ASN A 51 -12.75 2.48 4.47
N LYS A 52 -12.26 1.74 5.48
CA LYS A 52 -11.39 2.32 6.50
C LYS A 52 -10.53 1.26 7.17
N LYS A 53 -9.91 0.39 6.37
CA LYS A 53 -9.25 -0.81 6.85
C LYS A 53 -8.02 -1.08 6.00
N CYS A 54 -6.92 -1.50 6.64
CA CYS A 54 -5.67 -1.75 5.94
C CYS A 54 -5.95 -2.96 5.04
N PRO A 55 -5.60 -2.94 3.76
CA PRO A 55 -5.99 -4.00 2.83
C PRO A 55 -5.24 -5.31 3.11
N ILE A 56 -3.95 -5.24 3.43
CA ILE A 56 -3.10 -6.42 3.57
C ILE A 56 -3.22 -6.91 5.01
N CYS A 57 -2.70 -6.12 5.94
CA CYS A 57 -2.68 -6.42 7.38
C CYS A 57 -4.10 -6.54 7.94
N ARG A 58 -5.11 -5.98 7.25
CA ARG A 58 -6.53 -6.23 7.51
C ARG A 58 -7.07 -5.56 8.75
N VAL A 59 -6.24 -4.83 9.51
CA VAL A 59 -6.69 -4.21 10.75
C VAL A 59 -7.39 -2.91 10.37
N ASP A 60 -8.50 -2.57 11.03
CA ASP A 60 -9.24 -1.35 10.76
C ASP A 60 -8.43 -0.13 11.17
N ILE A 61 -7.72 0.46 10.22
CA ILE A 61 -6.84 1.58 10.53
C ILE A 61 -7.55 2.90 10.79
N GLU A 62 -8.73 3.17 10.19
CA GLU A 62 -9.48 4.43 10.37
C GLU A 62 -8.68 5.73 10.11
N ALA A 63 -7.51 5.65 9.50
CA ALA A 63 -6.54 6.73 9.36
C ALA A 63 -6.22 7.37 10.71
N GLN A 64 -5.76 8.64 10.74
CA GLN A 64 -5.20 9.38 11.89
C GLN A 64 -3.94 10.15 11.49
N LEU A 65 -3.12 9.59 10.60
CA LEU A 65 -1.89 10.27 10.20
C LEU A 65 -2.31 11.48 9.37
N PRO A 66 -1.80 12.68 9.70
CA PRO A 66 -2.34 13.96 9.23
C PRO A 66 -2.17 14.09 7.72
N SER A 67 -3.18 13.65 6.99
CA SER A 67 -3.20 13.59 5.53
C SER A 67 -4.64 13.41 5.05
N GLU A 68 -5.61 13.87 5.84
CA GLU A 68 -7.03 13.80 5.53
C GLU A 68 -7.40 14.98 4.62
N SER A 69 -8.50 14.86 3.89
CA SER A 69 -9.08 15.93 3.07
C SER A 69 -10.54 15.58 2.82
N MET A 1 9.63 -28.72 -18.85
CA MET A 1 10.95 -28.90 -19.49
C MET A 1 11.99 -28.13 -18.68
N LYS A 2 12.27 -26.88 -19.02
CA LYS A 2 13.22 -26.06 -18.28
C LYS A 2 12.73 -24.63 -18.38
N GLN A 3 12.23 -24.06 -17.28
CA GLN A 3 11.77 -22.68 -17.27
C GLN A 3 11.69 -22.26 -15.81
N ASP A 4 12.16 -21.05 -15.48
CA ASP A 4 12.04 -20.49 -14.14
C ASP A 4 12.21 -18.97 -14.26
N GLY A 5 11.90 -18.20 -13.22
CA GLY A 5 12.15 -16.76 -13.25
C GLY A 5 11.15 -15.99 -12.41
N GLU A 6 11.24 -16.09 -11.09
CA GLU A 6 10.47 -15.27 -10.18
C GLU A 6 11.29 -15.09 -8.89
N GLU A 7 11.06 -13.99 -8.18
CA GLU A 7 11.62 -13.73 -6.85
C GLU A 7 10.80 -12.57 -6.27
N GLY A 8 11.08 -11.35 -6.71
CA GLY A 8 10.53 -10.15 -6.11
C GLY A 8 11.47 -9.69 -4.99
N THR A 9 11.50 -8.39 -4.73
CA THR A 9 12.17 -7.86 -3.54
C THR A 9 11.15 -7.76 -2.43
N GLU A 10 11.62 -7.61 -1.19
CA GLU A 10 10.83 -7.32 -0.02
C GLU A 10 11.86 -6.94 1.06
N GLU A 11 12.09 -5.65 1.25
CA GLU A 11 13.12 -5.20 2.18
C GLU A 11 12.69 -5.53 3.61
N ASP A 12 11.61 -4.89 4.06
CA ASP A 12 10.92 -5.14 5.33
C ASP A 12 9.67 -4.25 5.34
N THR A 13 8.89 -4.29 4.26
CA THR A 13 7.74 -3.41 4.07
C THR A 13 6.72 -4.18 3.22
N GLU A 14 6.52 -3.82 1.94
CA GLU A 14 5.57 -4.49 1.08
C GLU A 14 5.90 -4.14 -0.36
N GLU A 15 5.47 -4.97 -1.30
CA GLU A 15 5.53 -4.68 -2.72
C GLU A 15 4.16 -5.04 -3.32
N LYS A 16 3.82 -4.43 -4.46
CA LYS A 16 2.62 -4.67 -5.24
C LYS A 16 1.33 -4.08 -4.60
N CYS A 17 0.45 -3.52 -5.44
CA CYS A 17 -0.77 -2.88 -4.95
C CYS A 17 -1.67 -3.99 -4.41
N THR A 18 -2.28 -3.80 -3.25
CA THR A 18 -3.16 -4.79 -2.66
C THR A 18 -4.54 -4.21 -2.34
N ILE A 19 -4.75 -2.91 -2.51
CA ILE A 19 -6.08 -2.35 -2.63
C ILE A 19 -6.74 -2.97 -3.87
N CYS A 20 -6.06 -2.83 -5.00
CA CYS A 20 -6.58 -3.12 -6.32
C CYS A 20 -6.05 -4.47 -6.83
N LEU A 21 -5.03 -5.03 -6.18
CA LEU A 21 -4.24 -6.15 -6.66
C LEU A 21 -3.65 -5.84 -8.03
N SER A 22 -2.49 -5.17 -8.01
CA SER A 22 -1.74 -4.81 -9.19
C SER A 22 -0.27 -4.64 -8.78
N ILE A 23 0.50 -3.88 -9.54
CA ILE A 23 1.92 -3.65 -9.28
C ILE A 23 2.13 -2.19 -8.92
N LEU A 24 3.24 -1.92 -8.24
CA LEU A 24 3.71 -0.60 -7.87
C LEU A 24 5.11 -0.45 -8.43
N GLU A 25 5.21 0.11 -9.62
CA GLU A 25 6.48 0.52 -10.18
C GLU A 25 6.88 1.85 -9.55
N GLU A 26 8.18 2.12 -9.47
CA GLU A 26 8.65 3.43 -9.01
C GLU A 26 8.51 4.45 -10.14
N GLY A 27 8.55 5.73 -9.80
CA GLY A 27 8.44 6.82 -10.76
C GLY A 27 7.12 7.55 -10.58
N GLU A 28 6.05 6.81 -10.33
CA GLU A 28 4.73 7.38 -10.10
C GLU A 28 4.62 7.96 -8.69
N ASP A 29 3.66 8.87 -8.51
CA ASP A 29 3.31 9.43 -7.20
C ASP A 29 2.49 8.37 -6.47
N VAL A 30 3.18 7.40 -5.90
CA VAL A 30 2.59 6.35 -5.07
C VAL A 30 2.55 6.85 -3.62
N ARG A 31 1.97 6.07 -2.70
CA ARG A 31 1.90 6.47 -1.30
C ARG A 31 2.21 5.25 -0.42
N CYS A 32 2.59 5.48 0.84
CA CYS A 32 2.81 4.42 1.81
C CYS A 32 1.91 4.70 2.99
N LEU A 33 1.17 3.68 3.45
CA LEU A 33 0.42 3.76 4.68
C LEU A 33 1.31 3.32 5.83
N PRO A 34 1.05 3.81 7.05
CA PRO A 34 1.80 3.45 8.24
C PRO A 34 1.53 2.00 8.64
N CYS A 35 0.41 1.41 8.23
CA CYS A 35 0.13 -0.01 8.44
C CYS A 35 0.87 -0.79 7.34
N MET A 36 2.20 -0.83 7.48
CA MET A 36 3.27 -1.63 6.86
C MET A 36 3.08 -2.01 5.40
N HIS A 37 2.33 -1.22 4.62
CA HIS A 37 1.96 -1.59 3.27
C HIS A 37 1.87 -0.30 2.47
N LEU A 38 2.23 -0.34 1.19
CA LEU A 38 2.26 0.84 0.35
C LEU A 38 1.44 0.57 -0.89
N PHE A 39 0.67 1.55 -1.37
CA PHE A 39 -0.20 1.37 -2.53
C PHE A 39 -0.27 2.68 -3.30
N HIS A 40 -0.85 2.64 -4.49
CA HIS A 40 -1.07 3.82 -5.32
C HIS A 40 -1.70 4.95 -4.50
N GLN A 41 -1.18 6.18 -4.61
CA GLN A 41 -1.73 7.31 -3.88
C GLN A 41 -3.22 7.44 -4.13
N VAL A 42 -3.63 7.46 -5.40
CA VAL A 42 -5.04 7.61 -5.74
C VAL A 42 -5.90 6.50 -5.15
N CYS A 43 -5.38 5.27 -5.18
CA CYS A 43 -6.08 4.12 -4.62
C CYS A 43 -6.38 4.43 -3.15
N VAL A 44 -5.38 4.72 -2.31
CA VAL A 44 -5.62 4.99 -0.90
C VAL A 44 -6.56 6.18 -0.73
N ASP A 45 -6.36 7.22 -1.53
CA ASP A 45 -7.03 8.51 -1.44
C ASP A 45 -8.52 8.42 -1.72
N GLN A 46 -8.99 7.27 -2.21
CA GLN A 46 -10.40 7.00 -2.45
C GLN A 46 -10.86 5.75 -1.71
N TRP A 47 -9.97 4.79 -1.45
CA TRP A 47 -10.35 3.56 -0.79
C TRP A 47 -10.51 3.82 0.69
N LEU A 48 -9.83 4.84 1.24
CA LEU A 48 -10.03 5.28 2.62
C LEU A 48 -11.31 6.10 2.78
N ILE A 49 -12.03 6.35 1.68
CA ILE A 49 -13.26 7.13 1.69
C ILE A 49 -14.39 6.11 1.63
N THR A 50 -14.40 5.25 0.61
CA THR A 50 -15.43 4.22 0.50
C THR A 50 -15.19 3.06 1.46
N ASN A 51 -13.98 2.93 2.00
CA ASN A 51 -13.56 1.84 2.87
C ASN A 51 -12.72 2.41 4.01
N LYS A 52 -12.42 1.63 5.04
CA LYS A 52 -11.72 2.15 6.21
C LYS A 52 -11.08 1.05 7.07
N LYS A 53 -10.27 0.20 6.44
CA LYS A 53 -9.73 -1.03 7.02
C LYS A 53 -8.59 -1.52 6.13
N CYS A 54 -7.49 -2.00 6.71
CA CYS A 54 -6.28 -2.35 5.97
C CYS A 54 -6.54 -3.70 5.27
N PRO A 55 -6.03 -4.00 4.06
CA PRO A 55 -6.41 -5.22 3.38
C PRO A 55 -5.65 -6.42 3.93
N ILE A 56 -4.32 -6.31 4.10
CA ILE A 56 -3.48 -7.42 4.54
C ILE A 56 -3.42 -7.42 6.07
N CYS A 57 -2.93 -6.34 6.68
CA CYS A 57 -2.78 -6.24 8.13
C CYS A 57 -4.15 -6.32 8.81
N ARG A 58 -5.24 -6.03 8.10
CA ARG A 58 -6.61 -6.20 8.60
C ARG A 58 -6.89 -5.35 9.84
N VAL A 59 -6.04 -4.38 10.17
CA VAL A 59 -6.33 -3.46 11.26
C VAL A 59 -7.17 -2.33 10.68
N ASP A 60 -8.19 -1.91 11.41
CA ASP A 60 -9.08 -0.84 10.99
C ASP A 60 -8.34 0.50 10.97
N ILE A 61 -7.80 0.84 9.81
CA ILE A 61 -7.24 2.16 9.57
C ILE A 61 -8.35 3.18 9.27
N GLU A 62 -9.44 3.18 10.04
CA GLU A 62 -10.32 4.34 10.07
C GLU A 62 -9.67 5.48 10.87
N ALA A 63 -8.81 5.10 11.80
CA ALA A 63 -8.07 6.03 12.63
C ALA A 63 -6.98 6.74 11.82
N GLN A 64 -6.44 7.82 12.37
CA GLN A 64 -5.53 8.75 11.69
C GLN A 64 -6.06 9.19 10.31
N LEU A 65 -7.38 9.35 10.17
CA LEU A 65 -7.92 9.99 8.99
C LEU A 65 -7.45 11.44 8.91
N PRO A 66 -7.27 11.99 7.70
CA PRO A 66 -6.97 13.41 7.51
C PRO A 66 -8.20 14.25 7.88
N SER A 67 -8.05 15.58 7.88
CA SER A 67 -9.15 16.49 8.18
C SER A 67 -8.90 17.78 7.41
N GLU A 68 -9.84 18.16 6.55
CA GLU A 68 -9.90 19.40 5.81
C GLU A 68 -8.89 19.42 4.66
N SER A 69 -9.40 19.44 3.42
CA SER A 69 -8.62 19.20 2.20
C SER A 69 -8.01 17.79 2.25
N MET A 1 18.26 -23.28 -13.25
CA MET A 1 18.37 -23.69 -11.84
C MET A 1 19.26 -22.69 -11.12
N LYS A 2 18.73 -21.94 -10.15
CA LYS A 2 19.54 -21.14 -9.25
C LYS A 2 18.65 -20.83 -8.04
N GLN A 3 19.18 -20.87 -6.82
CA GLN A 3 18.42 -20.50 -5.64
C GLN A 3 19.43 -20.19 -4.53
N ASP A 4 19.22 -19.12 -3.77
CA ASP A 4 20.06 -18.74 -2.63
C ASP A 4 19.28 -17.71 -1.81
N GLY A 5 19.55 -17.60 -0.51
CA GLY A 5 19.00 -16.56 0.34
C GLY A 5 17.61 -16.91 0.87
N GLU A 6 17.52 -17.40 2.11
CA GLU A 6 16.25 -17.62 2.79
C GLU A 6 16.46 -17.51 4.30
N GLU A 7 15.37 -17.60 5.07
CA GLU A 7 15.27 -17.45 6.53
C GLU A 7 16.05 -16.26 7.12
N GLY A 8 15.35 -15.14 7.32
CA GLY A 8 15.87 -13.98 8.03
C GLY A 8 15.89 -12.78 7.10
N THR A 9 14.98 -11.83 7.31
CA THR A 9 14.92 -10.62 6.50
C THR A 9 14.16 -9.55 7.28
N GLU A 10 13.93 -8.40 6.67
CA GLU A 10 13.22 -7.28 7.28
C GLU A 10 12.41 -6.48 6.25
N GLU A 11 12.92 -6.32 5.03
CA GLU A 11 12.17 -5.74 3.93
C GLU A 11 10.88 -6.54 3.68
N ASP A 12 9.71 -5.92 3.96
CA ASP A 12 8.42 -6.56 3.77
C ASP A 12 7.37 -5.47 3.53
N THR A 13 7.60 -4.63 2.51
CA THR A 13 6.79 -3.44 2.29
C THR A 13 6.78 -3.05 0.80
N GLU A 14 7.95 -2.86 0.19
CA GLU A 14 8.02 -2.43 -1.21
C GLU A 14 7.71 -3.59 -2.16
N GLU A 15 6.43 -3.82 -2.45
CA GLU A 15 6.03 -4.83 -3.41
C GLU A 15 4.72 -4.42 -4.11
N LYS A 16 4.00 -5.38 -4.69
CA LYS A 16 2.74 -5.15 -5.41
C LYS A 16 1.66 -4.51 -4.53
N CYS A 17 0.68 -3.89 -5.20
CA CYS A 17 -0.49 -3.30 -4.58
C CYS A 17 -1.29 -4.43 -3.93
N THR A 18 -2.29 -4.07 -3.14
CA THR A 18 -3.24 -5.05 -2.62
C THR A 18 -4.68 -4.55 -2.77
N ILE A 19 -4.92 -3.24 -2.65
CA ILE A 19 -6.20 -2.63 -2.98
C ILE A 19 -6.65 -3.09 -4.37
N CYS A 20 -5.75 -2.98 -5.36
CA CYS A 20 -6.00 -3.31 -6.76
C CYS A 20 -5.18 -4.52 -7.20
N LEU A 21 -4.24 -4.98 -6.35
CA LEU A 21 -3.34 -6.12 -6.55
C LEU A 21 -2.24 -5.89 -7.59
N SER A 22 -2.46 -4.97 -8.53
CA SER A 22 -1.55 -4.64 -9.60
C SER A 22 -0.19 -4.18 -9.05
N ILE A 23 0.89 -4.32 -9.82
CA ILE A 23 2.23 -3.95 -9.39
C ILE A 23 2.27 -2.47 -9.00
N LEU A 24 3.19 -2.17 -8.08
CA LEU A 24 3.63 -0.81 -7.79
C LEU A 24 4.97 -0.62 -8.47
N GLU A 25 4.98 0.08 -9.60
CA GLU A 25 6.22 0.49 -10.22
C GLU A 25 6.55 1.89 -9.70
N GLU A 26 7.84 2.20 -9.57
CA GLU A 26 8.27 3.51 -9.08
C GLU A 26 8.08 4.56 -10.17
N GLY A 27 8.03 5.83 -9.78
CA GLY A 27 7.83 6.94 -10.71
C GLY A 27 6.46 7.57 -10.47
N GLU A 28 5.44 6.73 -10.25
CA GLU A 28 4.10 7.20 -9.94
C GLU A 28 4.06 7.85 -8.56
N ASP A 29 3.04 8.70 -8.35
CA ASP A 29 2.72 9.22 -7.03
C ASP A 29 2.05 8.09 -6.25
N VAL A 30 2.89 7.25 -5.67
CA VAL A 30 2.46 6.17 -4.80
C VAL A 30 2.33 6.74 -3.36
N ARG A 31 1.89 5.96 -2.38
CA ARG A 31 1.83 6.42 -0.99
C ARG A 31 2.13 5.26 -0.05
N CYS A 32 2.54 5.57 1.17
CA CYS A 32 2.74 4.58 2.21
C CYS A 32 1.78 4.95 3.33
N LEU A 33 1.13 3.94 3.92
CA LEU A 33 0.40 4.13 5.16
C LEU A 33 1.23 3.49 6.27
N PRO A 34 1.15 4.01 7.49
CA PRO A 34 1.95 3.53 8.61
C PRO A 34 1.36 2.26 9.22
N CYS A 35 0.93 1.29 8.40
CA CYS A 35 0.60 -0.03 8.89
C CYS A 35 1.47 -1.04 8.13
N MET A 36 2.70 -0.64 7.83
CA MET A 36 3.76 -1.47 7.27
C MET A 36 3.55 -1.77 5.77
N HIS A 37 2.67 -1.03 5.09
CA HIS A 37 2.29 -1.35 3.73
C HIS A 37 2.25 -0.06 2.91
N LEU A 38 2.38 -0.19 1.60
CA LEU A 38 2.39 0.93 0.67
C LEU A 38 1.65 0.48 -0.56
N PHE A 39 0.80 1.36 -1.11
CA PHE A 39 0.01 1.11 -2.30
C PHE A 39 -0.10 2.42 -3.08
N HIS A 40 -0.71 2.40 -4.25
CA HIS A 40 -0.93 3.62 -5.02
C HIS A 40 -1.59 4.69 -4.17
N GLN A 41 -1.16 5.96 -4.31
CA GLN A 41 -1.75 7.06 -3.59
C GLN A 41 -3.25 7.06 -3.82
N VAL A 42 -3.67 7.07 -5.08
CA VAL A 42 -5.09 7.16 -5.42
C VAL A 42 -5.89 6.03 -4.79
N CYS A 43 -5.31 4.82 -4.81
CA CYS A 43 -5.95 3.63 -4.26
C CYS A 43 -6.31 3.92 -2.80
N VAL A 44 -5.33 4.24 -1.96
CA VAL A 44 -5.60 4.49 -0.55
C VAL A 44 -6.53 5.69 -0.37
N ASP A 45 -6.34 6.73 -1.17
CA ASP A 45 -7.08 7.99 -1.01
C ASP A 45 -8.55 7.82 -1.34
N GLN A 46 -8.94 6.72 -1.99
CA GLN A 46 -10.34 6.34 -2.09
C GLN A 46 -10.67 5.22 -1.10
N TRP A 47 -9.72 4.38 -0.70
CA TRP A 47 -9.98 3.27 0.20
C TRP A 47 -10.24 3.72 1.62
N LEU A 48 -10.07 5.01 1.89
CA LEU A 48 -10.36 5.62 3.17
C LEU A 48 -11.69 6.39 3.13
N ILE A 49 -12.29 6.52 1.94
CA ILE A 49 -13.51 7.26 1.69
C ILE A 49 -14.62 6.24 1.49
N THR A 50 -14.46 5.34 0.52
CA THR A 50 -15.40 4.27 0.22
C THR A 50 -15.17 3.05 1.11
N ASN A 51 -14.00 2.97 1.76
CA ASN A 51 -13.63 1.93 2.71
C ASN A 51 -13.01 2.63 3.91
N LYS A 52 -12.70 1.91 4.99
CA LYS A 52 -12.04 2.50 6.17
C LYS A 52 -11.11 1.50 6.87
N LYS A 53 -10.55 0.56 6.11
CA LYS A 53 -9.86 -0.60 6.66
C LYS A 53 -8.59 -0.88 5.87
N CYS A 54 -7.58 -1.42 6.55
CA CYS A 54 -6.37 -1.84 5.86
C CYS A 54 -6.75 -3.10 5.07
N PRO A 55 -6.14 -3.33 3.89
CA PRO A 55 -6.22 -4.60 3.20
C PRO A 55 -5.40 -5.68 3.93
N ILE A 56 -4.06 -5.59 3.93
CA ILE A 56 -3.16 -6.66 4.38
C ILE A 56 -3.25 -6.84 5.90
N CYS A 57 -2.78 -5.84 6.67
CA CYS A 57 -2.78 -5.88 8.13
C CYS A 57 -4.20 -6.07 8.67
N ARG A 58 -5.22 -5.68 7.89
CA ARG A 58 -6.62 -5.94 8.20
C ARG A 58 -7.10 -5.21 9.44
N VAL A 59 -6.36 -4.22 9.95
CA VAL A 59 -6.81 -3.42 11.07
C VAL A 59 -7.56 -2.23 10.48
N ASP A 60 -8.64 -1.79 11.12
CA ASP A 60 -9.41 -0.68 10.61
C ASP A 60 -8.63 0.61 10.88
N ILE A 61 -7.89 1.06 9.89
CA ILE A 61 -7.02 2.20 10.07
C ILE A 61 -7.80 3.51 10.13
N GLU A 62 -8.91 3.62 9.39
CA GLU A 62 -9.72 4.84 9.19
C GLU A 62 -8.96 6.09 8.69
N ALA A 63 -7.63 6.02 8.54
CA ALA A 63 -6.74 7.16 8.49
C ALA A 63 -6.96 8.14 9.66
N GLN A 64 -6.37 9.34 9.58
CA GLN A 64 -6.27 10.30 10.66
C GLN A 64 -5.60 9.75 11.95
N LEU A 65 -5.03 8.54 11.94
CA LEU A 65 -4.41 7.95 13.12
C LEU A 65 -3.22 8.77 13.63
N PRO A 66 -2.19 9.04 12.80
CA PRO A 66 -0.94 9.63 13.26
C PRO A 66 -0.94 11.16 13.22
N SER A 67 -1.80 11.77 12.40
CA SER A 67 -1.80 13.20 12.18
C SER A 67 -3.16 13.60 11.64
N GLU A 68 -3.64 14.77 12.05
CA GLU A 68 -4.98 15.23 11.79
C GLU A 68 -5.02 15.85 10.40
N SER A 69 -5.64 15.15 9.45
CA SER A 69 -5.96 15.63 8.12
C SER A 69 -7.18 14.87 7.64
N MET A 1 23.19 -9.58 -23.88
CA MET A 1 21.78 -9.13 -23.82
C MET A 1 21.09 -9.77 -22.62
N LYS A 2 21.12 -9.06 -21.49
CA LYS A 2 20.37 -9.38 -20.27
C LYS A 2 20.67 -8.28 -19.25
N GLN A 3 19.81 -8.13 -18.25
CA GLN A 3 20.03 -7.30 -17.09
C GLN A 3 19.16 -7.88 -15.97
N ASP A 4 19.48 -7.61 -14.71
CA ASP A 4 18.68 -8.04 -13.58
C ASP A 4 18.98 -7.09 -12.41
N GLY A 5 18.20 -7.09 -11.33
CA GLY A 5 18.44 -6.18 -10.23
C GLY A 5 17.32 -6.25 -9.19
N GLU A 6 17.23 -5.21 -8.35
CA GLU A 6 16.22 -5.06 -7.31
C GLU A 6 15.81 -3.59 -7.33
N GLU A 7 14.55 -3.30 -7.02
CA GLU A 7 14.06 -1.93 -6.94
C GLU A 7 14.60 -1.29 -5.66
N GLY A 8 14.14 -1.78 -4.50
CA GLY A 8 14.53 -1.22 -3.23
C GLY A 8 14.05 -2.12 -2.09
N THR A 9 14.38 -1.75 -0.86
CA THR A 9 14.01 -2.48 0.34
C THR A 9 13.69 -1.45 1.41
N GLU A 10 12.64 -1.69 2.20
CA GLU A 10 12.24 -0.82 3.28
C GLU A 10 11.66 -1.80 4.30
N GLU A 11 12.52 -2.73 4.70
CA GLU A 11 12.22 -3.81 5.61
C GLU A 11 11.19 -4.78 5.01
N ASP A 12 9.89 -4.51 5.14
CA ASP A 12 8.82 -5.42 4.74
C ASP A 12 7.62 -4.64 4.23
N THR A 13 7.83 -3.81 3.20
CA THR A 13 6.79 -2.92 2.71
C THR A 13 6.76 -2.85 1.18
N GLU A 14 7.89 -2.62 0.51
CA GLU A 14 7.94 -2.46 -0.95
C GLU A 14 7.35 -3.68 -1.67
N GLU A 15 6.14 -3.58 -2.27
CA GLU A 15 5.50 -4.70 -2.95
C GLU A 15 4.36 -4.22 -3.89
N LYS A 16 3.67 -5.19 -4.50
CA LYS A 16 2.48 -5.05 -5.35
C LYS A 16 1.32 -4.28 -4.71
N CYS A 17 0.52 -3.64 -5.57
CA CYS A 17 -0.72 -3.01 -5.13
C CYS A 17 -1.64 -4.11 -4.65
N THR A 18 -2.28 -3.94 -3.49
CA THR A 18 -3.16 -4.93 -2.89
C THR A 18 -4.51 -4.31 -2.51
N ILE A 19 -4.68 -2.98 -2.62
CA ILE A 19 -6.01 -2.39 -2.70
C ILE A 19 -6.69 -2.93 -3.96
N CYS A 20 -6.01 -2.70 -5.09
CA CYS A 20 -6.54 -2.91 -6.43
C CYS A 20 -6.13 -4.28 -6.97
N LEU A 21 -5.06 -4.85 -6.42
CA LEU A 21 -4.36 -6.03 -6.93
C LEU A 21 -3.76 -5.73 -8.30
N SER A 22 -2.53 -5.26 -8.27
CA SER A 22 -1.77 -4.81 -9.42
C SER A 22 -0.32 -4.65 -8.95
N ILE A 23 0.50 -3.87 -9.65
CA ILE A 23 1.92 -3.70 -9.35
C ILE A 23 2.16 -2.26 -8.91
N LEU A 24 3.25 -2.06 -8.17
CA LEU A 24 3.79 -0.75 -7.90
C LEU A 24 5.18 -0.72 -8.52
N GLU A 25 5.34 -0.01 -9.63
CA GLU A 25 6.64 0.34 -10.16
C GLU A 25 6.98 1.75 -9.66
N GLU A 26 8.27 2.07 -9.59
CA GLU A 26 8.70 3.40 -9.18
C GLU A 26 8.41 4.42 -10.28
N GLY A 27 8.51 5.70 -9.94
CA GLY A 27 8.29 6.78 -10.88
C GLY A 27 6.94 7.43 -10.62
N GLU A 28 5.90 6.62 -10.44
CA GLU A 28 4.57 7.11 -10.12
C GLU A 28 4.56 7.71 -8.71
N ASP A 29 3.60 8.61 -8.49
CA ASP A 29 3.30 9.14 -7.16
C ASP A 29 2.51 8.05 -6.43
N VAL A 30 3.25 7.18 -5.78
CA VAL A 30 2.73 6.15 -4.91
C VAL A 30 2.75 6.68 -3.47
N ARG A 31 1.99 6.06 -2.57
CA ARG A 31 1.95 6.48 -1.17
C ARG A 31 2.06 5.27 -0.26
N CYS A 32 2.59 5.47 0.94
CA CYS A 32 2.75 4.44 1.94
C CYS A 32 1.79 4.72 3.09
N LEU A 33 1.13 3.66 3.56
CA LEU A 33 0.36 3.64 4.78
C LEU A 33 1.30 3.21 5.90
N PRO A 34 1.02 3.59 7.15
CA PRO A 34 1.80 3.16 8.29
C PRO A 34 1.60 1.66 8.58
N CYS A 35 0.62 0.98 7.97
CA CYS A 35 0.27 -0.38 8.38
C CYS A 35 1.13 -1.44 7.67
N MET A 36 2.43 -1.13 7.46
CA MET A 36 3.42 -1.92 6.73
C MET A 36 2.96 -2.33 5.34
N HIS A 37 2.27 -1.41 4.66
CA HIS A 37 1.79 -1.60 3.30
C HIS A 37 1.80 -0.26 2.58
N LEU A 38 2.00 -0.27 1.27
CA LEU A 38 1.98 0.94 0.45
C LEU A 38 1.23 0.62 -0.83
N PHE A 39 0.51 1.59 -1.40
CA PHE A 39 -0.23 1.39 -2.64
C PHE A 39 -0.24 2.70 -3.42
N HIS A 40 -0.75 2.64 -4.65
CA HIS A 40 -0.92 3.83 -5.46
C HIS A 40 -1.59 4.95 -4.66
N GLN A 41 -1.06 6.17 -4.73
CA GLN A 41 -1.61 7.32 -4.02
C GLN A 41 -3.10 7.47 -4.28
N VAL A 42 -3.51 7.35 -5.55
CA VAL A 42 -4.92 7.39 -5.91
C VAL A 42 -5.74 6.28 -5.23
N CYS A 43 -5.20 5.06 -5.21
CA CYS A 43 -5.89 3.91 -4.64
C CYS A 43 -6.20 4.22 -3.17
N VAL A 44 -5.21 4.59 -2.36
CA VAL A 44 -5.47 4.94 -0.97
C VAL A 44 -6.49 6.07 -0.89
N ASP A 45 -6.38 7.07 -1.76
CA ASP A 45 -7.16 8.31 -1.71
C ASP A 45 -8.66 8.07 -1.94
N GLN A 46 -9.04 6.91 -2.48
CA GLN A 46 -10.45 6.55 -2.64
C GLN A 46 -10.83 5.41 -1.69
N TRP A 47 -9.88 4.54 -1.37
CA TRP A 47 -10.15 3.36 -0.59
C TRP A 47 -10.35 3.76 0.87
N LEU A 48 -9.69 4.84 1.32
CA LEU A 48 -9.85 5.40 2.66
C LEU A 48 -11.14 6.20 2.80
N ILE A 49 -11.92 6.34 1.73
CA ILE A 49 -13.15 7.12 1.71
C ILE A 49 -14.29 6.10 1.74
N THR A 50 -14.28 5.16 0.80
CA THR A 50 -15.31 4.12 0.77
C THR A 50 -15.02 2.99 1.77
N ASN A 51 -13.82 2.96 2.34
CA ASN A 51 -13.36 1.92 3.25
C ASN A 51 -12.44 2.56 4.28
N LYS A 52 -11.99 1.82 5.31
CA LYS A 52 -11.18 2.46 6.36
C LYS A 52 -10.37 1.48 7.21
N LYS A 53 -9.78 0.46 6.59
CA LYS A 53 -9.25 -0.68 7.33
C LYS A 53 -8.13 -1.34 6.54
N CYS A 54 -6.98 -1.68 7.17
CA CYS A 54 -5.81 -2.10 6.41
C CYS A 54 -6.17 -3.37 5.62
N PRO A 55 -5.82 -3.53 4.33
CA PRO A 55 -6.37 -4.61 3.54
C PRO A 55 -5.75 -5.95 3.94
N ILE A 56 -4.42 -6.03 3.96
CA ILE A 56 -3.72 -7.25 4.35
C ILE A 56 -3.98 -7.48 5.83
N CYS A 57 -3.64 -6.49 6.66
CA CYS A 57 -3.57 -6.66 8.11
C CYS A 57 -4.99 -6.87 8.69
N ARG A 58 -6.03 -6.39 7.99
CA ARG A 58 -7.42 -6.38 8.45
C ARG A 58 -7.57 -5.90 9.88
N VAL A 59 -6.78 -4.90 10.29
CA VAL A 59 -7.06 -4.14 11.48
C VAL A 59 -7.62 -2.81 10.99
N ASP A 60 -8.75 -2.36 11.52
CA ASP A 60 -9.37 -1.16 11.01
C ASP A 60 -8.56 0.04 11.44
N ILE A 61 -7.72 0.54 10.54
CA ILE A 61 -6.80 1.61 10.89
C ILE A 61 -7.54 2.95 11.08
N GLU A 62 -8.59 3.21 10.30
CA GLU A 62 -9.32 4.48 10.18
C GLU A 62 -8.47 5.74 9.91
N ALA A 63 -7.14 5.61 9.79
CA ALA A 63 -6.29 6.70 9.37
C ALA A 63 -6.64 7.09 7.94
N GLN A 64 -6.77 8.40 7.73
CA GLN A 64 -7.00 9.01 6.43
C GLN A 64 -6.33 10.37 6.48
N LEU A 65 -6.70 11.18 7.48
CA LEU A 65 -6.05 12.43 7.89
C LEU A 65 -6.29 13.56 6.87
N PRO A 66 -6.81 14.73 7.30
CA PRO A 66 -7.32 15.73 6.37
C PRO A 66 -6.25 16.30 5.44
N SER A 67 -5.10 16.71 5.98
CA SER A 67 -3.96 17.16 5.19
C SER A 67 -2.71 16.85 6.01
N GLU A 68 -1.56 16.66 5.36
CA GLU A 68 -0.39 16.07 6.01
C GLU A 68 0.83 16.82 5.49
N SER A 69 0.80 18.14 5.68
CA SER A 69 1.51 19.08 4.81
C SER A 69 1.13 18.78 3.36
N MET A 1 22.39 -36.76 -1.47
CA MET A 1 21.35 -37.14 -2.47
C MET A 1 20.83 -35.88 -3.14
N LYS A 2 19.63 -35.39 -2.82
CA LYS A 2 19.00 -34.31 -3.56
C LYS A 2 18.11 -33.54 -2.59
N GLN A 3 18.59 -32.43 -2.03
CA GLN A 3 17.82 -31.60 -1.13
C GLN A 3 18.50 -30.24 -1.06
N ASP A 4 17.74 -29.16 -1.10
CA ASP A 4 18.23 -27.78 -1.04
C ASP A 4 17.03 -26.87 -0.72
N GLY A 5 17.26 -25.64 -0.26
CA GLY A 5 16.20 -24.66 -0.08
C GLY A 5 16.30 -24.03 1.31
N GLU A 6 17.02 -22.91 1.44
CA GLU A 6 17.12 -22.20 2.70
C GLU A 6 17.20 -20.70 2.39
N GLU A 7 16.70 -19.86 3.29
CA GLU A 7 16.55 -18.43 3.07
C GLU A 7 16.62 -17.74 4.44
N GLY A 8 15.50 -17.64 5.15
CA GLY A 8 15.45 -17.00 6.45
C GLY A 8 15.34 -15.49 6.28
N THR A 9 14.19 -15.03 5.78
CA THR A 9 13.91 -13.61 5.57
C THR A 9 12.59 -13.29 6.25
N GLU A 10 12.42 -12.03 6.65
CA GLU A 10 11.27 -11.56 7.42
C GLU A 10 11.06 -10.06 7.19
N GLU A 11 12.11 -9.26 7.35
CA GLU A 11 12.03 -7.82 7.16
C GLU A 11 12.06 -7.50 5.66
N ASP A 12 10.89 -7.52 5.01
CA ASP A 12 10.76 -7.24 3.59
C ASP A 12 9.26 -7.05 3.35
N THR A 13 8.82 -5.80 3.33
CA THR A 13 7.43 -5.42 3.09
C THR A 13 7.37 -4.29 2.07
N GLU A 14 6.17 -3.76 1.83
CA GLU A 14 5.90 -2.66 0.90
C GLU A 14 6.27 -3.05 -0.54
N GLU A 15 5.46 -3.92 -1.15
CA GLU A 15 5.66 -4.40 -2.51
C GLU A 15 4.27 -4.67 -3.12
N LYS A 16 4.03 -4.26 -4.38
CA LYS A 16 2.79 -4.39 -5.15
C LYS A 16 1.55 -3.68 -4.55
N CYS A 17 0.66 -3.21 -5.45
CA CYS A 17 -0.61 -2.62 -5.02
C CYS A 17 -1.47 -3.77 -4.50
N THR A 18 -2.11 -3.61 -3.34
CA THR A 18 -2.96 -4.65 -2.76
C THR A 18 -4.36 -4.11 -2.47
N ILE A 19 -4.59 -2.81 -2.62
CA ILE A 19 -5.95 -2.28 -2.71
C ILE A 19 -6.58 -2.87 -3.97
N CYS A 20 -5.93 -2.61 -5.10
CA CYS A 20 -6.43 -2.95 -6.43
C CYS A 20 -5.93 -4.33 -6.86
N LEU A 21 -4.86 -4.81 -6.22
CA LEU A 21 -4.08 -5.98 -6.64
C LEU A 21 -3.50 -5.74 -8.03
N SER A 22 -2.35 -5.07 -8.05
CA SER A 22 -1.58 -4.76 -9.24
C SER A 22 -0.13 -4.56 -8.80
N ILE A 23 0.69 -3.92 -9.62
CA ILE A 23 2.07 -3.61 -9.34
C ILE A 23 2.17 -2.14 -8.93
N LEU A 24 3.30 -1.78 -8.33
CA LEU A 24 3.72 -0.43 -8.10
C LEU A 24 5.12 -0.29 -8.68
N GLU A 25 5.23 0.35 -9.82
CA GLU A 25 6.50 0.72 -10.38
C GLU A 25 6.90 2.09 -9.82
N GLU A 26 8.20 2.34 -9.75
CA GLU A 26 8.71 3.62 -9.30
C GLU A 26 8.47 4.67 -10.38
N GLY A 27 8.42 5.95 -9.99
CA GLY A 27 8.19 7.05 -10.93
C GLY A 27 6.81 7.65 -10.73
N GLU A 28 5.81 6.82 -10.39
CA GLU A 28 4.49 7.35 -10.08
C GLU A 28 4.51 8.08 -8.74
N ASP A 29 3.62 9.06 -8.57
CA ASP A 29 3.32 9.64 -7.27
C ASP A 29 2.44 8.64 -6.53
N VAL A 30 3.08 7.62 -5.96
CA VAL A 30 2.42 6.60 -5.17
C VAL A 30 2.32 7.11 -3.72
N ARG A 31 1.72 6.34 -2.81
CA ARG A 31 1.62 6.74 -1.40
C ARG A 31 1.98 5.56 -0.52
N CYS A 32 2.42 5.85 0.69
CA CYS A 32 2.77 4.84 1.68
C CYS A 32 1.92 5.12 2.90
N LEU A 33 1.18 4.10 3.34
CA LEU A 33 0.44 4.15 4.59
C LEU A 33 1.35 3.63 5.70
N PRO A 34 1.12 4.10 6.93
CA PRO A 34 1.91 3.66 8.07
C PRO A 34 1.66 2.19 8.41
N CYS A 35 0.69 1.51 7.77
CA CYS A 35 0.33 0.15 8.14
C CYS A 35 1.25 -0.90 7.46
N MET A 36 2.54 -0.56 7.29
CA MET A 36 3.59 -1.32 6.60
C MET A 36 3.24 -1.68 5.17
N HIS A 37 2.44 -0.85 4.49
CA HIS A 37 1.99 -1.14 3.13
C HIS A 37 1.84 0.16 2.34
N LEU A 38 2.12 0.11 1.03
CA LEU A 38 2.11 1.28 0.17
C LEU A 38 1.28 0.96 -1.05
N PHE A 39 0.50 1.91 -1.56
CA PHE A 39 -0.31 1.71 -2.73
C PHE A 39 -0.43 3.02 -3.48
N HIS A 40 -0.94 2.96 -4.71
CA HIS A 40 -1.19 4.14 -5.53
C HIS A 40 -1.90 5.23 -4.72
N GLN A 41 -1.45 6.49 -4.80
CA GLN A 41 -2.11 7.57 -4.07
C GLN A 41 -3.61 7.57 -4.36
N VAL A 42 -4.00 7.50 -5.63
CA VAL A 42 -5.41 7.49 -6.00
C VAL A 42 -6.18 6.33 -5.36
N CYS A 43 -5.55 5.15 -5.32
CA CYS A 43 -6.16 3.97 -4.71
C CYS A 43 -6.47 4.28 -3.25
N VAL A 44 -5.49 4.72 -2.44
CA VAL A 44 -5.77 5.05 -1.05
C VAL A 44 -6.84 6.13 -0.94
N ASP A 45 -6.78 7.13 -1.81
CA ASP A 45 -7.59 8.34 -1.79
C ASP A 45 -9.07 8.07 -2.06
N GLN A 46 -9.41 6.86 -2.51
CA GLN A 46 -10.80 6.43 -2.69
C GLN A 46 -11.12 5.25 -1.80
N TRP A 47 -10.14 4.41 -1.47
CA TRP A 47 -10.38 3.20 -0.72
C TRP A 47 -10.54 3.54 0.76
N LEU A 48 -9.97 4.66 1.21
CA LEU A 48 -10.16 5.19 2.54
C LEU A 48 -11.48 5.96 2.69
N ILE A 49 -12.26 6.03 1.61
CA ILE A 49 -13.54 6.71 1.58
C ILE A 49 -14.60 5.60 1.59
N THR A 50 -14.53 4.67 0.64
CA THR A 50 -15.45 3.54 0.58
C THR A 50 -15.05 2.42 1.55
N ASN A 51 -13.89 2.53 2.20
CA ASN A 51 -13.40 1.57 3.17
C ASN A 51 -12.55 2.29 4.20
N LYS A 52 -12.12 1.59 5.26
CA LYS A 52 -11.42 2.27 6.36
C LYS A 52 -10.62 1.25 7.19
N LYS A 53 -9.91 0.31 6.55
CA LYS A 53 -9.17 -0.73 7.26
C LYS A 53 -8.06 -1.29 6.40
N CYS A 54 -6.91 -1.69 6.98
CA CYS A 54 -5.74 -2.10 6.20
C CYS A 54 -6.15 -3.39 5.46
N PRO A 55 -5.81 -3.62 4.19
CA PRO A 55 -6.32 -4.79 3.50
C PRO A 55 -5.62 -6.05 4.04
N ILE A 56 -4.30 -5.97 4.15
CA ILE A 56 -3.44 -7.09 4.55
C ILE A 56 -3.51 -7.23 6.07
N CYS A 57 -3.19 -6.15 6.81
CA CYS A 57 -3.13 -6.21 8.26
C CYS A 57 -4.53 -6.40 8.85
N ARG A 58 -5.58 -5.97 8.14
CA ARG A 58 -6.97 -5.99 8.56
C ARG A 58 -7.26 -5.21 9.84
N VAL A 59 -6.29 -4.45 10.36
CA VAL A 59 -6.52 -3.63 11.53
C VAL A 59 -7.09 -2.33 10.99
N ASP A 60 -8.13 -1.80 11.63
CA ASP A 60 -8.86 -0.70 11.05
C ASP A 60 -8.06 0.58 11.19
N ILE A 61 -7.29 0.91 10.15
CA ILE A 61 -6.56 2.16 10.07
C ILE A 61 -7.48 3.29 9.63
N GLU A 62 -8.68 3.35 10.19
CA GLU A 62 -9.59 4.45 9.98
C GLU A 62 -9.17 5.68 10.76
N ALA A 63 -8.44 5.43 11.85
CA ALA A 63 -7.89 6.39 12.78
C ALA A 63 -6.65 7.04 12.17
N GLN A 64 -5.95 7.86 12.97
CA GLN A 64 -4.75 8.57 12.54
C GLN A 64 -5.04 9.52 11.37
N LEU A 65 -6.26 10.09 11.34
CA LEU A 65 -6.78 11.05 10.38
C LEU A 65 -7.26 10.35 9.11
N PRO A 66 -8.26 10.90 8.41
CA PRO A 66 -8.68 10.37 7.11
C PRO A 66 -7.62 10.68 6.05
N SER A 67 -7.86 10.25 4.81
CA SER A 67 -6.86 10.19 3.73
C SER A 67 -5.99 11.43 3.66
N GLU A 68 -6.63 12.58 3.49
CA GLU A 68 -6.05 13.92 3.58
C GLU A 68 -7.21 14.92 3.60
N SER A 69 -6.92 16.22 3.66
CA SER A 69 -7.91 17.29 3.66
C SER A 69 -7.33 18.46 2.88
N MET A 1 9.06 -7.56 -28.52
CA MET A 1 9.13 -7.31 -27.05
C MET A 1 9.89 -8.47 -26.42
N LYS A 2 10.12 -8.43 -25.10
CA LYS A 2 10.71 -9.52 -24.35
C LYS A 2 10.03 -9.51 -22.97
N GLN A 3 10.53 -10.31 -22.03
CA GLN A 3 10.04 -10.33 -20.66
C GLN A 3 11.25 -10.56 -19.75
N ASP A 4 11.10 -10.25 -18.47
CA ASP A 4 12.15 -10.35 -17.46
C ASP A 4 11.46 -10.49 -16.09
N GLY A 5 12.21 -10.76 -15.02
CA GLY A 5 11.63 -10.90 -13.70
C GLY A 5 12.72 -10.85 -12.63
N GLU A 6 12.35 -10.64 -11.37
CA GLU A 6 13.31 -10.50 -10.29
C GLU A 6 12.69 -11.03 -9.00
N GLU A 7 13.52 -11.22 -7.97
CA GLU A 7 13.11 -11.52 -6.60
C GLU A 7 13.90 -10.57 -5.71
N GLY A 8 15.16 -10.89 -5.43
CA GLY A 8 16.03 -10.04 -4.64
C GLY A 8 16.07 -10.53 -3.20
N THR A 9 15.87 -9.63 -2.25
CA THR A 9 15.70 -9.97 -0.85
C THR A 9 14.26 -10.40 -0.59
N GLU A 10 13.90 -10.71 0.66
CA GLU A 10 12.56 -11.12 1.03
C GLU A 10 11.64 -9.89 0.96
N GLU A 11 11.86 -8.94 1.89
CA GLU A 11 11.13 -7.69 2.06
C GLU A 11 9.71 -7.93 2.60
N ASP A 12 9.22 -7.02 3.44
CA ASP A 12 7.93 -7.17 4.12
C ASP A 12 7.29 -5.79 4.30
N THR A 13 7.48 -4.89 3.33
CA THR A 13 6.95 -3.53 3.42
C THR A 13 6.58 -3.01 2.03
N GLU A 14 7.54 -3.00 1.09
CA GLU A 14 7.35 -2.36 -0.21
C GLU A 14 7.28 -3.40 -1.32
N GLU A 15 6.12 -3.51 -1.98
CA GLU A 15 5.93 -4.43 -3.09
C GLU A 15 4.70 -4.02 -3.91
N LYS A 16 4.24 -4.89 -4.82
CA LYS A 16 3.05 -4.79 -5.68
C LYS A 16 1.78 -4.37 -4.93
N CYS A 17 0.85 -3.78 -5.69
CA CYS A 17 -0.36 -3.20 -5.14
C CYS A 17 -1.25 -4.35 -4.66
N THR A 18 -1.90 -4.19 -3.51
CA THR A 18 -2.75 -5.21 -2.91
C THR A 18 -4.16 -4.68 -2.65
N ILE A 19 -4.38 -3.35 -2.69
CA ILE A 19 -5.73 -2.82 -2.74
C ILE A 19 -6.42 -3.32 -4.01
N CYS A 20 -5.79 -3.00 -5.15
CA CYS A 20 -6.32 -3.27 -6.48
C CYS A 20 -5.84 -4.64 -6.98
N LEU A 21 -4.75 -5.16 -6.40
CA LEU A 21 -3.95 -6.24 -6.95
C LEU A 21 -3.41 -5.85 -8.32
N SER A 22 -2.26 -5.19 -8.30
CA SER A 22 -1.56 -4.73 -9.48
C SER A 22 -0.09 -4.60 -9.09
N ILE A 23 0.68 -3.80 -9.82
CA ILE A 23 2.09 -3.54 -9.59
C ILE A 23 2.20 -2.17 -8.93
N LEU A 24 3.34 -1.93 -8.30
CA LEU A 24 3.79 -0.63 -7.86
C LEU A 24 5.22 -0.45 -8.37
N GLU A 25 5.39 0.39 -9.37
CA GLU A 25 6.67 0.86 -9.82
C GLU A 25 7.04 2.12 -9.04
N GLU A 26 8.32 2.30 -8.73
CA GLU A 26 8.78 3.52 -8.08
C GLU A 26 8.80 4.66 -9.10
N GLY A 27 8.82 5.91 -8.60
CA GLY A 27 8.88 7.09 -9.44
C GLY A 27 7.56 7.85 -9.38
N GLU A 28 6.45 7.11 -9.47
CA GLU A 28 5.11 7.68 -9.38
C GLU A 28 4.85 8.22 -7.98
N ASP A 29 3.89 9.15 -7.87
CA ASP A 29 3.40 9.67 -6.59
C ASP A 29 2.46 8.64 -5.94
N VAL A 30 3.06 7.58 -5.40
CA VAL A 30 2.34 6.55 -4.69
C VAL A 30 2.32 6.89 -3.20
N ARG A 31 1.48 6.21 -2.42
CA ARG A 31 1.28 6.55 -1.00
C ARG A 31 1.60 5.36 -0.12
N CYS A 32 2.30 5.59 0.99
CA CYS A 32 2.67 4.56 1.94
C CYS A 32 1.77 4.68 3.16
N LEU A 33 0.99 3.65 3.46
CA LEU A 33 0.25 3.57 4.71
C LEU A 33 1.23 3.23 5.84
N PRO A 34 0.96 3.69 7.06
CA PRO A 34 1.85 3.48 8.20
C PRO A 34 1.92 2.01 8.60
N CYS A 35 0.83 1.25 8.39
CA CYS A 35 0.82 -0.18 8.60
C CYS A 35 1.42 -0.81 7.34
N MET A 36 2.77 -0.77 7.32
CA MET A 36 3.81 -1.46 6.55
C MET A 36 3.40 -1.89 5.16
N HIS A 37 2.66 -1.05 4.44
CA HIS A 37 2.21 -1.35 3.10
C HIS A 37 2.12 -0.05 2.34
N LEU A 38 2.26 -0.07 1.03
CA LEU A 38 2.06 1.11 0.20
C LEU A 38 1.24 0.70 -1.00
N PHE A 39 0.43 1.63 -1.52
CA PHE A 39 -0.40 1.42 -2.69
C PHE A 39 -0.56 2.75 -3.39
N HIS A 40 -1.07 2.71 -4.61
CA HIS A 40 -1.36 3.89 -5.40
C HIS A 40 -2.09 4.94 -4.56
N GLN A 41 -1.67 6.20 -4.61
CA GLN A 41 -2.30 7.25 -3.82
C GLN A 41 -3.81 7.27 -4.02
N VAL A 42 -4.24 7.13 -5.27
CA VAL A 42 -5.66 7.04 -5.60
C VAL A 42 -6.33 5.84 -4.94
N CYS A 43 -5.67 4.67 -4.98
CA CYS A 43 -6.19 3.44 -4.39
C CYS A 43 -6.46 3.72 -2.92
N VAL A 44 -5.44 4.11 -2.14
CA VAL A 44 -5.64 4.33 -0.71
C VAL A 44 -6.70 5.39 -0.46
N ASP A 45 -6.67 6.48 -1.21
CA ASP A 45 -7.57 7.61 -0.98
C ASP A 45 -9.02 7.13 -1.04
N GLN A 46 -9.35 6.30 -2.02
CA GLN A 46 -10.68 5.74 -2.11
C GLN A 46 -10.85 4.57 -1.16
N TRP A 47 -9.77 3.89 -0.75
CA TRP A 47 -9.88 2.76 0.13
C TRP A 47 -10.37 3.22 1.48
N LEU A 48 -10.10 4.48 1.85
CA LEU A 48 -10.50 5.02 3.13
C LEU A 48 -12.00 5.32 3.17
N ILE A 49 -12.67 5.20 2.03
CA ILE A 49 -14.07 5.58 1.83
C ILE A 49 -14.85 4.28 1.66
N THR A 50 -14.44 3.46 0.69
CA THR A 50 -15.10 2.21 0.35
C THR A 50 -14.82 1.12 1.38
N ASN A 51 -13.76 1.26 2.19
CA ASN A 51 -13.30 0.21 3.10
C ASN A 51 -12.94 0.74 4.50
N LYS A 52 -12.33 1.92 4.57
CA LYS A 52 -11.98 2.67 5.78
C LYS A 52 -10.93 1.96 6.65
N LYS A 53 -10.15 1.00 6.11
CA LYS A 53 -9.18 0.23 6.88
C LYS A 53 -8.10 -0.37 5.98
N CYS A 54 -6.96 -0.78 6.56
CA CYS A 54 -5.79 -1.23 5.82
C CYS A 54 -6.22 -2.51 5.10
N PRO A 55 -5.85 -2.74 3.84
CA PRO A 55 -6.26 -3.95 3.11
C PRO A 55 -5.76 -5.22 3.79
N ILE A 56 -4.46 -5.29 4.07
CA ILE A 56 -3.82 -6.52 4.53
C ILE A 56 -3.98 -6.59 6.05
N CYS A 57 -3.52 -5.56 6.76
CA CYS A 57 -3.52 -5.55 8.21
C CYS A 57 -4.96 -5.62 8.74
N ARG A 58 -5.93 -5.13 7.96
CA ARG A 58 -7.33 -5.02 8.36
C ARG A 58 -7.55 -4.15 9.59
N VAL A 59 -6.55 -3.39 10.04
CA VAL A 59 -6.74 -2.44 11.12
C VAL A 59 -7.22 -1.16 10.47
N ASP A 60 -8.29 -0.57 11.01
CA ASP A 60 -8.72 0.75 10.63
C ASP A 60 -7.58 1.74 10.84
N ILE A 61 -6.96 2.20 9.75
CA ILE A 61 -5.93 3.20 9.92
C ILE A 61 -6.53 4.56 10.32
N GLU A 62 -7.76 4.86 9.88
CA GLU A 62 -8.43 6.17 9.98
C GLU A 62 -7.63 7.37 9.47
N ALA A 63 -6.41 7.17 8.97
CA ALA A 63 -5.54 8.24 8.55
C ALA A 63 -5.95 8.73 7.16
N GLN A 64 -6.03 10.05 7.03
CA GLN A 64 -6.20 10.74 5.76
C GLN A 64 -5.53 12.10 5.88
N LEU A 65 -5.85 12.82 6.96
CA LEU A 65 -5.37 14.15 7.34
C LEU A 65 -3.98 14.48 6.77
N PRO A 66 -2.92 13.73 7.09
CA PRO A 66 -1.62 13.93 6.47
C PRO A 66 -1.63 13.34 5.06
N SER A 67 -2.32 13.97 4.11
CA SER A 67 -2.41 13.46 2.75
C SER A 67 -1.22 14.01 1.96
N GLU A 68 -1.18 15.34 1.82
CA GLU A 68 -0.10 16.09 1.19
C GLU A 68 -0.11 17.49 1.81
N SER A 69 1.01 18.21 1.72
CA SER A 69 1.14 19.59 2.19
C SER A 69 2.43 20.16 1.62
N MET A 1 28.28 -27.98 -12.63
CA MET A 1 29.10 -27.34 -11.59
C MET A 1 28.23 -27.00 -10.39
N LYS A 2 27.60 -25.83 -10.36
CA LYS A 2 26.68 -25.43 -9.29
C LYS A 2 25.61 -24.55 -9.93
N GLN A 3 24.58 -24.18 -9.18
CA GLN A 3 23.59 -23.21 -9.63
C GLN A 3 22.96 -22.59 -8.38
N ASP A 4 22.45 -21.36 -8.50
CA ASP A 4 21.94 -20.56 -7.39
C ASP A 4 20.78 -19.71 -7.92
N GLY A 5 20.14 -18.96 -7.03
CA GLY A 5 19.05 -18.05 -7.36
C GLY A 5 19.43 -16.64 -6.92
N GLU A 6 18.45 -15.82 -6.52
CA GLU A 6 18.72 -14.44 -6.14
C GLU A 6 17.75 -13.99 -5.05
N GLU A 7 16.44 -14.07 -5.32
CA GLU A 7 15.33 -13.82 -4.40
C GLU A 7 15.27 -12.37 -3.88
N GLY A 8 14.42 -11.55 -4.50
CA GLY A 8 14.15 -10.19 -4.05
C GLY A 8 12.88 -10.19 -3.20
N THR A 9 12.98 -10.60 -1.95
CA THR A 9 11.90 -10.64 -0.97
C THR A 9 12.48 -10.26 0.39
N GLU A 10 11.66 -10.05 1.42
CA GLU A 10 12.16 -9.81 2.75
C GLU A 10 11.09 -10.35 3.70
N GLU A 11 9.90 -9.76 3.65
CA GLU A 11 8.76 -10.29 4.37
C GLU A 11 7.46 -9.89 3.67
N ASP A 12 6.73 -8.87 4.14
CA ASP A 12 5.41 -8.54 3.61
C ASP A 12 5.06 -7.10 3.98
N THR A 13 5.75 -6.16 3.33
CA THR A 13 5.82 -4.78 3.77
C THR A 13 5.70 -3.86 2.55
N GLU A 14 6.72 -3.74 1.71
CA GLU A 14 6.67 -2.78 0.61
C GLU A 14 7.00 -3.45 -0.71
N GLU A 15 6.00 -4.13 -1.27
CA GLU A 15 6.04 -4.65 -2.63
C GLU A 15 4.60 -4.70 -3.16
N LYS A 16 4.36 -4.14 -4.36
CA LYS A 16 3.15 -4.30 -5.17
C LYS A 16 1.88 -3.67 -4.55
N CYS A 17 0.99 -3.20 -5.43
CA CYS A 17 -0.28 -2.63 -4.98
C CYS A 17 -1.09 -3.80 -4.44
N THR A 18 -1.69 -3.68 -3.26
CA THR A 18 -2.47 -4.75 -2.66
C THR A 18 -3.90 -4.30 -2.38
N ILE A 19 -4.21 -3.01 -2.51
CA ILE A 19 -5.60 -2.56 -2.63
C ILE A 19 -6.19 -3.19 -3.88
N CYS A 20 -5.54 -2.92 -5.02
CA CYS A 20 -6.02 -3.26 -6.34
C CYS A 20 -5.45 -4.60 -6.79
N LEU A 21 -4.37 -5.07 -6.15
CA LEU A 21 -3.54 -6.17 -6.61
C LEU A 21 -2.98 -5.87 -8.00
N SER A 22 -1.88 -5.12 -8.02
CA SER A 22 -1.17 -4.70 -9.20
C SER A 22 0.28 -4.43 -8.79
N ILE A 23 1.01 -3.65 -9.58
CA ILE A 23 2.40 -3.30 -9.34
C ILE A 23 2.49 -1.84 -8.92
N LEU A 24 3.63 -1.48 -8.31
CA LEU A 24 4.01 -0.13 -7.99
C LEU A 24 5.41 0.08 -8.53
N GLU A 25 5.53 0.72 -9.68
CA GLU A 25 6.81 1.16 -10.19
C GLU A 25 7.13 2.53 -9.58
N GLU A 26 8.41 2.92 -9.54
CA GLU A 26 8.75 4.28 -9.14
C GLU A 26 8.46 5.23 -10.30
N GLY A 27 8.33 6.52 -9.99
CA GLY A 27 8.05 7.55 -10.99
C GLY A 27 6.65 8.11 -10.80
N GLU A 28 5.70 7.28 -10.41
CA GLU A 28 4.34 7.72 -10.13
C GLU A 28 4.27 8.39 -8.76
N ASP A 29 3.29 9.28 -8.57
CA ASP A 29 2.94 9.81 -7.26
C ASP A 29 2.16 8.73 -6.53
N VAL A 30 2.90 7.80 -5.94
CA VAL A 30 2.35 6.73 -5.13
C VAL A 30 2.18 7.24 -3.69
N ARG A 31 1.70 6.42 -2.75
CA ARG A 31 1.59 6.81 -1.34
C ARG A 31 2.04 5.65 -0.46
N CYS A 32 2.39 5.95 0.78
CA CYS A 32 2.78 4.98 1.78
C CYS A 32 1.83 5.17 2.97
N LEU A 33 1.15 4.11 3.38
CA LEU A 33 0.32 4.13 4.58
C LEU A 33 1.20 3.82 5.78
N PRO A 34 0.86 4.37 6.96
CA PRO A 34 1.62 4.16 8.17
C PRO A 34 1.56 2.70 8.64
N CYS A 35 0.51 1.94 8.28
CA CYS A 35 0.50 0.51 8.55
C CYS A 35 1.25 -0.19 7.41
N MET A 36 2.59 -0.03 7.46
CA MET A 36 3.70 -0.74 6.83
C MET A 36 3.40 -1.32 5.45
N HIS A 37 2.67 -0.60 4.62
CA HIS A 37 2.29 -1.04 3.29
C HIS A 37 2.14 0.22 2.43
N LEU A 38 2.51 0.15 1.15
CA LEU A 38 2.48 1.32 0.27
C LEU A 38 1.66 0.96 -0.97
N PHE A 39 0.82 1.86 -1.46
CA PHE A 39 0.00 1.62 -2.64
C PHE A 39 -0.20 2.93 -3.40
N HIS A 40 -0.74 2.83 -4.61
CA HIS A 40 -1.05 4.00 -5.44
C HIS A 40 -1.82 5.05 -4.64
N GLN A 41 -1.41 6.32 -4.72
CA GLN A 41 -2.09 7.42 -4.04
C GLN A 41 -3.58 7.40 -4.34
N VAL A 42 -3.96 7.28 -5.61
CA VAL A 42 -5.38 7.26 -5.99
C VAL A 42 -6.12 6.09 -5.36
N CYS A 43 -5.50 4.90 -5.35
CA CYS A 43 -6.10 3.70 -4.79
C CYS A 43 -6.45 3.98 -3.33
N VAL A 44 -5.47 4.39 -2.51
CA VAL A 44 -5.75 4.69 -1.11
C VAL A 44 -6.81 5.78 -1.01
N ASP A 45 -6.75 6.78 -1.86
CA ASP A 45 -7.57 7.99 -1.78
C ASP A 45 -9.04 7.73 -2.15
N GLN A 46 -9.35 6.52 -2.61
CA GLN A 46 -10.73 6.06 -2.76
C GLN A 46 -11.05 4.88 -1.84
N TRP A 47 -10.06 4.04 -1.51
CA TRP A 47 -10.32 2.86 -0.71
C TRP A 47 -10.47 3.26 0.75
N LEU A 48 -9.93 4.41 1.17
CA LEU A 48 -10.14 4.99 2.49
C LEU A 48 -11.49 5.69 2.60
N ILE A 49 -12.26 5.73 1.51
CA ILE A 49 -13.56 6.37 1.43
C ILE A 49 -14.60 5.25 1.51
N THR A 50 -14.47 4.25 0.63
CA THR A 50 -15.38 3.11 0.62
C THR A 50 -15.07 2.15 1.77
N ASN A 51 -13.83 2.17 2.25
CA ASN A 51 -13.30 1.26 3.26
C ASN A 51 -12.49 2.08 4.26
N LYS A 52 -12.04 1.51 5.38
CA LYS A 52 -11.37 2.29 6.41
C LYS A 52 -10.42 1.43 7.26
N LYS A 53 -9.78 0.42 6.68
CA LYS A 53 -9.05 -0.59 7.43
C LYS A 53 -7.98 -1.21 6.56
N CYS A 54 -6.80 -1.49 7.12
CA CYS A 54 -5.61 -1.89 6.36
C CYS A 54 -5.91 -3.24 5.71
N PRO A 55 -5.49 -3.50 4.45
CA PRO A 55 -5.93 -4.70 3.76
C PRO A 55 -5.17 -5.93 4.26
N ILE A 56 -3.84 -5.85 4.36
CA ILE A 56 -3.02 -6.98 4.77
C ILE A 56 -3.03 -7.07 6.28
N CYS A 57 -2.49 -6.04 6.93
CA CYS A 57 -2.27 -5.97 8.38
C CYS A 57 -3.60 -5.98 9.12
N ARG A 58 -4.71 -5.59 8.48
CA ARG A 58 -6.06 -5.72 9.04
C ARG A 58 -6.20 -4.99 10.38
N VAL A 59 -5.40 -3.96 10.63
CA VAL A 59 -5.65 -3.04 11.72
C VAL A 59 -6.48 -1.92 11.12
N ASP A 60 -7.58 -1.53 11.76
CA ASP A 60 -8.47 -0.54 11.17
C ASP A 60 -7.79 0.83 11.28
N ILE A 61 -7.13 1.24 10.20
CA ILE A 61 -6.35 2.46 10.18
C ILE A 61 -7.21 3.73 10.14
N GLU A 62 -8.46 3.62 9.66
CA GLU A 62 -9.44 4.69 9.50
C GLU A 62 -9.00 5.92 8.68
N ALA A 63 -7.79 5.89 8.15
CA ALA A 63 -6.99 6.98 7.61
C ALA A 63 -6.57 7.98 8.66
N GLN A 64 -5.62 8.84 8.31
CA GLN A 64 -5.25 9.99 9.13
C GLN A 64 -6.23 11.14 8.88
N LEU A 65 -7.52 10.80 8.75
CA LEU A 65 -8.66 11.69 8.57
C LEU A 65 -8.37 12.85 7.62
N PRO A 66 -8.16 12.55 6.33
CA PRO A 66 -7.89 13.55 5.31
C PRO A 66 -9.18 14.28 4.92
N SER A 67 -9.04 15.39 4.19
CA SER A 67 -10.19 16.17 3.75
C SER A 67 -9.84 16.87 2.45
N GLU A 68 -10.11 16.24 1.31
CA GLU A 68 -9.87 16.83 0.00
C GLU A 68 -10.90 16.23 -0.98
N SER A 69 -11.04 16.85 -2.16
CA SER A 69 -11.80 16.38 -3.31
C SER A 69 -11.16 16.97 -4.56
N MET A 1 6.11 -29.01 -7.28
CA MET A 1 5.07 -28.35 -8.08
C MET A 1 5.57 -27.01 -8.59
N LYS A 2 5.81 -26.04 -7.69
CA LYS A 2 6.52 -24.82 -8.01
C LYS A 2 7.80 -24.81 -7.16
N GLN A 3 8.52 -23.69 -7.17
CA GLN A 3 9.81 -23.53 -6.52
C GLN A 3 9.83 -22.14 -5.88
N ASP A 4 10.80 -21.90 -5.01
CA ASP A 4 10.91 -20.69 -4.20
C ASP A 4 12.38 -20.50 -3.81
N GLY A 5 12.68 -19.42 -3.11
CA GLY A 5 14.04 -19.06 -2.73
C GLY A 5 13.98 -17.86 -1.79
N GLU A 6 15.12 -17.45 -1.21
CA GLU A 6 15.15 -16.32 -0.30
C GLU A 6 16.56 -15.73 -0.29
N GLU A 7 16.68 -14.42 -0.07
CA GLU A 7 17.93 -13.72 0.04
C GLU A 7 17.66 -12.48 0.89
N GLY A 8 18.35 -12.38 2.03
CA GLY A 8 18.22 -11.23 2.92
C GLY A 8 18.68 -9.96 2.21
N THR A 9 17.98 -8.84 2.42
CA THR A 9 18.29 -7.59 1.76
C THR A 9 17.74 -6.43 2.63
N GLU A 10 17.76 -5.21 2.12
CA GLU A 10 17.34 -4.02 2.85
C GLU A 10 15.83 -3.79 2.72
N GLU A 11 15.25 -4.15 1.57
CA GLU A 11 13.83 -3.97 1.35
C GLU A 11 13.08 -4.91 2.28
N ASP A 12 12.18 -4.37 3.10
CA ASP A 12 11.47 -5.15 4.10
C ASP A 12 10.19 -4.41 4.49
N THR A 13 9.24 -4.33 3.57
CA THR A 13 7.96 -3.67 3.78
C THR A 13 6.91 -4.43 2.95
N GLU A 14 6.75 -4.12 1.66
CA GLU A 14 5.70 -4.73 0.84
C GLU A 14 5.99 -4.45 -0.63
N GLU A 15 5.52 -5.31 -1.54
CA GLU A 15 5.66 -5.13 -2.98
C GLU A 15 4.28 -5.24 -3.63
N LYS A 16 4.06 -4.54 -4.75
CA LYS A 16 2.88 -4.64 -5.60
C LYS A 16 1.59 -4.10 -4.93
N CYS A 17 0.71 -3.53 -5.73
CA CYS A 17 -0.52 -2.94 -5.20
C CYS A 17 -1.39 -4.10 -4.73
N THR A 18 -1.96 -4.01 -3.54
CA THR A 18 -2.79 -5.08 -2.99
C THR A 18 -4.19 -4.56 -2.62
N ILE A 19 -4.41 -3.24 -2.66
CA ILE A 19 -5.76 -2.70 -2.71
C ILE A 19 -6.43 -3.20 -3.99
N CYS A 20 -5.80 -2.87 -5.12
CA CYS A 20 -6.35 -3.10 -6.45
C CYS A 20 -5.87 -4.44 -7.00
N LEU A 21 -4.80 -5.00 -6.44
CA LEU A 21 -4.04 -6.10 -7.01
C LEU A 21 -3.50 -5.74 -8.40
N SER A 22 -2.34 -5.08 -8.40
CA SER A 22 -1.56 -4.75 -9.56
C SER A 22 -0.11 -4.67 -9.13
N ILE A 23 0.77 -4.12 -9.97
CA ILE A 23 2.14 -3.81 -9.63
C ILE A 23 2.18 -2.42 -9.00
N LEU A 24 3.36 -2.06 -8.49
CA LEU A 24 3.76 -0.70 -8.17
C LEU A 24 5.14 -0.52 -8.78
N GLU A 25 5.23 0.28 -9.82
CA GLU A 25 6.47 0.71 -10.43
C GLU A 25 6.90 2.01 -9.77
N GLU A 26 8.21 2.25 -9.73
CA GLU A 26 8.75 3.49 -9.23
C GLU A 26 8.41 4.64 -10.18
N GLY A 27 8.40 5.88 -9.66
CA GLY A 27 8.07 7.05 -10.46
C GLY A 27 6.66 7.52 -10.17
N GLU A 28 5.72 6.58 -10.05
CA GLU A 28 4.30 6.90 -9.84
C GLU A 28 4.05 7.54 -8.48
N ASP A 29 2.93 8.24 -8.36
CA ASP A 29 2.41 8.80 -7.11
C ASP A 29 1.89 7.67 -6.25
N VAL A 30 2.80 7.02 -5.53
CA VAL A 30 2.49 5.96 -4.60
C VAL A 30 2.60 6.52 -3.18
N ARG A 31 2.02 5.80 -2.21
CA ARG A 31 1.89 6.31 -0.84
C ARG A 31 1.93 5.16 0.17
N CYS A 32 2.58 5.39 1.31
CA CYS A 32 2.92 4.35 2.27
C CYS A 32 2.31 4.67 3.63
N LEU A 33 1.50 3.75 4.17
CA LEU A 33 0.77 3.95 5.41
C LEU A 33 1.44 3.16 6.52
N PRO A 34 1.32 3.61 7.77
CA PRO A 34 2.00 2.99 8.89
C PRO A 34 1.48 1.59 9.22
N CYS A 35 0.41 1.08 8.59
CA CYS A 35 0.08 -0.33 8.72
C CYS A 35 0.77 -1.03 7.55
N MET A 36 2.11 -1.05 7.66
CA MET A 36 3.13 -1.90 7.06
C MET A 36 3.03 -2.11 5.55
N HIS A 37 2.30 -1.26 4.85
CA HIS A 37 1.96 -1.52 3.47
C HIS A 37 1.93 -0.19 2.73
N LEU A 38 2.13 -0.25 1.42
CA LEU A 38 2.08 0.93 0.58
C LEU A 38 1.38 0.55 -0.71
N PHE A 39 0.61 1.47 -1.27
CA PHE A 39 -0.13 1.26 -2.50
C PHE A 39 -0.19 2.57 -3.23
N HIS A 40 -0.77 2.58 -4.43
CA HIS A 40 -1.00 3.81 -5.15
C HIS A 40 -1.65 4.85 -4.24
N GLN A 41 -1.17 6.11 -4.30
CA GLN A 41 -1.76 7.20 -3.55
C GLN A 41 -3.27 7.21 -3.74
N VAL A 42 -3.73 7.15 -4.98
CA VAL A 42 -5.16 7.16 -5.25
C VAL A 42 -5.88 6.00 -4.59
N CYS A 43 -5.27 4.82 -4.62
CA CYS A 43 -5.86 3.61 -4.05
C CYS A 43 -6.10 3.83 -2.56
N VAL A 44 -5.10 4.28 -1.78
CA VAL A 44 -5.33 4.54 -0.36
C VAL A 44 -6.40 5.61 -0.19
N ASP A 45 -6.29 6.68 -0.97
CA ASP A 45 -7.16 7.85 -0.93
C ASP A 45 -8.58 7.54 -1.43
N GLN A 46 -8.81 6.32 -1.89
CA GLN A 46 -10.13 5.79 -2.17
C GLN A 46 -10.52 4.76 -1.12
N TRP A 47 -9.58 3.99 -0.56
CA TRP A 47 -9.88 2.95 0.39
C TRP A 47 -10.19 3.53 1.78
N LEU A 48 -10.05 4.85 1.93
CA LEU A 48 -10.44 5.59 3.11
C LEU A 48 -11.78 6.30 2.92
N ILE A 49 -12.34 6.24 1.70
CA ILE A 49 -13.57 6.91 1.31
C ILE A 49 -14.65 5.84 1.22
N THR A 50 -14.42 4.82 0.38
CA THR A 50 -15.39 3.74 0.20
C THR A 50 -15.16 2.60 1.20
N ASN A 51 -14.04 2.64 1.92
CA ASN A 51 -13.67 1.72 2.99
C ASN A 51 -13.07 2.59 4.08
N LYS A 52 -12.70 2.03 5.23
CA LYS A 52 -11.98 2.79 6.26
C LYS A 52 -10.94 1.92 6.98
N LYS A 53 -10.33 0.97 6.27
CA LYS A 53 -9.59 -0.12 6.88
C LYS A 53 -8.44 -0.54 5.99
N CYS A 54 -7.35 -1.06 6.58
CA CYS A 54 -6.20 -1.50 5.81
C CYS A 54 -6.67 -2.70 4.97
N PRO A 55 -6.21 -2.87 3.72
CA PRO A 55 -6.58 -4.03 2.92
C PRO A 55 -6.07 -5.33 3.55
N ILE A 56 -4.75 -5.48 3.69
CA ILE A 56 -4.14 -6.75 4.09
C ILE A 56 -4.33 -6.93 5.59
N CYS A 57 -3.91 -5.92 6.38
CA CYS A 57 -3.98 -6.03 7.84
C CYS A 57 -5.44 -6.21 8.28
N ARG A 58 -6.39 -5.63 7.53
CA ARG A 58 -7.79 -5.49 7.92
C ARG A 58 -7.99 -4.86 9.30
N VAL A 59 -7.00 -4.17 9.85
CA VAL A 59 -7.21 -3.33 11.02
C VAL A 59 -7.84 -2.03 10.52
N ASP A 60 -8.83 -1.50 11.21
CA ASP A 60 -9.48 -0.30 10.74
C ASP A 60 -8.58 0.90 10.98
N ILE A 61 -7.83 1.31 9.96
CA ILE A 61 -6.89 2.40 10.10
C ILE A 61 -7.58 3.76 10.20
N GLU A 62 -8.74 3.93 9.55
CA GLU A 62 -9.52 5.17 9.39
C GLU A 62 -8.76 6.44 8.93
N ALA A 63 -7.45 6.36 8.70
CA ALA A 63 -6.53 7.46 8.53
C ALA A 63 -6.43 8.38 9.76
N GLN A 64 -5.34 9.14 9.81
CA GLN A 64 -4.99 10.05 10.93
C GLN A 64 -3.64 10.69 10.70
N LEU A 65 -2.71 10.00 10.03
CA LEU A 65 -1.44 10.58 9.59
C LEU A 65 -1.66 11.84 8.73
N PRO A 66 -2.34 11.74 7.57
CA PRO A 66 -2.59 12.91 6.75
C PRO A 66 -3.75 13.72 7.34
N SER A 67 -4.11 14.81 6.68
CA SER A 67 -5.27 15.61 7.04
C SER A 67 -6.21 15.68 5.85
N GLU A 68 -5.79 16.36 4.78
CA GLU A 68 -6.51 16.39 3.51
C GLU A 68 -5.44 16.41 2.41
N SER A 69 -5.70 15.74 1.30
CA SER A 69 -4.86 15.75 0.11
C SER A 69 -5.68 15.26 -1.08
N MET A 1 0.24 5.18 -17.08
CA MET A 1 0.55 6.17 -16.03
C MET A 1 2.07 6.36 -16.00
N LYS A 2 2.56 7.43 -15.37
CA LYS A 2 3.95 7.69 -15.04
C LYS A 2 3.98 9.03 -14.33
N GLN A 3 5.04 9.32 -13.56
CA GLN A 3 5.21 10.61 -12.92
C GLN A 3 6.65 11.08 -13.18
N ASP A 4 7.61 10.36 -12.60
CA ASP A 4 9.04 10.59 -12.55
C ASP A 4 9.35 11.45 -11.31
N GLY A 5 10.15 10.93 -10.39
CA GLY A 5 10.36 11.54 -9.09
C GLY A 5 11.01 10.56 -8.14
N GLU A 6 11.10 10.92 -6.85
CA GLU A 6 11.70 10.11 -5.81
C GLU A 6 10.90 10.38 -4.53
N GLU A 7 10.92 9.46 -3.56
CA GLU A 7 10.15 9.57 -2.33
C GLU A 7 11.16 9.55 -1.17
N GLY A 8 11.74 8.38 -0.88
CA GLY A 8 12.82 8.25 0.08
C GLY A 8 12.47 7.13 1.05
N THR A 9 12.25 7.48 2.32
CA THR A 9 11.87 6.57 3.39
C THR A 9 12.77 5.31 3.41
N GLU A 10 12.23 4.16 3.82
CA GLU A 10 12.95 2.89 3.90
C GLU A 10 12.32 1.92 2.90
N GLU A 11 11.00 1.71 2.99
CA GLU A 11 10.17 0.94 2.07
C GLU A 11 10.79 -0.40 1.69
N ASP A 12 10.80 -1.37 2.61
CA ASP A 12 11.46 -2.65 2.34
C ASP A 12 10.74 -3.74 3.11
N THR A 13 9.49 -4.03 2.71
CA THR A 13 8.61 -4.91 3.47
C THR A 13 7.61 -5.63 2.55
N GLU A 14 6.88 -4.90 1.72
CA GLU A 14 5.88 -5.47 0.81
C GLU A 14 6.11 -4.84 -0.56
N GLU A 15 5.61 -5.47 -1.62
CA GLU A 15 5.69 -4.98 -2.99
C GLU A 15 4.27 -4.96 -3.56
N LYS A 16 4.12 -4.58 -4.84
CA LYS A 16 2.90 -4.56 -5.65
C LYS A 16 1.68 -3.91 -4.98
N CYS A 17 0.58 -3.80 -5.72
CA CYS A 17 -0.65 -3.23 -5.16
C CYS A 17 -1.51 -4.39 -4.71
N THR A 18 -2.20 -4.22 -3.58
CA THR A 18 -3.11 -5.20 -3.01
C THR A 18 -4.46 -4.59 -2.64
N ILE A 19 -4.57 -3.25 -2.52
CA ILE A 19 -5.88 -2.58 -2.51
C ILE A 19 -6.64 -2.99 -3.78
N CYS A 20 -6.03 -2.70 -4.92
CA CYS A 20 -6.61 -2.91 -6.23
C CYS A 20 -6.24 -4.28 -6.78
N LEU A 21 -5.15 -4.87 -6.28
CA LEU A 21 -4.45 -6.01 -6.86
C LEU A 21 -3.93 -5.67 -8.25
N SER A 22 -2.69 -5.21 -8.25
CA SER A 22 -1.95 -4.78 -9.42
C SER A 22 -0.47 -4.75 -9.05
N ILE A 23 0.32 -3.88 -9.68
CA ILE A 23 1.75 -3.73 -9.47
C ILE A 23 2.01 -2.29 -9.06
N LEU A 24 3.19 -2.07 -8.45
CA LEU A 24 3.74 -0.77 -8.16
C LEU A 24 5.13 -0.74 -8.79
N GLU A 25 5.29 -0.04 -9.90
CA GLU A 25 6.60 0.37 -10.36
C GLU A 25 7.08 1.53 -9.48
N GLU A 26 8.39 1.67 -9.34
CA GLU A 26 8.97 2.88 -8.77
C GLU A 26 8.86 3.99 -9.82
N GLY A 27 8.83 5.25 -9.38
CA GLY A 27 8.82 6.38 -10.29
C GLY A 27 7.50 7.13 -10.26
N GLU A 28 6.39 6.46 -9.97
CA GLU A 28 5.14 7.16 -9.76
C GLU A 28 5.06 7.71 -8.34
N ASP A 29 4.21 8.73 -8.13
CA ASP A 29 3.88 9.25 -6.81
C ASP A 29 2.90 8.26 -6.18
N VAL A 30 3.43 7.16 -5.71
CA VAL A 30 2.69 6.14 -4.99
C VAL A 30 2.58 6.61 -3.53
N ARG A 31 2.08 5.78 -2.61
CA ARG A 31 2.10 6.15 -1.19
C ARG A 31 2.41 4.93 -0.34
N CYS A 32 3.00 5.16 0.84
CA CYS A 32 3.19 4.13 1.83
C CYS A 32 2.22 4.42 2.98
N LEU A 33 1.60 3.37 3.51
CA LEU A 33 0.82 3.41 4.74
C LEU A 33 1.70 2.83 5.85
N PRO A 34 1.49 3.27 7.09
CA PRO A 34 2.26 2.78 8.22
C PRO A 34 1.90 1.34 8.59
N CYS A 35 0.85 0.74 8.00
CA CYS A 35 0.36 -0.58 8.41
C CYS A 35 1.12 -1.69 7.66
N MET A 36 2.44 -1.52 7.51
CA MET A 36 3.43 -2.33 6.78
C MET A 36 3.09 -2.58 5.31
N HIS A 37 2.41 -1.63 4.65
CA HIS A 37 1.92 -1.85 3.31
C HIS A 37 1.96 -0.55 2.52
N LEU A 38 2.11 -0.64 1.19
CA LEU A 38 2.19 0.54 0.33
C LEU A 38 1.33 0.30 -0.89
N PHE A 39 0.66 1.34 -1.41
CA PHE A 39 -0.19 1.24 -2.56
C PHE A 39 -0.21 2.57 -3.29
N HIS A 40 -0.76 2.56 -4.50
CA HIS A 40 -1.01 3.78 -5.27
C HIS A 40 -1.63 4.84 -4.36
N GLN A 41 -1.13 6.08 -4.43
CA GLN A 41 -1.70 7.20 -3.69
C GLN A 41 -3.23 7.19 -3.79
N VAL A 42 -3.76 7.15 -5.01
CA VAL A 42 -5.21 7.15 -5.22
C VAL A 42 -5.90 5.99 -4.52
N CYS A 43 -5.29 4.81 -4.59
CA CYS A 43 -5.86 3.60 -4.01
C CYS A 43 -6.04 3.84 -2.50
N VAL A 44 -5.03 4.31 -1.77
CA VAL A 44 -5.20 4.56 -0.34
C VAL A 44 -6.26 5.64 -0.12
N ASP A 45 -6.16 6.72 -0.89
CA ASP A 45 -7.01 7.90 -0.82
C ASP A 45 -8.44 7.62 -1.27
N GLN A 46 -8.72 6.40 -1.72
CA GLN A 46 -10.04 5.90 -2.01
C GLN A 46 -10.42 4.83 -0.99
N TRP A 47 -9.48 4.04 -0.47
CA TRP A 47 -9.80 2.99 0.48
C TRP A 47 -10.07 3.54 1.87
N LEU A 48 -9.90 4.86 2.04
CA LEU A 48 -10.28 5.58 3.26
C LEU A 48 -11.61 6.32 3.09
N ILE A 49 -12.18 6.28 1.87
CA ILE A 49 -13.38 7.04 1.50
C ILE A 49 -14.52 6.03 1.37
N THR A 50 -14.34 5.01 0.53
CA THR A 50 -15.35 3.96 0.36
C THR A 50 -15.13 2.84 1.38
N ASN A 51 -13.95 2.80 1.99
CA ASN A 51 -13.60 1.79 2.99
C ASN A 51 -12.91 2.52 4.14
N LYS A 52 -12.50 1.79 5.19
CA LYS A 52 -11.83 2.44 6.31
C LYS A 52 -10.94 1.48 7.10
N LYS A 53 -10.26 0.58 6.39
CA LYS A 53 -9.47 -0.49 6.98
C LYS A 53 -8.29 -0.91 6.12
N CYS A 54 -7.22 -1.39 6.75
CA CYS A 54 -6.00 -1.75 6.02
C CYS A 54 -6.42 -2.92 5.12
N PRO A 55 -6.02 -2.98 3.85
CA PRO A 55 -6.47 -4.03 2.95
C PRO A 55 -6.06 -5.41 3.45
N ILE A 56 -4.77 -5.59 3.76
CA ILE A 56 -4.23 -6.89 4.14
C ILE A 56 -4.48 -7.09 5.64
N CYS A 57 -3.99 -6.16 6.47
CA CYS A 57 -4.06 -6.31 7.91
C CYS A 57 -5.52 -6.33 8.38
N ARG A 58 -6.43 -5.71 7.62
CA ARG A 58 -7.88 -5.68 7.89
C ARG A 58 -8.26 -4.98 9.19
N VAL A 59 -7.30 -4.49 9.97
CA VAL A 59 -7.56 -3.66 11.14
C VAL A 59 -8.01 -2.32 10.63
N ASP A 60 -9.04 -1.74 11.23
CA ASP A 60 -9.62 -0.52 10.70
C ASP A 60 -8.73 0.66 11.07
N ILE A 61 -7.91 1.13 10.12
CA ILE A 61 -6.97 2.21 10.42
C ILE A 61 -7.62 3.56 10.58
N GLU A 62 -8.85 3.72 10.09
CA GLU A 62 -9.63 4.92 10.32
C GLU A 62 -10.50 4.74 11.58
N ALA A 63 -10.21 3.71 12.38
CA ALA A 63 -10.75 3.69 13.75
C ALA A 63 -9.97 4.66 14.63
N GLN A 64 -10.40 4.84 15.88
CA GLN A 64 -9.93 5.91 16.76
C GLN A 64 -9.88 7.26 16.02
N LEU A 65 -11.06 7.75 15.65
CA LEU A 65 -11.23 9.11 15.13
C LEU A 65 -10.55 10.08 16.10
N PRO A 66 -9.48 10.77 15.69
CA PRO A 66 -8.72 11.62 16.58
C PRO A 66 -9.51 12.88 16.92
N SER A 67 -10.10 13.51 15.90
CA SER A 67 -11.06 14.58 16.10
C SER A 67 -11.83 14.75 14.78
N GLU A 68 -12.85 15.61 14.81
CA GLU A 68 -13.56 16.06 13.62
C GLU A 68 -14.15 17.43 13.99
N SER A 69 -15.10 17.41 14.94
CA SER A 69 -15.75 18.58 15.51
C SER A 69 -16.76 19.17 14.53
N MET A 1 19.34 -21.73 -17.85
CA MET A 1 19.16 -23.12 -18.31
C MET A 1 20.21 -24.01 -17.65
N LYS A 2 20.00 -24.39 -16.39
CA LYS A 2 20.91 -25.24 -15.62
C LYS A 2 20.16 -25.64 -14.35
N GLN A 3 20.24 -24.82 -13.30
CA GLN A 3 19.47 -24.95 -12.08
C GLN A 3 19.43 -23.57 -11.45
N ASP A 4 18.35 -23.23 -10.76
CA ASP A 4 18.20 -21.99 -10.00
C ASP A 4 16.99 -22.18 -9.11
N GLY A 5 17.03 -21.68 -7.87
CA GLY A 5 15.87 -21.66 -7.00
C GLY A 5 16.22 -21.46 -5.53
N GLU A 6 17.19 -20.60 -5.21
CA GLU A 6 17.54 -20.30 -3.83
C GLU A 6 17.92 -18.83 -3.70
N GLU A 7 17.29 -18.13 -2.75
CA GLU A 7 17.68 -16.80 -2.32
C GLU A 7 17.00 -16.61 -0.97
N GLY A 8 17.69 -16.01 -0.01
CA GLY A 8 17.10 -15.63 1.26
C GLY A 8 16.10 -14.50 1.04
N THR A 9 15.10 -14.38 1.91
CA THR A 9 14.04 -13.38 1.75
C THR A 9 13.67 -12.79 3.10
N GLU A 10 13.43 -11.49 3.13
CA GLU A 10 13.12 -10.76 4.36
C GLU A 10 12.16 -9.58 4.14
N GLU A 11 12.18 -8.93 2.97
CA GLU A 11 11.31 -7.79 2.71
C GLU A 11 9.82 -8.16 2.87
N ASP A 12 9.12 -7.46 3.76
CA ASP A 12 7.77 -7.81 4.20
C ASP A 12 6.86 -6.58 4.34
N THR A 13 7.27 -5.45 3.75
CA THR A 13 6.71 -4.14 4.03
C THR A 13 6.26 -3.46 2.74
N GLU A 14 7.15 -3.24 1.76
CA GLU A 14 6.79 -2.46 0.59
C GLU A 14 7.01 -3.27 -0.69
N GLU A 15 5.94 -3.91 -1.19
CA GLU A 15 5.91 -4.60 -2.47
C GLU A 15 4.49 -4.45 -3.03
N LYS A 16 4.38 -4.15 -4.33
CA LYS A 16 3.17 -4.17 -5.18
C LYS A 16 1.92 -3.51 -4.59
N CYS A 17 0.83 -3.50 -5.37
CA CYS A 17 -0.43 -2.92 -4.90
C CYS A 17 -1.26 -4.07 -4.36
N THR A 18 -1.95 -3.87 -3.23
CA THR A 18 -2.84 -4.86 -2.64
C THR A 18 -4.21 -4.26 -2.31
N ILE A 19 -4.40 -2.93 -2.40
CA ILE A 19 -5.74 -2.36 -2.48
C ILE A 19 -6.43 -2.93 -3.72
N CYS A 20 -5.78 -2.73 -4.86
CA CYS A 20 -6.31 -3.07 -6.17
C CYS A 20 -5.84 -4.46 -6.61
N LEU A 21 -4.77 -4.97 -5.98
CA LEU A 21 -4.02 -6.12 -6.44
C LEU A 21 -3.45 -5.85 -7.84
N SER A 22 -2.31 -5.20 -7.86
CA SER A 22 -1.58 -4.81 -9.06
C SER A 22 -0.11 -4.66 -8.64
N ILE A 23 0.64 -3.77 -9.29
CA ILE A 23 2.05 -3.53 -9.09
C ILE A 23 2.24 -2.04 -8.78
N LEU A 24 3.37 -1.70 -8.16
CA LEU A 24 3.79 -0.35 -7.90
C LEU A 24 5.18 -0.18 -8.51
N GLU A 25 5.24 0.38 -9.70
CA GLU A 25 6.50 0.80 -10.28
C GLU A 25 6.89 2.12 -9.62
N GLU A 26 8.18 2.42 -9.53
CA GLU A 26 8.63 3.74 -9.09
C GLU A 26 8.42 4.74 -10.21
N GLY A 27 8.40 6.03 -9.87
CA GLY A 27 8.23 7.11 -10.85
C GLY A 27 6.89 7.79 -10.68
N GLU A 28 5.85 7.04 -10.36
CA GLU A 28 4.53 7.61 -10.08
C GLU A 28 4.51 8.27 -8.70
N ASP A 29 3.58 9.19 -8.50
CA ASP A 29 3.23 9.70 -7.18
C ASP A 29 2.40 8.61 -6.51
N VAL A 30 3.08 7.60 -5.98
CA VAL A 30 2.47 6.55 -5.21
C VAL A 30 2.32 7.08 -3.76
N ARG A 31 1.78 6.29 -2.83
CA ARG A 31 1.66 6.69 -1.44
C ARG A 31 2.10 5.54 -0.56
N CYS A 32 2.56 5.85 0.64
CA CYS A 32 2.92 4.91 1.67
C CYS A 32 2.08 5.22 2.89
N LEU A 33 1.35 4.21 3.38
CA LEU A 33 0.62 4.29 4.63
C LEU A 33 1.51 3.76 5.74
N PRO A 34 1.30 4.22 6.98
CA PRO A 34 2.11 3.81 8.11
C PRO A 34 1.83 2.36 8.53
N CYS A 35 0.84 1.68 7.95
CA CYS A 35 0.42 0.36 8.42
C CYS A 35 1.29 -0.75 7.79
N MET A 36 2.60 -0.49 7.63
CA MET A 36 3.61 -1.28 6.92
C MET A 36 3.22 -1.65 5.49
N HIS A 37 2.49 -0.80 4.76
CA HIS A 37 2.07 -1.09 3.40
C HIS A 37 1.99 0.20 2.58
N LEU A 38 2.24 0.11 1.27
CA LEU A 38 2.21 1.25 0.37
C LEU A 38 1.36 0.88 -0.84
N PHE A 39 0.64 1.84 -1.43
CA PHE A 39 -0.19 1.60 -2.60
C PHE A 39 -0.26 2.88 -3.42
N HIS A 40 -0.79 2.77 -4.64
CA HIS A 40 -1.06 3.93 -5.49
C HIS A 40 -1.75 5.03 -4.68
N GLN A 41 -1.30 6.28 -4.80
CA GLN A 41 -1.91 7.41 -4.12
C GLN A 41 -3.42 7.44 -4.41
N VAL A 42 -3.78 7.33 -5.67
CA VAL A 42 -5.19 7.32 -6.06
C VAL A 42 -5.96 6.19 -5.41
N CYS A 43 -5.34 5.01 -5.33
CA CYS A 43 -5.97 3.84 -4.70
C CYS A 43 -6.30 4.19 -3.26
N VAL A 44 -5.35 4.66 -2.44
CA VAL A 44 -5.65 5.00 -1.06
C VAL A 44 -6.72 6.11 -1.01
N ASP A 45 -6.67 7.07 -1.92
CA ASP A 45 -7.54 8.25 -1.97
C ASP A 45 -8.99 7.89 -2.37
N GLN A 46 -9.24 6.63 -2.67
CA GLN A 46 -10.55 6.09 -3.02
C GLN A 46 -10.94 4.97 -2.07
N TRP A 47 -9.97 4.17 -1.63
CA TRP A 47 -10.21 2.99 -0.85
C TRP A 47 -10.43 3.40 0.60
N LEU A 48 -9.79 4.49 1.06
CA LEU A 48 -10.04 5.08 2.36
C LEU A 48 -11.37 5.82 2.41
N ILE A 49 -12.09 5.91 1.29
CA ILE A 49 -13.35 6.61 1.22
C ILE A 49 -14.43 5.54 1.35
N THR A 50 -14.41 4.56 0.45
CA THR A 50 -15.38 3.46 0.46
C THR A 50 -15.07 2.44 1.56
N ASN A 51 -13.86 2.44 2.11
CA ASN A 51 -13.38 1.46 3.08
C ASN A 51 -12.58 2.18 4.16
N LYS A 52 -12.33 1.55 5.31
CA LYS A 52 -11.72 2.25 6.45
C LYS A 52 -10.85 1.33 7.31
N LYS A 53 -10.03 0.48 6.69
CA LYS A 53 -9.27 -0.55 7.39
C LYS A 53 -8.07 -0.97 6.55
N CYS A 54 -6.99 -1.48 7.15
CA CYS A 54 -5.80 -1.92 6.42
C CYS A 54 -6.20 -3.18 5.63
N PRO A 55 -5.69 -3.44 4.41
CA PRO A 55 -6.19 -4.55 3.61
C PRO A 55 -5.56 -5.86 4.06
N ILE A 56 -4.23 -5.88 4.22
CA ILE A 56 -3.46 -7.09 4.54
C ILE A 56 -3.51 -7.30 6.05
N CYS A 57 -2.93 -6.33 6.76
CA CYS A 57 -2.82 -6.28 8.22
C CYS A 57 -4.21 -6.23 8.87
N ARG A 58 -5.27 -5.86 8.12
CA ARG A 58 -6.65 -6.08 8.52
C ARG A 58 -7.10 -5.30 9.76
N VAL A 59 -6.28 -4.41 10.32
CA VAL A 59 -6.65 -3.63 11.49
C VAL A 59 -7.32 -2.35 11.02
N ASP A 60 -8.37 -1.89 11.66
CA ASP A 60 -9.10 -0.72 11.22
C ASP A 60 -8.30 0.57 11.44
N ILE A 61 -7.58 1.01 10.40
CA ILE A 61 -6.70 2.16 10.51
C ILE A 61 -7.45 3.49 10.60
N GLU A 62 -8.61 3.60 9.93
CA GLU A 62 -9.46 4.77 10.14
C GLU A 62 -10.33 4.58 11.39
N ALA A 63 -10.16 3.45 12.09
CA ALA A 63 -10.99 3.08 13.22
C ALA A 63 -12.49 3.17 12.87
N GLN A 64 -13.32 3.51 13.86
CA GLN A 64 -14.76 3.73 13.73
C GLN A 64 -15.49 2.58 13.01
N LEU A 65 -14.96 1.37 13.07
CA LEU A 65 -15.49 0.20 12.38
C LEU A 65 -15.34 -0.99 13.33
N PRO A 66 -16.33 -1.27 14.19
CA PRO A 66 -16.23 -2.30 15.21
C PRO A 66 -16.52 -3.69 14.65
N SER A 67 -15.81 -4.10 13.60
CA SER A 67 -16.00 -5.34 12.87
C SER A 67 -17.35 -5.37 12.15
N GLU A 68 -17.34 -5.07 10.86
CA GLU A 68 -18.52 -5.12 10.01
C GLU A 68 -18.08 -5.88 8.76
N SER A 69 -18.74 -7.01 8.49
CA SER A 69 -18.44 -7.92 7.39
C SER A 69 -19.75 -8.19 6.66
N MET A 1 17.41 -23.18 -20.22
CA MET A 1 18.29 -22.68 -19.15
C MET A 1 17.57 -21.56 -18.42
N LYS A 2 17.78 -21.44 -17.11
CA LYS A 2 17.30 -20.31 -16.33
C LYS A 2 18.19 -20.21 -15.09
N GLN A 3 18.11 -19.13 -14.32
CA GLN A 3 18.90 -19.04 -13.10
C GLN A 3 18.16 -19.82 -12.01
N ASP A 4 18.91 -20.28 -11.01
CA ASP A 4 18.38 -20.89 -9.79
C ASP A 4 19.23 -20.38 -8.63
N GLY A 5 18.77 -20.55 -7.40
CA GLY A 5 19.49 -20.12 -6.21
C GLY A 5 18.53 -20.02 -5.04
N GLU A 6 19.03 -19.92 -3.81
CA GLU A 6 18.19 -19.86 -2.63
C GLU A 6 18.97 -19.11 -1.55
N GLU A 7 18.32 -18.23 -0.78
CA GLU A 7 18.94 -17.46 0.26
C GLU A 7 17.79 -16.96 1.15
N GLY A 8 17.94 -17.08 2.46
CA GLY A 8 16.94 -16.61 3.40
C GLY A 8 16.82 -15.09 3.31
N THR A 9 15.60 -14.55 3.31
CA THR A 9 15.32 -13.12 3.28
C THR A 9 13.99 -12.92 4.02
N GLU A 10 13.67 -11.69 4.43
CA GLU A 10 12.46 -11.35 5.14
C GLU A 10 12.03 -10.00 4.56
N GLU A 11 11.01 -10.02 3.72
CA GLU A 11 10.53 -8.85 2.99
C GLU A 11 9.01 -8.84 3.09
N ASP A 12 8.45 -7.89 3.82
CA ASP A 12 7.01 -7.63 3.90
C ASP A 12 6.84 -6.20 4.36
N THR A 13 6.97 -5.26 3.42
CA THR A 13 6.77 -3.85 3.68
C THR A 13 6.26 -3.24 2.37
N GLU A 14 7.15 -2.95 1.40
CA GLU A 14 6.76 -2.15 0.25
C GLU A 14 7.02 -2.93 -1.03
N GLU A 15 6.01 -3.66 -1.51
CA GLU A 15 6.11 -4.44 -2.73
C GLU A 15 4.70 -4.62 -3.33
N LYS A 16 4.52 -4.28 -4.61
CA LYS A 16 3.28 -4.28 -5.40
C LYS A 16 2.08 -3.55 -4.77
N CYS A 17 0.97 -3.44 -5.52
CA CYS A 17 -0.30 -2.92 -4.98
C CYS A 17 -1.10 -4.10 -4.46
N THR A 18 -1.78 -3.94 -3.32
CA THR A 18 -2.63 -4.97 -2.73
C THR A 18 -4.06 -4.46 -2.48
N ILE A 19 -4.31 -3.14 -2.47
CA ILE A 19 -5.68 -2.65 -2.52
C ILE A 19 -6.38 -3.21 -3.77
N CYS A 20 -5.74 -3.01 -4.91
CA CYS A 20 -6.28 -3.35 -6.22
C CYS A 20 -5.74 -4.69 -6.70
N LEU A 21 -4.62 -5.15 -6.13
CA LEU A 21 -3.78 -6.23 -6.66
C LEU A 21 -3.27 -5.86 -8.05
N SER A 22 -2.14 -5.17 -8.06
CA SER A 22 -1.41 -4.78 -9.26
C SER A 22 0.05 -4.65 -8.85
N ILE A 23 0.84 -3.88 -9.59
CA ILE A 23 2.24 -3.59 -9.33
C ILE A 23 2.37 -2.13 -8.92
N LEU A 24 3.52 -1.78 -8.33
CA LEU A 24 3.93 -0.44 -8.01
C LEU A 24 5.38 -0.27 -8.44
N GLU A 25 5.58 0.35 -9.60
CA GLU A 25 6.88 0.77 -10.05
C GLU A 25 7.29 2.00 -9.23
N GLU A 26 8.59 2.22 -9.11
CA GLU A 26 9.13 3.44 -8.52
C GLU A 26 8.94 4.62 -9.48
N GLY A 27 9.06 5.84 -8.98
CA GLY A 27 8.94 7.05 -9.81
C GLY A 27 7.52 7.60 -9.80
N GLU A 28 6.52 6.72 -9.66
CA GLU A 28 5.11 7.08 -9.68
C GLU A 28 4.74 7.96 -8.49
N ASP A 29 3.63 8.69 -8.60
CA ASP A 29 3.01 9.47 -7.52
C ASP A 29 2.17 8.55 -6.64
N VAL A 30 2.80 7.49 -6.13
CA VAL A 30 2.15 6.54 -5.25
C VAL A 30 2.15 7.09 -3.82
N ARG A 31 1.45 6.44 -2.89
CA ARG A 31 1.37 6.91 -1.51
C ARG A 31 1.69 5.75 -0.57
N CYS A 32 2.31 6.04 0.58
CA CYS A 32 2.74 5.02 1.52
C CYS A 32 1.91 5.20 2.80
N LEU A 33 1.33 4.11 3.27
CA LEU A 33 0.53 4.12 4.49
C LEU A 33 1.43 3.74 5.66
N PRO A 34 1.16 4.28 6.85
CA PRO A 34 1.97 4.03 8.03
C PRO A 34 1.89 2.57 8.46
N CYS A 35 0.82 1.84 8.11
CA CYS A 35 0.73 0.41 8.34
C CYS A 35 1.44 -0.29 7.18
N MET A 36 2.78 -0.16 7.21
CA MET A 36 3.89 -0.81 6.50
C MET A 36 3.56 -1.34 5.11
N HIS A 37 2.75 -0.63 4.33
CA HIS A 37 2.37 -1.04 2.99
C HIS A 37 2.11 0.23 2.19
N LEU A 38 2.35 0.20 0.89
CA LEU A 38 2.16 1.37 0.04
C LEU A 38 1.26 0.99 -1.12
N PHE A 39 0.39 1.89 -1.55
CA PHE A 39 -0.47 1.64 -2.69
C PHE A 39 -0.68 2.94 -3.44
N HIS A 40 -1.17 2.82 -4.67
CA HIS A 40 -1.50 3.96 -5.52
C HIS A 40 -2.20 5.04 -4.71
N GLN A 41 -1.77 6.29 -4.83
CA GLN A 41 -2.39 7.35 -4.04
C GLN A 41 -3.91 7.33 -4.17
N VAL A 42 -4.42 7.21 -5.40
CA VAL A 42 -5.85 7.09 -5.62
C VAL A 42 -6.46 5.88 -4.91
N CYS A 43 -5.79 4.73 -4.95
CA CYS A 43 -6.27 3.50 -4.31
C CYS A 43 -6.50 3.80 -2.84
N VAL A 44 -5.51 4.31 -2.10
CA VAL A 44 -5.73 4.61 -0.69
C VAL A 44 -6.82 5.68 -0.54
N ASP A 45 -6.75 6.72 -1.35
CA ASP A 45 -7.56 7.92 -1.24
C ASP A 45 -9.02 7.63 -1.56
N GLN A 46 -9.35 6.43 -2.06
CA GLN A 46 -10.72 5.92 -2.10
C GLN A 46 -10.95 4.85 -1.02
N TRP A 47 -9.95 4.01 -0.72
CA TRP A 47 -10.11 2.87 0.18
C TRP A 47 -10.15 3.30 1.64
N LEU A 48 -9.98 4.59 1.91
CA LEU A 48 -10.12 5.20 3.23
C LEU A 48 -11.45 5.95 3.36
N ILE A 49 -12.18 6.07 2.26
CA ILE A 49 -13.43 6.81 2.16
C ILE A 49 -14.54 5.76 2.16
N THR A 50 -14.54 4.92 1.11
CA THR A 50 -15.50 3.86 0.90
C THR A 50 -15.19 2.68 1.83
N ASN A 51 -13.94 2.57 2.28
CA ASN A 51 -13.48 1.49 3.15
C ASN A 51 -12.66 2.13 4.27
N LYS A 52 -12.37 1.40 5.35
CA LYS A 52 -11.67 2.00 6.51
C LYS A 52 -10.77 0.95 7.20
N LYS A 53 -10.07 0.12 6.43
CA LYS A 53 -9.36 -1.06 6.95
C LYS A 53 -8.14 -1.32 6.07
N CYS A 54 -6.94 -1.51 6.66
CA CYS A 54 -5.74 -1.77 5.89
C CYS A 54 -5.96 -3.13 5.22
N PRO A 55 -5.65 -3.33 3.94
CA PRO A 55 -5.92 -4.60 3.26
C PRO A 55 -5.16 -5.76 3.91
N ILE A 56 -3.87 -5.58 4.19
CA ILE A 56 -3.01 -6.66 4.67
C ILE A 56 -3.06 -6.70 6.18
N CYS A 57 -2.76 -5.59 6.85
CA CYS A 57 -2.72 -5.55 8.31
C CYS A 57 -4.10 -5.86 8.89
N ARG A 58 -5.17 -5.53 8.16
CA ARG A 58 -6.56 -5.71 8.57
C ARG A 58 -6.89 -4.92 9.83
N VAL A 59 -6.10 -3.91 10.18
CA VAL A 59 -6.44 -3.05 11.29
C VAL A 59 -7.36 -1.99 10.72
N ASP A 60 -8.25 -1.41 11.53
CA ASP A 60 -9.08 -0.32 11.04
C ASP A 60 -8.21 0.91 10.88
N ILE A 61 -7.69 1.10 9.67
CA ILE A 61 -6.84 2.23 9.35
C ILE A 61 -7.63 3.54 9.32
N GLU A 62 -8.95 3.46 9.07
CA GLU A 62 -9.83 4.60 8.85
C GLU A 62 -9.21 5.63 7.91
N ALA A 63 -8.62 6.67 8.47
CA ALA A 63 -8.11 7.86 7.78
C ALA A 63 -9.17 8.51 6.90
N GLN A 64 -8.75 9.51 6.11
CA GLN A 64 -9.58 10.29 5.20
C GLN A 64 -8.76 11.45 4.64
N LEU A 65 -8.00 12.15 5.50
CA LEU A 65 -7.20 13.27 5.07
C LEU A 65 -6.18 12.82 4.02
N PRO A 66 -6.25 13.37 2.80
CA PRO A 66 -5.32 13.02 1.73
C PRO A 66 -3.98 13.69 1.98
N SER A 67 -2.90 13.15 1.40
CA SER A 67 -1.59 13.76 1.47
C SER A 67 -1.53 14.91 0.48
N GLU A 68 -1.50 16.14 0.97
CA GLU A 68 -1.20 17.33 0.17
C GLU A 68 0.25 17.22 -0.32
N SER A 69 0.53 17.78 -1.50
CA SER A 69 1.81 17.64 -2.19
C SER A 69 2.36 19.02 -2.50
N MET A 1 29.99 -23.72 -8.32
CA MET A 1 30.02 -22.45 -9.06
C MET A 1 28.71 -21.69 -8.83
N LYS A 2 28.61 -20.97 -7.70
CA LYS A 2 27.53 -20.02 -7.48
C LYS A 2 27.96 -19.10 -6.34
N GLN A 3 27.37 -17.91 -6.22
CA GLN A 3 27.61 -17.01 -5.11
C GLN A 3 26.39 -16.09 -5.02
N ASP A 4 26.01 -15.74 -3.79
CA ASP A 4 24.90 -14.86 -3.47
C ASP A 4 25.03 -14.45 -2.00
N GLY A 5 24.22 -13.50 -1.54
CA GLY A 5 24.23 -13.04 -0.17
C GLY A 5 23.41 -11.76 -0.09
N GLU A 6 22.70 -11.54 1.02
CA GLU A 6 21.86 -10.37 1.20
C GLU A 6 21.66 -10.17 2.70
N GLU A 7 20.92 -9.14 3.12
CA GLU A 7 20.64 -8.87 4.53
C GLU A 7 19.14 -8.65 4.68
N GLY A 8 18.63 -7.48 4.28
CA GLY A 8 17.23 -7.15 4.34
C GLY A 8 17.06 -5.70 4.77
N THR A 9 15.84 -5.33 5.18
CA THR A 9 15.57 -4.07 5.84
C THR A 9 14.27 -4.25 6.63
N GLU A 10 13.66 -3.15 7.10
CA GLU A 10 12.43 -3.22 7.88
C GLU A 10 11.52 -2.07 7.47
N GLU A 11 11.94 -0.82 7.71
CA GLU A 11 11.13 0.36 7.43
C GLU A 11 11.33 0.80 5.98
N ASP A 12 11.06 -0.09 5.03
CA ASP A 12 11.14 0.14 3.60
C ASP A 12 10.70 -1.17 2.96
N THR A 13 9.46 -1.24 2.50
CA THR A 13 8.92 -2.43 1.87
C THR A 13 8.10 -2.07 0.65
N GLU A 14 8.00 -3.00 -0.29
CA GLU A 14 7.28 -2.82 -1.54
C GLU A 14 6.65 -4.14 -1.96
N GLU A 15 5.48 -4.10 -2.61
CA GLU A 15 4.88 -5.25 -3.28
C GLU A 15 3.76 -4.74 -4.22
N LYS A 16 2.98 -5.64 -4.82
CA LYS A 16 1.88 -5.36 -5.74
C LYS A 16 0.72 -4.65 -5.02
N CYS A 17 -0.06 -3.89 -5.78
CA CYS A 17 -1.22 -3.17 -5.24
C CYS A 17 -2.23 -4.23 -4.79
N THR A 18 -2.82 -4.07 -3.60
CA THR A 18 -3.79 -5.02 -3.07
C THR A 18 -5.13 -4.32 -2.79
N ILE A 19 -5.20 -2.98 -2.84
CA ILE A 19 -6.48 -2.29 -2.91
C ILE A 19 -7.20 -2.74 -4.18
N CYS A 20 -6.51 -2.56 -5.31
CA CYS A 20 -7.06 -2.69 -6.64
C CYS A 20 -6.70 -4.07 -7.23
N LEU A 21 -5.71 -4.75 -6.64
CA LEU A 21 -5.03 -5.89 -7.23
C LEU A 21 -4.43 -5.53 -8.59
N SER A 22 -3.23 -4.96 -8.53
CA SER A 22 -2.44 -4.54 -9.66
C SER A 22 -0.98 -4.57 -9.20
N ILE A 23 -0.09 -3.85 -9.87
CA ILE A 23 1.34 -3.80 -9.57
C ILE A 23 1.66 -2.41 -9.04
N LEU A 24 2.75 -2.32 -8.29
CA LEU A 24 3.38 -1.07 -7.94
C LEU A 24 4.77 -1.12 -8.56
N GLU A 25 4.98 -0.32 -9.61
CA GLU A 25 6.30 -0.02 -10.12
C GLU A 25 6.86 1.14 -9.29
N GLU A 26 8.18 1.16 -9.11
CA GLU A 26 8.87 2.29 -8.50
C GLU A 26 8.84 3.48 -9.46
N GLY A 27 9.14 4.68 -8.95
CA GLY A 27 9.24 5.87 -9.78
C GLY A 27 8.01 6.76 -9.60
N GLU A 28 6.82 6.16 -9.63
CA GLU A 28 5.59 6.90 -9.45
C GLU A 28 5.46 7.40 -8.00
N ASP A 29 4.64 8.44 -7.81
CA ASP A 29 4.27 8.93 -6.50
C ASP A 29 3.22 7.98 -5.93
N VAL A 30 3.68 6.84 -5.44
CA VAL A 30 2.86 5.87 -4.73
C VAL A 30 2.80 6.30 -3.26
N ARG A 31 2.04 5.62 -2.41
CA ARG A 31 1.93 6.03 -1.00
C ARG A 31 1.95 4.82 -0.08
N CYS A 32 2.47 4.97 1.13
CA CYS A 32 2.55 3.90 2.09
C CYS A 32 1.59 4.19 3.24
N LEU A 33 0.94 3.15 3.75
CA LEU A 33 0.18 3.21 4.97
C LEU A 33 1.00 2.56 6.07
N PRO A 34 0.85 2.99 7.33
CA PRO A 34 1.51 2.39 8.47
C PRO A 34 0.79 1.10 8.89
N CYS A 35 0.43 0.25 7.92
CA CYS A 35 0.01 -1.12 8.15
C CYS A 35 0.72 -1.89 7.05
N MET A 36 2.04 -1.96 7.21
CA MET A 36 3.08 -2.80 6.60
C MET A 36 2.94 -3.03 5.10
N HIS A 37 2.23 -2.17 4.38
CA HIS A 37 1.87 -2.35 3.00
C HIS A 37 1.82 -0.95 2.38
N LEU A 38 1.98 -0.87 1.08
CA LEU A 38 1.92 0.40 0.36
C LEU A 38 1.07 0.16 -0.88
N PHE A 39 0.36 1.17 -1.37
CA PHE A 39 -0.45 1.06 -2.57
C PHE A 39 -0.44 2.39 -3.29
N HIS A 40 -1.01 2.43 -4.50
CA HIS A 40 -1.09 3.65 -5.28
C HIS A 40 -1.66 4.79 -4.44
N GLN A 41 -1.04 5.98 -4.49
CA GLN A 41 -1.50 7.15 -3.76
C GLN A 41 -3.00 7.37 -3.99
N VAL A 42 -3.41 7.40 -5.26
CA VAL A 42 -4.81 7.62 -5.59
C VAL A 42 -5.71 6.53 -5.02
N CYS A 43 -5.25 5.28 -5.07
CA CYS A 43 -6.00 4.15 -4.55
C CYS A 43 -6.27 4.41 -3.07
N VAL A 44 -5.26 4.68 -2.24
CA VAL A 44 -5.50 4.95 -0.83
C VAL A 44 -6.40 6.17 -0.66
N ASP A 45 -6.24 7.19 -1.50
CA ASP A 45 -6.92 8.49 -1.37
C ASP A 45 -8.42 8.38 -1.62
N GLN A 46 -8.91 7.25 -2.10
CA GLN A 46 -10.33 6.99 -2.26
C GLN A 46 -10.77 5.77 -1.47
N TRP A 47 -9.92 4.76 -1.32
CA TRP A 47 -10.27 3.55 -0.62
C TRP A 47 -10.41 3.88 0.87
N LEU A 48 -9.62 4.83 1.37
CA LEU A 48 -9.72 5.30 2.74
C LEU A 48 -10.95 6.19 2.98
N ILE A 49 -11.73 6.48 1.94
CA ILE A 49 -12.88 7.37 2.01
C ILE A 49 -14.10 6.47 1.98
N THR A 50 -14.19 5.58 1.01
CA THR A 50 -15.29 4.64 0.89
C THR A 50 -15.17 3.50 1.90
N ASN A 51 -13.95 3.22 2.35
CA ASN A 51 -13.60 2.09 3.20
C ASN A 51 -12.66 2.57 4.31
N LYS A 52 -12.44 1.74 5.34
CA LYS A 52 -11.66 2.17 6.50
C LYS A 52 -11.03 1.00 7.24
N LYS A 53 -10.23 0.19 6.53
CA LYS A 53 -9.58 -0.99 7.07
C LYS A 53 -8.43 -1.42 6.16
N CYS A 54 -7.37 -2.00 6.72
CA CYS A 54 -6.24 -2.50 5.96
C CYS A 54 -6.71 -3.77 5.21
N PRO A 55 -6.23 -4.09 4.00
CA PRO A 55 -6.73 -5.23 3.27
C PRO A 55 -6.10 -6.53 3.76
N ILE A 56 -4.78 -6.55 3.94
CA ILE A 56 -4.00 -7.76 4.20
C ILE A 56 -3.89 -7.96 5.70
N CYS A 57 -3.28 -6.99 6.38
CA CYS A 57 -3.08 -6.97 7.82
C CYS A 57 -4.43 -6.91 8.56
N ARG A 58 -5.47 -6.36 7.90
CA ARG A 58 -6.84 -6.33 8.42
C ARG A 58 -6.94 -5.65 9.80
N VAL A 59 -6.04 -4.73 10.11
CA VAL A 59 -6.25 -3.85 11.25
C VAL A 59 -7.04 -2.66 10.71
N ASP A 60 -8.08 -2.19 11.42
CA ASP A 60 -8.82 -1.05 10.94
C ASP A 60 -7.94 0.19 11.08
N ILE A 61 -7.30 0.59 9.98
CA ILE A 61 -6.33 1.67 10.00
C ILE A 61 -7.01 3.02 10.19
N GLU A 62 -8.20 3.21 9.61
CA GLU A 62 -8.95 4.47 9.56
C GLU A 62 -8.11 5.69 9.17
N ALA A 63 -7.00 5.42 8.48
CA ALA A 63 -6.11 6.43 7.93
C ALA A 63 -6.88 7.27 6.92
N GLN A 64 -6.51 8.54 6.82
CA GLN A 64 -7.05 9.44 5.81
C GLN A 64 -6.09 10.61 5.68
N LEU A 65 -5.77 11.24 6.82
CA LEU A 65 -5.02 12.48 6.93
C LEU A 65 -5.58 13.56 5.98
N PRO A 66 -6.71 14.18 6.36
CA PRO A 66 -7.33 15.21 5.56
C PRO A 66 -6.54 16.52 5.69
N SER A 67 -6.46 17.27 4.58
CA SER A 67 -5.78 18.55 4.41
C SER A 67 -4.45 18.26 3.72
N GLU A 68 -4.24 18.87 2.57
CA GLU A 68 -3.06 18.67 1.77
C GLU A 68 -1.85 19.32 2.45
N SER A 69 -0.65 18.99 1.99
CA SER A 69 0.62 19.54 2.43
C SER A 69 1.62 19.38 1.28
N MET A 1 7.64 -23.27 -21.14
CA MET A 1 8.08 -24.56 -20.56
C MET A 1 9.10 -24.28 -19.45
N LYS A 2 8.62 -23.99 -18.24
CA LYS A 2 9.47 -23.90 -17.06
C LYS A 2 8.55 -23.98 -15.84
N GLN A 3 9.12 -23.98 -14.64
CA GLN A 3 8.41 -23.89 -13.38
C GLN A 3 9.22 -22.95 -12.51
N ASP A 4 8.57 -22.21 -11.62
CA ASP A 4 9.25 -21.27 -10.75
C ASP A 4 8.37 -21.02 -9.53
N GLY A 5 8.81 -20.19 -8.59
CA GLY A 5 8.08 -19.98 -7.33
C GLY A 5 8.24 -18.55 -6.84
N GLU A 6 8.98 -18.38 -5.75
CA GLU A 6 9.15 -17.11 -5.03
C GLU A 6 7.84 -16.66 -4.36
N GLU A 7 7.96 -15.73 -3.41
CA GLU A 7 6.85 -15.19 -2.64
C GLU A 7 7.04 -13.68 -2.48
N GLY A 8 8.06 -13.25 -1.73
CA GLY A 8 8.35 -11.84 -1.50
C GLY A 8 8.73 -11.63 -0.04
N THR A 9 8.42 -10.46 0.53
CA THR A 9 8.54 -10.22 1.97
C THR A 9 7.36 -9.36 2.40
N GLU A 10 7.04 -9.32 3.70
CA GLU A 10 5.80 -8.70 4.17
C GLU A 10 6.09 -7.59 5.17
N GLU A 11 6.72 -7.88 6.31
CA GLU A 11 7.14 -6.83 7.22
C GLU A 11 8.36 -6.12 6.64
N ASP A 12 8.13 -5.14 5.78
CA ASP A 12 9.13 -4.21 5.29
C ASP A 12 8.30 -3.07 4.75
N THR A 13 7.78 -3.37 3.57
CA THR A 13 6.75 -2.74 2.75
C THR A 13 7.31 -2.72 1.32
N GLU A 14 6.93 -1.74 0.50
CA GLU A 14 7.60 -1.50 -0.77
C GLU A 14 7.46 -2.69 -1.72
N GLU A 15 6.22 -3.04 -2.08
CA GLU A 15 5.94 -4.16 -2.97
C GLU A 15 4.63 -3.90 -3.74
N LYS A 16 4.15 -4.89 -4.50
CA LYS A 16 3.03 -4.77 -5.43
C LYS A 16 1.69 -4.40 -4.77
N CYS A 17 0.80 -3.84 -5.58
CA CYS A 17 -0.47 -3.30 -5.08
C CYS A 17 -1.37 -4.45 -4.65
N THR A 18 -2.14 -4.22 -3.59
CA THR A 18 -3.04 -5.21 -3.00
C THR A 18 -4.39 -4.59 -2.62
N ILE A 19 -4.53 -3.25 -2.57
CA ILE A 19 -5.84 -2.62 -2.61
C ILE A 19 -6.56 -3.06 -3.89
N CYS A 20 -5.90 -2.80 -5.03
CA CYS A 20 -6.45 -3.03 -6.36
C CYS A 20 -6.03 -4.41 -6.89
N LEU A 21 -4.96 -4.99 -6.31
CA LEU A 21 -4.22 -6.12 -6.86
C LEU A 21 -3.62 -5.76 -8.22
N SER A 22 -2.41 -5.22 -8.16
CA SER A 22 -1.62 -4.84 -9.32
C SER A 22 -0.16 -4.80 -8.87
N ILE A 23 0.68 -4.06 -9.59
CA ILE A 23 2.08 -3.79 -9.31
C ILE A 23 2.17 -2.35 -8.82
N LEU A 24 3.36 -1.96 -8.34
CA LEU A 24 3.72 -0.58 -8.08
C LEU A 24 5.10 -0.38 -8.65
N GLU A 25 5.17 0.31 -9.78
CA GLU A 25 6.41 0.77 -10.38
C GLU A 25 6.80 2.11 -9.75
N GLU A 26 8.09 2.36 -9.56
CA GLU A 26 8.55 3.66 -9.10
C GLU A 26 8.37 4.69 -10.22
N GLY A 27 8.27 5.96 -9.85
CA GLY A 27 8.13 7.05 -10.80
C GLY A 27 6.76 7.70 -10.70
N GLU A 28 5.72 6.91 -10.45
CA GLU A 28 4.39 7.45 -10.25
C GLU A 28 4.27 8.11 -8.87
N ASP A 29 3.26 8.97 -8.72
CA ASP A 29 2.86 9.54 -7.44
C ASP A 29 2.13 8.46 -6.65
N VAL A 30 2.92 7.60 -6.01
CA VAL A 30 2.46 6.49 -5.22
C VAL A 30 2.45 6.91 -3.74
N ARG A 31 1.89 6.10 -2.83
CA ARG A 31 1.79 6.49 -1.41
C ARG A 31 1.95 5.31 -0.46
N CYS A 32 2.87 5.43 0.48
CA CYS A 32 3.03 4.45 1.53
C CYS A 32 1.97 4.68 2.61
N LEU A 33 1.51 3.61 3.23
CA LEU A 33 0.72 3.65 4.45
C LEU A 33 1.63 3.20 5.58
N PRO A 34 1.38 3.69 6.80
CA PRO A 34 2.15 3.28 7.96
C PRO A 34 1.88 1.85 8.36
N CYS A 35 0.87 1.17 7.78
CA CYS A 35 0.48 -0.18 8.18
C CYS A 35 1.33 -1.23 7.47
N MET A 36 2.66 -0.99 7.37
CA MET A 36 3.70 -1.77 6.69
C MET A 36 3.35 -2.18 5.27
N HIS A 37 2.65 -1.32 4.53
CA HIS A 37 2.22 -1.61 3.18
C HIS A 37 2.22 -0.32 2.36
N LEU A 38 2.20 -0.47 1.03
CA LEU A 38 2.37 0.63 0.08
C LEU A 38 1.43 0.35 -1.08
N PHE A 39 0.80 1.40 -1.61
CA PHE A 39 -0.11 1.30 -2.75
C PHE A 39 -0.07 2.58 -3.56
N HIS A 40 -0.75 2.56 -4.71
CA HIS A 40 -1.04 3.76 -5.47
C HIS A 40 -1.64 4.82 -4.55
N GLN A 41 -1.22 6.08 -4.68
CA GLN A 41 -1.80 7.15 -3.89
C GLN A 41 -3.32 7.14 -4.00
N VAL A 42 -3.85 7.10 -5.21
CA VAL A 42 -5.28 7.06 -5.43
C VAL A 42 -5.94 5.89 -4.69
N CYS A 43 -5.31 4.72 -4.73
CA CYS A 43 -5.83 3.52 -4.10
C CYS A 43 -6.03 3.80 -2.61
N VAL A 44 -5.02 4.30 -1.90
CA VAL A 44 -5.18 4.57 -0.47
C VAL A 44 -6.25 5.65 -0.25
N ASP A 45 -6.20 6.69 -1.07
CA ASP A 45 -7.05 7.88 -1.03
C ASP A 45 -8.49 7.54 -1.43
N GLN A 46 -8.76 6.30 -1.84
CA GLN A 46 -10.11 5.79 -2.04
C GLN A 46 -10.43 4.72 -1.00
N TRP A 47 -9.45 3.95 -0.52
CA TRP A 47 -9.74 2.86 0.41
C TRP A 47 -10.01 3.38 1.82
N LEU A 48 -9.83 4.68 2.03
CA LEU A 48 -10.17 5.37 3.27
C LEU A 48 -11.50 6.11 3.16
N ILE A 49 -12.08 6.15 1.95
CA ILE A 49 -13.29 6.88 1.62
C ILE A 49 -14.42 5.87 1.52
N THR A 50 -14.25 4.84 0.68
CA THR A 50 -15.24 3.78 0.50
C THR A 50 -14.97 2.61 1.47
N ASN A 51 -13.79 2.59 2.11
CA ASN A 51 -13.40 1.59 3.09
C ASN A 51 -12.75 2.35 4.25
N LYS A 52 -12.28 1.65 5.29
CA LYS A 52 -11.50 2.28 6.35
C LYS A 52 -10.62 1.26 7.07
N LYS A 53 -9.91 0.43 6.31
CA LYS A 53 -9.23 -0.74 6.84
C LYS A 53 -8.03 -1.08 5.96
N CYS A 54 -6.91 -1.47 6.58
CA CYS A 54 -5.67 -1.78 5.86
C CYS A 54 -6.04 -2.98 4.96
N PRO A 55 -5.57 -3.09 3.72
CA PRO A 55 -5.93 -4.22 2.87
C PRO A 55 -5.43 -5.54 3.46
N ILE A 56 -4.12 -5.66 3.72
CA ILE A 56 -3.51 -6.94 4.09
C ILE A 56 -3.65 -7.15 5.59
N CYS A 57 -3.21 -6.19 6.40
CA CYS A 57 -3.29 -6.29 7.85
C CYS A 57 -4.77 -6.46 8.25
N ARG A 58 -5.67 -5.82 7.50
CA ARG A 58 -7.10 -5.83 7.73
C ARG A 58 -7.52 -5.19 9.06
N VAL A 59 -6.58 -4.61 9.81
CA VAL A 59 -6.89 -3.79 10.95
C VAL A 59 -7.45 -2.47 10.43
N ASP A 60 -8.49 -1.97 11.05
CA ASP A 60 -8.98 -0.62 10.81
C ASP A 60 -7.87 0.37 11.14
N ILE A 61 -7.28 1.00 10.11
CA ILE A 61 -6.32 2.06 10.39
C ILE A 61 -7.00 3.31 10.94
N GLU A 62 -8.24 3.62 10.50
CA GLU A 62 -8.97 4.87 10.70
C GLU A 62 -8.31 6.15 10.16
N ALA A 63 -7.00 6.17 10.00
CA ALA A 63 -6.20 7.32 9.63
C ALA A 63 -6.45 7.71 8.18
N GLN A 64 -6.57 9.01 7.93
CA GLN A 64 -6.77 9.57 6.61
C GLN A 64 -6.42 11.05 6.62
N LEU A 65 -6.94 11.79 7.59
CA LEU A 65 -6.70 13.21 7.77
C LEU A 65 -5.99 13.40 9.10
N PRO A 66 -4.67 13.62 9.10
CA PRO A 66 -3.92 13.89 10.30
C PRO A 66 -4.16 15.34 10.73
N SER A 67 -3.64 15.71 11.90
CA SER A 67 -3.57 17.10 12.31
C SER A 67 -2.73 17.89 11.29
N GLU A 68 -3.00 19.20 11.17
CA GLU A 68 -2.43 20.10 10.17
C GLU A 68 -2.46 19.52 8.76
N SER A 69 -3.59 19.72 8.07
CA SER A 69 -3.79 19.36 6.69
C SER A 69 -4.81 20.34 6.10
N MET A 1 7.62 -0.94 -16.12
CA MET A 1 7.49 0.50 -16.39
C MET A 1 8.79 1.04 -16.97
N LYS A 2 9.93 0.92 -16.26
CA LYS A 2 11.23 1.26 -16.82
C LYS A 2 12.21 0.14 -16.53
N GLN A 3 12.66 -0.56 -17.57
CA GLN A 3 13.63 -1.65 -17.44
C GLN A 3 13.07 -2.73 -16.49
N ASP A 4 13.91 -3.61 -15.96
CA ASP A 4 13.50 -4.47 -14.86
C ASP A 4 13.24 -3.57 -13.66
N GLY A 5 12.13 -3.80 -12.95
CA GLY A 5 11.74 -2.99 -11.80
C GLY A 5 12.29 -3.59 -10.52
N GLU A 6 11.51 -4.49 -9.91
CA GLU A 6 11.83 -5.26 -8.71
C GLU A 6 12.60 -4.46 -7.65
N GLU A 7 11.91 -3.47 -7.06
CA GLU A 7 12.48 -2.51 -6.14
C GLU A 7 13.29 -3.15 -5.01
N GLY A 8 12.68 -4.07 -4.25
CA GLY A 8 13.37 -4.70 -3.14
C GLY A 8 12.43 -5.59 -2.34
N THR A 9 12.85 -5.94 -1.13
CA THR A 9 12.06 -6.62 -0.12
C THR A 9 12.50 -6.08 1.24
N GLU A 10 11.62 -6.06 2.23
CA GLU A 10 11.84 -5.35 3.48
C GLU A 10 10.88 -5.94 4.51
N GLU A 11 10.66 -7.26 4.39
CA GLU A 11 9.80 -8.07 5.23
C GLU A 11 8.38 -8.08 4.69
N ASP A 12 7.62 -6.97 4.75
CA ASP A 12 6.25 -6.95 4.22
C ASP A 12 5.72 -5.52 4.20
N THR A 13 6.06 -4.73 3.18
CA THR A 13 5.66 -3.33 3.15
C THR A 13 5.42 -2.78 1.75
N GLU A 14 6.41 -2.82 0.86
CA GLU A 14 6.35 -2.09 -0.40
C GLU A 14 6.52 -3.06 -1.57
N GLU A 15 5.64 -4.06 -1.61
CA GLU A 15 5.68 -5.10 -2.62
C GLU A 15 4.32 -5.15 -3.34
N LYS A 16 4.20 -4.41 -4.45
CA LYS A 16 3.08 -4.42 -5.39
C LYS A 16 1.75 -3.93 -4.77
N CYS A 17 0.83 -3.44 -5.60
CA CYS A 17 -0.43 -2.90 -5.08
C CYS A 17 -1.26 -4.08 -4.60
N THR A 18 -1.81 -4.00 -3.38
CA THR A 18 -2.67 -5.05 -2.85
C THR A 18 -4.11 -4.55 -2.65
N ILE A 19 -4.35 -3.24 -2.68
CA ILE A 19 -5.71 -2.71 -2.75
C ILE A 19 -6.40 -3.28 -4.01
N CYS A 20 -5.74 -3.09 -5.15
CA CYS A 20 -6.30 -3.36 -6.47
C CYS A 20 -5.74 -4.67 -7.03
N LEU A 21 -4.64 -5.18 -6.46
CA LEU A 21 -3.81 -6.24 -7.02
C LEU A 21 -3.24 -5.84 -8.38
N SER A 22 -2.07 -5.24 -8.31
CA SER A 22 -1.29 -4.77 -9.44
C SER A 22 0.14 -4.56 -8.96
N ILE A 23 0.95 -3.80 -9.68
CA ILE A 23 2.35 -3.55 -9.41
C ILE A 23 2.52 -2.11 -8.95
N LEU A 24 3.65 -1.88 -8.28
CA LEU A 24 4.18 -0.59 -7.91
C LEU A 24 5.64 -0.60 -8.35
N GLU A 25 5.96 0.14 -9.41
CA GLU A 25 7.30 0.59 -9.72
C GLU A 25 7.40 2.06 -9.31
N GLU A 26 8.63 2.56 -9.15
CA GLU A 26 8.83 3.98 -8.84
C GLU A 26 8.55 4.85 -10.07
N GLY A 27 8.48 6.16 -9.85
CA GLY A 27 8.22 7.15 -10.88
C GLY A 27 6.85 7.76 -10.66
N GLU A 28 5.86 6.91 -10.39
CA GLU A 28 4.48 7.33 -10.18
C GLU A 28 4.34 8.01 -8.83
N ASP A 29 3.31 8.87 -8.68
CA ASP A 29 2.96 9.51 -7.42
C ASP A 29 2.18 8.52 -6.55
N VAL A 30 2.89 7.53 -6.03
CA VAL A 30 2.33 6.49 -5.18
C VAL A 30 2.23 7.00 -3.73
N ARG A 31 1.75 6.19 -2.78
CA ARG A 31 1.66 6.61 -1.39
C ARG A 31 2.03 5.47 -0.45
N CYS A 32 2.44 5.79 0.78
CA CYS A 32 2.66 4.80 1.82
C CYS A 32 1.62 5.08 2.90
N LEU A 33 1.01 4.02 3.43
CA LEU A 33 0.20 4.10 4.64
C LEU A 33 1.11 3.89 5.83
N PRO A 34 0.80 4.53 6.97
CA PRO A 34 1.60 4.46 8.18
C PRO A 34 1.59 3.05 8.79
N CYS A 35 0.56 2.24 8.49
CA CYS A 35 0.37 0.88 8.98
C CYS A 35 1.68 0.10 8.91
N MET A 36 2.19 -0.06 7.68
CA MET A 36 3.36 -0.82 7.24
C MET A 36 3.21 -1.29 5.79
N HIS A 37 2.47 -0.59 4.92
CA HIS A 37 2.17 -1.07 3.57
C HIS A 37 2.01 0.13 2.65
N LEU A 38 2.36 0.00 1.37
CA LEU A 38 2.36 1.08 0.40
C LEU A 38 1.58 0.67 -0.84
N PHE A 39 0.73 1.56 -1.35
CA PHE A 39 -0.10 1.34 -2.52
C PHE A 39 -0.27 2.63 -3.30
N HIS A 40 -0.86 2.54 -4.50
CA HIS A 40 -1.16 3.70 -5.32
C HIS A 40 -1.86 4.78 -4.49
N GLN A 41 -1.44 6.03 -4.62
CA GLN A 41 -2.08 7.14 -3.93
C GLN A 41 -3.59 7.12 -4.20
N VAL A 42 -4.01 7.09 -5.45
CA VAL A 42 -5.43 7.06 -5.80
C VAL A 42 -6.17 5.92 -5.09
N CYS A 43 -5.55 4.74 -5.04
CA CYS A 43 -6.15 3.56 -4.42
C CYS A 43 -6.44 3.87 -2.95
N VAL A 44 -5.47 4.36 -2.17
CA VAL A 44 -5.72 4.66 -0.77
C VAL A 44 -6.75 5.78 -0.64
N ASP A 45 -6.69 6.77 -1.51
CA ASP A 45 -7.57 7.94 -1.53
C ASP A 45 -9.02 7.57 -1.80
N GLN A 46 -9.30 6.31 -2.16
CA GLN A 46 -10.65 5.77 -2.13
C GLN A 46 -10.80 4.72 -1.02
N TRP A 47 -9.76 3.94 -0.69
CA TRP A 47 -9.87 2.87 0.29
C TRP A 47 -9.98 3.40 1.71
N LEU A 48 -9.79 4.71 1.89
CA LEU A 48 -9.96 5.40 3.16
C LEU A 48 -11.28 6.16 3.22
N ILE A 49 -12.01 6.20 2.10
CA ILE A 49 -13.25 6.94 1.96
C ILE A 49 -14.37 5.91 2.01
N THR A 50 -14.37 4.95 1.08
CA THR A 50 -15.37 3.90 1.03
C THR A 50 -15.00 2.73 1.95
N ASN A 51 -13.74 2.69 2.39
CA ASN A 51 -13.23 1.68 3.33
C ASN A 51 -12.47 2.43 4.41
N LYS A 52 -11.98 1.75 5.43
CA LYS A 52 -11.08 2.38 6.41
C LYS A 52 -10.20 1.35 7.12
N LYS A 53 -9.83 0.30 6.38
CA LYS A 53 -9.17 -0.88 6.92
C LYS A 53 -8.06 -1.30 5.97
N CYS A 54 -7.03 -1.92 6.53
CA CYS A 54 -5.86 -2.28 5.76
C CYS A 54 -6.25 -3.49 4.89
N PRO A 55 -5.79 -3.58 3.65
CA PRO A 55 -6.06 -4.73 2.79
C PRO A 55 -5.23 -5.97 3.20
N ILE A 56 -4.06 -5.79 3.82
CA ILE A 56 -3.15 -6.88 4.15
C ILE A 56 -3.28 -7.22 5.64
N CYS A 57 -2.72 -6.37 6.50
CA CYS A 57 -2.69 -6.53 7.94
C CYS A 57 -4.11 -6.48 8.54
N ARG A 58 -5.11 -6.03 7.77
CA ARG A 58 -6.52 -6.03 8.14
C ARG A 58 -6.87 -5.15 9.34
N VAL A 59 -5.90 -4.42 9.92
CA VAL A 59 -6.17 -3.55 11.04
C VAL A 59 -6.89 -2.32 10.50
N ASP A 60 -7.79 -1.76 11.30
CA ASP A 60 -8.56 -0.62 10.86
C ASP A 60 -7.67 0.61 10.92
N ILE A 61 -7.11 0.98 9.79
CA ILE A 61 -6.12 2.04 9.72
C ILE A 61 -6.73 3.42 9.95
N GLU A 62 -7.96 3.66 9.48
CA GLU A 62 -8.64 4.96 9.61
C GLU A 62 -7.76 6.15 9.21
N ALA A 63 -6.81 5.91 8.33
CA ALA A 63 -5.88 6.93 7.87
C ALA A 63 -6.62 7.97 7.05
N GLN A 64 -6.24 9.24 7.20
CA GLN A 64 -6.90 10.37 6.57
C GLN A 64 -5.94 11.56 6.60
N LEU A 65 -5.49 11.92 7.80
CA LEU A 65 -4.58 13.05 7.98
C LEU A 65 -3.19 12.67 7.47
N PRO A 66 -2.56 13.49 6.61
CA PRO A 66 -1.22 13.26 6.12
C PRO A 66 -0.17 13.83 7.09
N SER A 67 1.07 13.35 6.97
CA SER A 67 2.19 13.62 7.88
C SER A 67 2.11 12.66 9.07
N GLU A 68 3.16 12.63 9.89
CA GLU A 68 3.31 11.71 11.01
C GLU A 68 3.24 10.24 10.56
N SER A 69 4.42 9.68 10.27
CA SER A 69 4.58 8.36 9.66
C SER A 69 3.99 8.35 8.25
N MET A 1 7.56 -7.37 -15.60
CA MET A 1 6.37 -7.61 -16.44
C MET A 1 5.12 -7.53 -15.56
N LYS A 2 3.89 -7.74 -16.06
CA LYS A 2 2.70 -7.56 -15.22
C LYS A 2 2.60 -8.63 -14.13
N GLN A 3 2.69 -9.92 -14.47
CA GLN A 3 2.67 -10.95 -13.44
C GLN A 3 4.10 -11.18 -12.94
N ASP A 4 4.69 -10.16 -12.31
CA ASP A 4 6.10 -10.17 -11.97
C ASP A 4 6.27 -9.50 -10.60
N GLY A 5 7.42 -9.70 -9.97
CA GLY A 5 7.82 -8.98 -8.77
C GLY A 5 8.70 -7.79 -9.15
N GLU A 6 9.61 -7.99 -10.11
CA GLU A 6 10.58 -7.03 -10.60
C GLU A 6 11.34 -6.29 -9.50
N GLU A 7 10.79 -5.22 -8.92
CA GLU A 7 11.44 -4.51 -7.82
C GLU A 7 11.45 -5.36 -6.54
N GLY A 8 10.40 -6.13 -6.30
CA GLY A 8 10.39 -7.11 -5.22
C GLY A 8 9.93 -6.49 -3.90
N THR A 9 10.74 -6.66 -2.85
CA THR A 9 10.44 -6.21 -1.49
C THR A 9 11.77 -6.05 -0.76
N GLU A 10 11.80 -5.26 0.31
CA GLU A 10 12.98 -5.00 1.12
C GLU A 10 12.71 -5.52 2.54
N GLU A 11 11.60 -5.09 3.15
CA GLU A 11 11.26 -5.42 4.52
C GLU A 11 9.85 -6.02 4.57
N ASP A 12 8.83 -5.19 4.79
CA ASP A 12 7.41 -5.55 4.82
C ASP A 12 6.70 -4.22 4.70
N THR A 13 6.41 -3.81 3.46
CA THR A 13 5.71 -2.59 3.09
C THR A 13 5.48 -2.58 1.58
N GLU A 14 6.52 -2.90 0.79
CA GLU A 14 6.55 -2.64 -0.64
C GLU A 14 6.54 -3.98 -1.37
N GLU A 15 5.40 -4.33 -1.94
CA GLU A 15 5.17 -5.66 -2.49
C GLU A 15 3.92 -5.67 -3.37
N LYS A 16 3.92 -4.83 -4.42
CA LYS A 16 2.83 -4.75 -5.40
C LYS A 16 1.55 -4.18 -4.80
N CYS A 17 0.67 -3.59 -5.62
CA CYS A 17 -0.51 -2.92 -5.11
C CYS A 17 -1.43 -4.00 -4.57
N THR A 18 -1.99 -3.83 -3.37
CA THR A 18 -2.87 -4.82 -2.78
C THR A 18 -4.29 -4.28 -2.58
N ILE A 19 -4.48 -2.96 -2.69
CA ILE A 19 -5.82 -2.39 -2.78
C ILE A 19 -6.48 -2.88 -4.06
N CYS A 20 -5.82 -2.57 -5.18
CA CYS A 20 -6.32 -2.81 -6.52
C CYS A 20 -5.92 -4.21 -7.01
N LEU A 21 -4.90 -4.80 -6.38
CA LEU A 21 -4.18 -5.96 -6.87
C LEU A 21 -3.59 -5.72 -8.25
N SER A 22 -2.39 -5.16 -8.22
CA SER A 22 -1.60 -4.79 -9.37
C SER A 22 -0.15 -4.66 -8.90
N ILE A 23 0.67 -3.87 -9.59
CA ILE A 23 2.07 -3.61 -9.28
C ILE A 23 2.19 -2.21 -8.69
N LEU A 24 3.39 -1.90 -8.19
CA LEU A 24 3.85 -0.58 -7.85
C LEU A 24 5.26 -0.50 -8.43
N GLU A 25 5.46 0.36 -9.42
CA GLU A 25 6.77 0.69 -9.96
C GLU A 25 7.12 2.10 -9.51
N GLU A 26 8.40 2.43 -9.41
CA GLU A 26 8.75 3.81 -9.11
C GLU A 26 8.39 4.74 -10.27
N GLY A 27 8.17 6.02 -9.95
CA GLY A 27 7.89 7.04 -10.94
C GLY A 27 6.45 7.55 -10.83
N GLU A 28 5.51 6.64 -10.57
CA GLU A 28 4.13 7.04 -10.37
C GLU A 28 3.95 7.71 -9.00
N ASP A 29 2.83 8.42 -8.82
CA ASP A 29 2.46 9.03 -7.56
C ASP A 29 1.97 7.92 -6.63
N VAL A 30 2.93 7.27 -5.99
CA VAL A 30 2.66 6.24 -5.01
C VAL A 30 2.59 6.86 -3.62
N ARG A 31 2.13 6.12 -2.62
CA ARG A 31 2.06 6.58 -1.24
C ARG A 31 2.35 5.43 -0.29
N CYS A 32 2.79 5.75 0.93
CA CYS A 32 3.01 4.76 1.96
C CYS A 32 1.91 4.93 3.01
N LEU A 33 1.26 3.84 3.41
CA LEU A 33 0.41 3.82 4.59
C LEU A 33 1.28 3.55 5.80
N PRO A 34 0.85 3.99 6.99
CA PRO A 34 1.55 3.66 8.22
C PRO A 34 1.42 2.18 8.58
N CYS A 35 0.52 1.41 7.94
CA CYS A 35 0.17 0.07 8.38
C CYS A 35 1.15 -0.97 7.79
N MET A 36 2.43 -0.61 7.67
CA MET A 36 3.49 -1.39 7.04
C MET A 36 3.11 -1.88 5.66
N HIS A 37 2.43 -1.05 4.85
CA HIS A 37 2.09 -1.37 3.47
C HIS A 37 2.06 -0.09 2.64
N LEU A 38 2.35 -0.16 1.34
CA LEU A 38 2.48 0.98 0.46
C LEU A 38 1.80 0.61 -0.84
N PHE A 39 1.01 1.55 -1.38
CA PHE A 39 0.24 1.38 -2.61
C PHE A 39 0.15 2.71 -3.33
N HIS A 40 -0.39 2.71 -4.56
CA HIS A 40 -0.68 3.92 -5.31
C HIS A 40 -1.36 4.98 -4.44
N GLN A 41 -0.92 6.25 -4.51
CA GLN A 41 -1.56 7.36 -3.83
C GLN A 41 -3.06 7.32 -4.15
N VAL A 42 -3.40 7.25 -5.43
CA VAL A 42 -4.80 7.38 -5.83
C VAL A 42 -5.66 6.25 -5.26
N CYS A 43 -5.10 5.05 -5.21
CA CYS A 43 -5.77 3.89 -4.63
C CYS A 43 -6.10 4.21 -3.17
N VAL A 44 -5.09 4.54 -2.34
CA VAL A 44 -5.34 4.78 -0.92
C VAL A 44 -6.34 5.93 -0.74
N ASP A 45 -6.21 6.98 -1.54
CA ASP A 45 -6.94 8.24 -1.41
C ASP A 45 -8.43 8.09 -1.74
N GLN A 46 -8.83 6.92 -2.22
CA GLN A 46 -10.23 6.58 -2.50
C GLN A 46 -10.66 5.37 -1.68
N TRP A 47 -9.75 4.46 -1.39
CA TRP A 47 -10.06 3.24 -0.66
C TRP A 47 -10.29 3.58 0.81
N LEU A 48 -9.62 4.62 1.32
CA LEU A 48 -9.83 5.16 2.66
C LEU A 48 -11.11 5.98 2.80
N ILE A 49 -11.86 6.14 1.71
CA ILE A 49 -13.06 6.96 1.68
C ILE A 49 -14.23 5.97 1.65
N THR A 50 -14.22 5.05 0.70
CA THR A 50 -15.25 4.02 0.61
C THR A 50 -15.06 2.94 1.68
N ASN A 51 -13.85 2.78 2.21
CA ASN A 51 -13.46 1.75 3.18
C ASN A 51 -12.49 2.40 4.17
N LYS A 52 -12.06 1.69 5.23
CA LYS A 52 -11.30 2.38 6.28
C LYS A 52 -10.45 1.44 7.13
N LYS A 53 -9.75 0.49 6.50
CA LYS A 53 -9.09 -0.60 7.21
C LYS A 53 -7.95 -1.18 6.40
N CYS A 54 -6.84 -1.58 7.05
CA CYS A 54 -5.67 -2.09 6.33
C CYS A 54 -6.11 -3.37 5.60
N PRO A 55 -5.65 -3.68 4.38
CA PRO A 55 -6.03 -4.91 3.71
C PRO A 55 -5.32 -6.09 4.37
N ILE A 56 -3.99 -6.17 4.19
CA ILE A 56 -3.20 -7.32 4.63
C ILE A 56 -3.30 -7.47 6.15
N CYS A 57 -3.00 -6.40 6.89
CA CYS A 57 -3.04 -6.45 8.35
C CYS A 57 -4.47 -6.72 8.84
N ARG A 58 -5.48 -6.39 8.02
CA ARG A 58 -6.90 -6.43 8.36
C ARG A 58 -7.30 -5.61 9.58
N VAL A 59 -6.41 -4.86 10.24
CA VAL A 59 -6.79 -4.10 11.42
C VAL A 59 -7.39 -2.82 10.88
N ASP A 60 -8.47 -2.34 11.48
CA ASP A 60 -9.18 -1.24 10.87
C ASP A 60 -8.51 0.06 11.25
N ILE A 61 -7.60 0.51 10.38
CA ILE A 61 -6.73 1.62 10.70
C ILE A 61 -7.46 2.97 10.73
N GLU A 62 -8.61 3.07 10.06
CA GLU A 62 -9.45 4.25 9.86
C GLU A 62 -8.77 5.52 9.32
N ALA A 63 -7.48 5.44 9.02
CA ALA A 63 -6.60 6.52 8.62
C ALA A 63 -6.53 7.65 9.64
N GLN A 64 -5.54 8.51 9.45
CA GLN A 64 -5.24 9.59 10.39
C GLN A 64 -4.31 10.60 9.72
N LEU A 65 -3.30 10.11 9.00
CA LEU A 65 -2.40 10.94 8.20
C LEU A 65 -2.55 10.62 6.72
N PRO A 66 -3.62 11.10 6.06
CA PRO A 66 -3.76 11.01 4.61
C PRO A 66 -2.76 11.96 3.94
N SER A 67 -2.75 12.02 2.61
CA SER A 67 -1.93 12.98 1.91
C SER A 67 -2.64 13.31 0.60
N GLU A 68 -3.42 14.39 0.61
CA GLU A 68 -4.25 14.82 -0.51
C GLU A 68 -3.37 15.22 -1.70
N SER A 69 -4.00 15.58 -2.82
CA SER A 69 -3.38 15.93 -4.08
C SER A 69 -4.02 17.23 -4.54
N MET A 1 32.62 -7.99 -13.84
CA MET A 1 32.84 -6.53 -13.89
C MET A 1 32.37 -5.89 -12.59
N LYS A 2 31.05 -5.81 -12.38
CA LYS A 2 30.44 -5.37 -11.15
C LYS A 2 29.25 -6.31 -10.94
N GLN A 3 29.02 -6.73 -9.70
CA GLN A 3 27.99 -7.68 -9.32
C GLN A 3 27.52 -7.28 -7.93
N ASP A 4 26.37 -7.80 -7.50
CA ASP A 4 25.69 -7.38 -6.29
C ASP A 4 25.22 -8.64 -5.57
N GLY A 5 24.61 -8.49 -4.39
CA GLY A 5 24.11 -9.59 -3.59
C GLY A 5 23.15 -9.05 -2.54
N GLU A 6 22.60 -9.93 -1.72
CA GLU A 6 21.47 -9.63 -0.86
C GLU A 6 21.85 -9.80 0.61
N GLU A 7 20.96 -9.36 1.51
CA GLU A 7 21.13 -9.45 2.94
C GLU A 7 19.72 -9.70 3.48
N GLY A 8 19.51 -10.84 4.11
CA GLY A 8 18.19 -11.22 4.62
C GLY A 8 17.76 -10.23 5.70
N THR A 9 16.71 -9.46 5.44
CA THR A 9 16.24 -8.40 6.32
C THR A 9 14.71 -8.47 6.35
N GLU A 10 14.11 -8.11 7.47
CA GLU A 10 12.66 -8.17 7.66
C GLU A 10 11.94 -6.97 7.04
N GLU A 11 12.64 -5.85 6.89
CA GLU A 11 12.04 -4.57 6.54
C GLU A 11 11.93 -4.42 5.03
N ASP A 12 11.08 -5.25 4.40
CA ASP A 12 10.89 -5.26 2.95
C ASP A 12 9.44 -5.62 2.65
N THR A 13 8.55 -4.63 2.81
CA THR A 13 7.10 -4.83 2.82
C THR A 13 6.41 -4.13 1.66
N GLU A 14 7.15 -3.29 0.94
CA GLU A 14 6.68 -2.65 -0.28
C GLU A 14 6.64 -3.66 -1.42
N GLU A 15 5.48 -3.90 -2.02
CA GLU A 15 5.33 -4.82 -3.13
C GLU A 15 4.05 -4.45 -3.91
N LYS A 16 3.52 -5.35 -4.73
CA LYS A 16 2.29 -5.18 -5.53
C LYS A 16 1.14 -4.49 -4.77
N CYS A 17 0.40 -3.65 -5.49
CA CYS A 17 -0.79 -2.97 -4.97
C CYS A 17 -1.73 -4.06 -4.49
N THR A 18 -2.28 -3.93 -3.29
CA THR A 18 -3.18 -4.94 -2.72
C THR A 18 -4.54 -4.34 -2.39
N ILE A 19 -4.71 -3.02 -2.50
CA ILE A 19 -6.04 -2.41 -2.58
C ILE A 19 -6.73 -2.96 -3.82
N CYS A 20 -6.07 -2.79 -4.96
CA CYS A 20 -6.63 -3.01 -6.29
C CYS A 20 -6.17 -4.37 -6.85
N LEU A 21 -5.11 -4.94 -6.28
CA LEU A 21 -4.36 -6.06 -6.85
C LEU A 21 -3.80 -5.67 -8.21
N SER A 22 -2.64 -5.02 -8.18
CA SER A 22 -1.93 -4.52 -9.34
C SER A 22 -0.46 -4.37 -8.95
N ILE A 23 0.31 -3.56 -9.66
CA ILE A 23 1.74 -3.42 -9.46
C ILE A 23 2.03 -2.00 -8.96
N LEU A 24 3.13 -1.88 -8.21
CA LEU A 24 3.71 -0.63 -7.79
C LEU A 24 5.14 -0.63 -8.28
N GLU A 25 5.39 0.07 -9.39
CA GLU A 25 6.74 0.42 -9.79
C GLU A 25 7.04 1.81 -9.24
N GLU A 26 8.33 2.15 -9.19
CA GLU A 26 8.75 3.50 -8.83
C GLU A 26 8.42 4.47 -9.97
N GLY A 27 8.63 5.77 -9.73
CA GLY A 27 8.41 6.81 -10.73
C GLY A 27 7.09 7.53 -10.48
N GLU A 28 6.02 6.77 -10.22
CA GLU A 28 4.71 7.33 -9.99
C GLU A 28 4.61 7.96 -8.59
N ASP A 29 3.67 8.89 -8.42
CA ASP A 29 3.28 9.43 -7.12
C ASP A 29 2.43 8.38 -6.42
N VAL A 30 3.11 7.41 -5.81
CA VAL A 30 2.51 6.36 -5.02
C VAL A 30 2.37 6.87 -3.57
N ARG A 31 1.82 6.08 -2.64
CA ARG A 31 1.73 6.48 -1.23
C ARG A 31 2.09 5.29 -0.35
N CYS A 32 2.64 5.54 0.84
CA CYS A 32 2.91 4.53 1.83
C CYS A 32 2.00 4.79 3.03
N LEU A 33 1.33 3.75 3.51
CA LEU A 33 0.51 3.81 4.71
C LEU A 33 1.28 3.25 5.90
N PRO A 34 1.01 3.75 7.11
CA PRO A 34 1.72 3.37 8.31
C PRO A 34 1.41 1.93 8.74
N CYS A 35 0.29 1.33 8.29
CA CYS A 35 0.05 -0.08 8.49
C CYS A 35 0.80 -0.82 7.35
N MET A 36 2.13 -0.83 7.50
CA MET A 36 3.23 -1.51 6.82
C MET A 36 3.00 -1.92 5.36
N HIS A 37 2.24 -1.13 4.60
CA HIS A 37 1.90 -1.48 3.24
C HIS A 37 1.82 -0.19 2.45
N LEU A 38 2.15 -0.26 1.17
CA LEU A 38 2.25 0.91 0.31
C LEU A 38 1.47 0.54 -0.94
N PHE A 39 0.68 1.49 -1.45
CA PHE A 39 -0.19 1.32 -2.59
C PHE A 39 -0.28 2.62 -3.36
N HIS A 40 -0.87 2.59 -4.54
CA HIS A 40 -1.07 3.78 -5.35
C HIS A 40 -1.71 4.89 -4.53
N GLN A 41 -1.20 6.13 -4.66
CA GLN A 41 -1.75 7.25 -3.92
C GLN A 41 -3.26 7.35 -4.14
N VAL A 42 -3.68 7.40 -5.40
CA VAL A 42 -5.11 7.50 -5.70
C VAL A 42 -5.91 6.35 -5.08
N CYS A 43 -5.35 5.15 -5.11
CA CYS A 43 -6.01 3.97 -4.54
C CYS A 43 -6.27 4.26 -3.06
N VAL A 44 -5.26 4.60 -2.26
CA VAL A 44 -5.50 4.84 -0.85
C VAL A 44 -6.49 6.00 -0.66
N ASP A 45 -6.35 7.05 -1.45
CA ASP A 45 -7.08 8.31 -1.34
C ASP A 45 -8.55 8.18 -1.79
N GLN A 46 -8.94 6.99 -2.24
CA GLN A 46 -10.34 6.65 -2.55
C GLN A 46 -10.81 5.43 -1.75
N TRP A 47 -9.92 4.50 -1.44
CA TRP A 47 -10.28 3.28 -0.74
C TRP A 47 -10.51 3.62 0.73
N LEU A 48 -9.82 4.61 1.26
CA LEU A 48 -10.04 5.13 2.61
C LEU A 48 -11.30 6.00 2.70
N ILE A 49 -11.99 6.23 1.59
CA ILE A 49 -13.17 7.06 1.53
C ILE A 49 -14.36 6.09 1.52
N THR A 50 -14.32 5.10 0.64
CA THR A 50 -15.37 4.09 0.55
C THR A 50 -15.17 2.97 1.60
N ASN A 51 -14.00 2.89 2.22
CA ASN A 51 -13.61 1.80 3.12
C ASN A 51 -12.74 2.35 4.25
N LYS A 52 -12.43 1.57 5.29
CA LYS A 52 -11.74 2.11 6.47
C LYS A 52 -10.90 1.09 7.25
N LYS A 53 -10.36 0.09 6.53
CA LYS A 53 -9.76 -1.12 7.09
C LYS A 53 -8.62 -1.59 6.20
N CYS A 54 -7.48 -1.95 6.78
CA CYS A 54 -6.27 -2.29 6.03
C CYS A 54 -6.57 -3.60 5.26
N PRO A 55 -6.04 -3.88 4.06
CA PRO A 55 -6.42 -5.09 3.35
C PRO A 55 -5.68 -6.31 3.92
N ILE A 56 -4.35 -6.25 4.00
CA ILE A 56 -3.54 -7.39 4.45
C ILE A 56 -3.52 -7.43 5.98
N CYS A 57 -2.99 -6.38 6.61
CA CYS A 57 -2.83 -6.31 8.05
C CYS A 57 -4.20 -6.33 8.74
N ARG A 58 -5.28 -5.97 8.03
CA ARG A 58 -6.65 -6.07 8.50
C ARG A 58 -6.96 -5.22 9.72
N VAL A 59 -6.05 -4.34 10.15
CA VAL A 59 -6.32 -3.43 11.25
C VAL A 59 -7.12 -2.27 10.68
N ASP A 60 -8.17 -1.84 11.38
CA ASP A 60 -8.91 -0.65 11.04
C ASP A 60 -7.99 0.57 11.13
N ILE A 61 -7.58 1.08 9.97
CA ILE A 61 -6.74 2.27 10.00
C ILE A 61 -7.52 3.51 10.41
N GLU A 62 -8.81 3.61 10.07
CA GLU A 62 -9.63 4.82 10.17
C GLU A 62 -8.99 6.11 9.61
N ALA A 63 -7.89 5.99 8.87
CA ALA A 63 -7.20 7.14 8.31
C ALA A 63 -8.10 7.84 7.31
N GLN A 64 -8.28 9.13 7.52
CA GLN A 64 -9.18 9.97 6.73
C GLN A 64 -8.79 11.43 6.91
N LEU A 65 -8.56 11.85 8.15
CA LEU A 65 -8.01 13.17 8.48
C LEU A 65 -6.85 12.97 9.47
N PRO A 66 -5.66 12.55 9.00
CA PRO A 66 -4.49 12.37 9.85
C PRO A 66 -3.78 13.71 10.07
N SER A 67 -4.51 14.72 10.56
CA SER A 67 -4.00 16.08 10.68
C SER A 67 -3.63 16.69 9.31
N GLU A 68 -2.91 17.82 9.34
CA GLU A 68 -2.34 18.48 8.18
C GLU A 68 -0.84 18.22 8.22
N SER A 69 -0.22 17.97 7.07
CA SER A 69 1.21 17.71 6.97
C SER A 69 1.62 17.88 5.51
N MET A 1 15.61 -29.14 -16.97
CA MET A 1 16.73 -28.86 -17.90
C MET A 1 17.06 -27.37 -17.86
N LYS A 2 17.62 -26.87 -16.76
CA LYS A 2 18.05 -25.49 -16.63
C LYS A 2 18.92 -25.37 -15.38
N GLN A 3 19.29 -24.15 -14.97
CA GLN A 3 19.98 -23.87 -13.74
C GLN A 3 19.31 -22.63 -13.15
N ASP A 4 19.01 -22.65 -11.86
CA ASP A 4 18.38 -21.57 -11.11
C ASP A 4 18.27 -22.03 -9.65
N GLY A 5 18.03 -21.13 -8.70
CA GLY A 5 17.76 -21.51 -7.32
C GLY A 5 18.09 -20.38 -6.37
N GLU A 6 17.08 -19.87 -5.65
CA GLU A 6 17.30 -18.85 -4.62
C GLU A 6 16.14 -18.95 -3.62
N GLU A 7 16.40 -18.70 -2.33
CA GLU A 7 15.40 -18.63 -1.28
C GLU A 7 16.10 -18.00 -0.08
N GLY A 8 15.40 -17.11 0.63
CA GLY A 8 15.84 -16.56 1.90
C GLY A 8 15.74 -15.03 1.89
N THR A 9 14.59 -14.48 2.27
CA THR A 9 14.39 -13.05 2.34
C THR A 9 13.27 -12.77 3.35
N GLU A 10 13.26 -11.57 3.92
CA GLU A 10 12.29 -11.10 4.90
C GLU A 10 11.74 -9.75 4.44
N GLU A 11 11.13 -9.74 3.25
CA GLU A 11 10.43 -8.55 2.79
C GLU A 11 8.94 -8.78 3.01
N ASP A 12 8.33 -7.89 3.79
CA ASP A 12 6.91 -7.88 4.07
C ASP A 12 6.50 -6.47 4.50
N THR A 13 6.75 -5.46 3.67
CA THR A 13 6.48 -4.08 4.02
C THR A 13 6.08 -3.28 2.77
N GLU A 14 6.96 -3.11 1.78
CA GLU A 14 6.65 -2.24 0.66
C GLU A 14 6.80 -2.95 -0.69
N GLU A 15 5.78 -3.74 -1.04
CA GLU A 15 5.72 -4.47 -2.29
C GLU A 15 4.34 -4.31 -2.95
N LYS A 16 4.32 -4.08 -4.27
CA LYS A 16 3.16 -4.10 -5.17
C LYS A 16 1.90 -3.37 -4.66
N CYS A 17 0.81 -3.39 -5.44
CA CYS A 17 -0.45 -2.84 -4.95
C CYS A 17 -1.25 -4.01 -4.42
N THR A 18 -1.92 -3.83 -3.28
CA THR A 18 -2.77 -4.85 -2.68
C THR A 18 -4.18 -4.30 -2.36
N ILE A 19 -4.39 -2.98 -2.41
CA ILE A 19 -5.75 -2.44 -2.48
C ILE A 19 -6.43 -3.02 -3.73
N CYS A 20 -5.78 -2.78 -4.88
CA CYS A 20 -6.32 -3.09 -6.19
C CYS A 20 -5.82 -4.47 -6.65
N LEU A 21 -4.75 -4.98 -6.04
CA LEU A 21 -3.96 -6.09 -6.53
C LEU A 21 -3.41 -5.78 -7.92
N SER A 22 -2.26 -5.11 -7.93
CA SER A 22 -1.53 -4.72 -9.12
C SER A 22 -0.07 -4.58 -8.70
N ILE A 23 0.69 -3.68 -9.34
CA ILE A 23 2.10 -3.46 -9.12
C ILE A 23 2.31 -1.97 -8.85
N LEU A 24 3.43 -1.65 -8.19
CA LEU A 24 3.90 -0.30 -7.98
C LEU A 24 5.30 -0.22 -8.55
N GLU A 25 5.43 0.33 -9.75
CA GLU A 25 6.72 0.71 -10.28
C GLU A 25 7.08 2.07 -9.68
N GLU A 26 8.37 2.37 -9.56
CA GLU A 26 8.80 3.70 -9.14
C GLU A 26 8.61 4.69 -10.28
N GLY A 27 8.64 5.99 -9.97
CA GLY A 27 8.49 7.06 -10.94
C GLY A 27 7.16 7.77 -10.71
N GLU A 28 6.09 7.00 -10.51
CA GLU A 28 4.77 7.56 -10.28
C GLU A 28 4.68 8.17 -8.88
N ASP A 29 3.75 9.12 -8.72
CA ASP A 29 3.41 9.71 -7.42
C ASP A 29 2.52 8.72 -6.68
N VAL A 30 3.16 7.71 -6.11
CA VAL A 30 2.50 6.70 -5.29
C VAL A 30 2.41 7.25 -3.85
N ARG A 31 1.77 6.53 -2.92
CA ARG A 31 1.70 6.94 -1.52
C ARG A 31 2.11 5.77 -0.63
N CYS A 32 2.49 6.05 0.61
CA CYS A 32 2.71 5.03 1.63
C CYS A 32 1.78 5.35 2.78
N LEU A 33 1.16 4.32 3.35
CA LEU A 33 0.40 4.42 4.58
C LEU A 33 1.26 3.90 5.73
N PRO A 34 1.08 4.45 6.94
CA PRO A 34 1.87 4.07 8.08
C PRO A 34 1.57 2.65 8.56
N CYS A 35 0.60 1.93 7.95
CA CYS A 35 0.23 0.60 8.40
C CYS A 35 1.15 -0.47 7.78
N MET A 36 2.44 -0.14 7.63
CA MET A 36 3.51 -0.91 6.98
C MET A 36 3.15 -1.40 5.59
N HIS A 37 2.46 -0.59 4.77
CA HIS A 37 2.09 -0.93 3.41
C HIS A 37 2.02 0.34 2.57
N LEU A 38 2.30 0.24 1.26
CA LEU A 38 2.22 1.39 0.35
C LEU A 38 1.38 1.00 -0.85
N PHE A 39 0.67 1.96 -1.46
CA PHE A 39 -0.15 1.70 -2.64
C PHE A 39 -0.25 2.97 -3.47
N HIS A 40 -0.79 2.84 -4.68
CA HIS A 40 -1.07 3.97 -5.54
C HIS A 40 -1.80 5.07 -4.77
N GLN A 41 -1.38 6.33 -4.90
CA GLN A 41 -2.04 7.41 -4.17
C GLN A 41 -3.54 7.38 -4.46
N VAL A 42 -3.95 7.31 -5.73
CA VAL A 42 -5.36 7.28 -6.08
C VAL A 42 -6.12 6.14 -5.39
N CYS A 43 -5.49 4.96 -5.32
CA CYS A 43 -6.08 3.79 -4.70
C CYS A 43 -6.40 4.12 -3.24
N VAL A 44 -5.43 4.56 -2.44
CA VAL A 44 -5.69 4.86 -1.04
C VAL A 44 -6.72 5.98 -0.91
N ASP A 45 -6.61 6.99 -1.75
CA ASP A 45 -7.42 8.20 -1.76
C ASP A 45 -8.88 7.89 -2.11
N GLN A 46 -9.19 6.66 -2.50
CA GLN A 46 -10.54 6.18 -2.84
C GLN A 46 -10.94 5.01 -1.95
N TRP A 47 -9.98 4.19 -1.51
CA TRP A 47 -10.26 3.00 -0.73
C TRP A 47 -10.44 3.37 0.73
N LEU A 48 -9.89 4.51 1.17
CA LEU A 48 -10.14 5.10 2.48
C LEU A 48 -11.45 5.90 2.51
N ILE A 49 -12.18 5.91 1.39
CA ILE A 49 -13.45 6.62 1.25
C ILE A 49 -14.53 5.54 1.29
N THR A 50 -14.43 4.53 0.42
CA THR A 50 -15.36 3.41 0.42
C THR A 50 -15.02 2.36 1.49
N ASN A 51 -13.85 2.48 2.13
CA ASN A 51 -13.40 1.57 3.16
C ASN A 51 -12.49 2.30 4.14
N LYS A 52 -11.94 1.61 5.15
CA LYS A 52 -11.21 2.30 6.20
C LYS A 52 -10.36 1.36 7.09
N LYS A 53 -9.87 0.25 6.54
CA LYS A 53 -9.28 -0.83 7.31
C LYS A 53 -8.17 -1.51 6.52
N CYS A 54 -7.04 -1.85 7.16
CA CYS A 54 -5.81 -2.16 6.44
C CYS A 54 -6.03 -3.51 5.74
N PRO A 55 -5.64 -3.72 4.47
CA PRO A 55 -6.11 -4.87 3.73
C PRO A 55 -5.38 -6.14 4.16
N ILE A 56 -4.05 -6.05 4.33
CA ILE A 56 -3.20 -7.18 4.63
C ILE A 56 -3.16 -7.36 6.14
N CYS A 57 -2.72 -6.32 6.83
CA CYS A 57 -2.53 -6.28 8.27
C CYS A 57 -3.88 -6.35 9.00
N ARG A 58 -5.00 -6.06 8.35
CA ARG A 58 -6.35 -6.28 8.87
C ARG A 58 -6.58 -5.62 10.23
N VAL A 59 -5.88 -4.52 10.51
CA VAL A 59 -6.21 -3.64 11.62
C VAL A 59 -6.97 -2.46 11.03
N ASP A 60 -8.13 -2.14 11.58
CA ASP A 60 -8.92 -1.02 11.10
C ASP A 60 -8.22 0.30 11.42
N ILE A 61 -7.52 0.87 10.43
CA ILE A 61 -6.73 2.05 10.72
C ILE A 61 -7.60 3.30 10.97
N GLU A 62 -8.82 3.37 10.41
CA GLU A 62 -9.67 4.57 10.49
C GLU A 62 -9.01 5.84 9.92
N ALA A 63 -7.81 5.73 9.34
CA ALA A 63 -7.04 6.89 8.96
C ALA A 63 -7.72 7.66 7.84
N GLN A 64 -7.91 8.95 8.08
CA GLN A 64 -8.56 9.87 7.18
C GLN A 64 -8.18 11.29 7.61
N LEU A 65 -6.89 11.50 7.89
CA LEU A 65 -6.40 12.78 8.37
C LEU A 65 -6.69 13.88 7.33
N PRO A 66 -7.13 15.06 7.77
CA PRO A 66 -7.52 16.14 6.88
C PRO A 66 -6.30 16.84 6.31
N SER A 67 -6.49 17.49 5.15
CA SER A 67 -5.50 18.14 4.31
C SER A 67 -5.13 17.17 3.19
N GLU A 68 -4.37 17.66 2.22
CA GLU A 68 -3.66 16.83 1.28
C GLU A 68 -2.18 17.22 1.42
N SER A 69 -1.29 16.63 0.63
CA SER A 69 0.15 16.84 0.67
C SER A 69 0.58 17.42 -0.65
N MET A 1 21.02 -37.50 -7.59
CA MET A 1 21.75 -36.87 -8.70
C MET A 1 22.04 -35.42 -8.35
N LYS A 2 21.18 -34.46 -8.69
CA LYS A 2 21.36 -33.07 -8.33
C LYS A 2 20.03 -32.55 -7.81
N GLN A 3 20.04 -31.68 -6.80
CA GLN A 3 18.90 -30.88 -6.39
C GLN A 3 19.40 -29.78 -5.46
N ASP A 4 18.56 -28.80 -5.16
CA ASP A 4 18.87 -27.65 -4.33
C ASP A 4 17.57 -27.19 -3.66
N GLY A 5 17.62 -26.09 -2.93
CA GLY A 5 16.47 -25.54 -2.22
C GLY A 5 16.86 -24.20 -1.59
N GLU A 6 15.91 -23.53 -0.95
CA GLU A 6 16.12 -22.22 -0.34
C GLU A 6 15.20 -22.12 0.88
N GLU A 7 15.25 -21.01 1.61
CA GLU A 7 14.58 -20.83 2.89
C GLU A 7 13.86 -19.48 2.89
N GLY A 8 14.57 -18.40 2.57
CA GLY A 8 13.98 -17.09 2.38
C GLY A 8 14.41 -16.11 3.46
N THR A 9 13.61 -15.07 3.70
CA THR A 9 13.78 -14.16 4.81
C THR A 9 12.44 -13.45 5.04
N GLU A 10 12.39 -12.48 5.97
CA GLU A 10 11.15 -11.84 6.37
C GLU A 10 11.39 -10.33 6.43
N GLU A 11 11.60 -9.73 5.26
CA GLU A 11 12.01 -8.33 5.12
C GLU A 11 11.37 -7.79 3.84
N ASP A 12 10.06 -8.00 3.66
CA ASP A 12 9.35 -7.73 2.43
C ASP A 12 7.87 -7.73 2.76
N THR A 13 7.33 -6.54 2.98
CA THR A 13 5.92 -6.34 3.29
C THR A 13 5.32 -5.24 2.43
N GLU A 14 6.03 -4.12 2.28
CA GLU A 14 5.55 -3.00 1.50
C GLU A 14 6.03 -3.10 0.05
N GLU A 15 5.40 -3.98 -0.74
CA GLU A 15 5.63 -4.09 -2.17
C GLU A 15 4.27 -4.38 -2.82
N LYS A 16 4.07 -3.94 -4.08
CA LYS A 16 2.91 -4.21 -4.92
C LYS A 16 1.59 -3.62 -4.41
N CYS A 17 0.74 -3.22 -5.37
CA CYS A 17 -0.54 -2.64 -5.00
C CYS A 17 -1.35 -3.81 -4.45
N THR A 18 -1.95 -3.66 -3.27
CA THR A 18 -2.73 -4.72 -2.66
C THR A 18 -4.14 -4.23 -2.31
N ILE A 19 -4.43 -2.94 -2.53
CA ILE A 19 -5.80 -2.48 -2.67
C ILE A 19 -6.38 -3.14 -3.91
N CYS A 20 -5.71 -2.93 -5.05
CA CYS A 20 -6.19 -3.27 -6.37
C CYS A 20 -5.61 -4.61 -6.83
N LEU A 21 -4.54 -5.07 -6.18
CA LEU A 21 -3.72 -6.22 -6.59
C LEU A 21 -3.12 -5.96 -7.98
N SER A 22 -2.00 -5.26 -7.97
CA SER A 22 -1.23 -4.89 -9.15
C SER A 22 0.21 -4.62 -8.68
N ILE A 23 0.97 -3.85 -9.46
CA ILE A 23 2.35 -3.51 -9.16
C ILE A 23 2.42 -2.06 -8.68
N LEU A 24 3.57 -1.69 -8.13
CA LEU A 24 3.94 -0.33 -7.79
C LEU A 24 5.34 -0.11 -8.32
N GLU A 25 5.44 0.55 -9.46
CA GLU A 25 6.68 1.04 -10.01
C GLU A 25 6.98 2.41 -9.40
N GLU A 26 8.26 2.71 -9.16
CA GLU A 26 8.66 4.03 -8.68
C GLU A 26 8.53 5.03 -9.83
N GLY A 27 8.39 6.31 -9.50
CA GLY A 27 8.27 7.38 -10.48
C GLY A 27 6.87 7.97 -10.44
N GLU A 28 5.85 7.12 -10.36
CA GLU A 28 4.47 7.56 -10.22
C GLU A 28 4.25 8.21 -8.87
N ASP A 29 3.18 9.02 -8.77
CA ASP A 29 2.71 9.58 -7.50
C ASP A 29 2.00 8.48 -6.75
N VAL A 30 2.79 7.64 -6.08
CA VAL A 30 2.33 6.59 -5.22
C VAL A 30 2.21 7.15 -3.80
N ARG A 31 1.70 6.38 -2.83
CA ARG A 31 1.49 6.88 -1.47
C ARG A 31 1.76 5.78 -0.46
N CYS A 32 2.23 6.12 0.73
CA CYS A 32 2.62 5.16 1.74
C CYS A 32 1.64 5.29 2.91
N LEU A 33 0.99 4.19 3.28
CA LEU A 33 0.22 4.11 4.50
C LEU A 33 1.17 3.81 5.65
N PRO A 34 0.82 4.18 6.88
CA PRO A 34 1.63 3.89 8.04
C PRO A 34 1.63 2.39 8.39
N CYS A 35 0.70 1.59 7.85
CA CYS A 35 0.47 0.24 8.34
C CYS A 35 1.40 -0.78 7.63
N MET A 36 2.67 -0.43 7.46
CA MET A 36 3.72 -1.15 6.74
C MET A 36 3.31 -1.53 5.33
N HIS A 37 2.57 -0.67 4.63
CA HIS A 37 2.15 -0.93 3.26
C HIS A 37 2.09 0.37 2.48
N LEU A 38 2.34 0.32 1.18
CA LEU A 38 2.27 1.48 0.30
C LEU A 38 1.51 1.05 -0.94
N PHE A 39 0.66 1.91 -1.50
CA PHE A 39 -0.10 1.64 -2.71
C PHE A 39 -0.26 2.92 -3.50
N HIS A 40 -0.78 2.82 -4.72
CA HIS A 40 -1.06 3.97 -5.57
C HIS A 40 -1.83 5.05 -4.79
N GLN A 41 -1.42 6.32 -4.90
CA GLN A 41 -2.11 7.43 -4.25
C GLN A 41 -3.61 7.37 -4.53
N VAL A 42 -3.98 7.26 -5.81
CA VAL A 42 -5.38 7.26 -6.19
C VAL A 42 -6.16 6.13 -5.52
N CYS A 43 -5.53 4.95 -5.44
CA CYS A 43 -6.13 3.78 -4.83
C CYS A 43 -6.46 4.11 -3.38
N VAL A 44 -5.49 4.56 -2.58
CA VAL A 44 -5.78 4.88 -1.18
C VAL A 44 -6.85 5.98 -1.10
N ASP A 45 -6.78 6.97 -1.99
CA ASP A 45 -7.58 8.18 -1.96
C ASP A 45 -9.06 7.94 -2.24
N GLN A 46 -9.44 6.72 -2.64
CA GLN A 46 -10.83 6.29 -2.69
C GLN A 46 -11.09 5.06 -1.83
N TRP A 47 -10.08 4.26 -1.53
CA TRP A 47 -10.28 3.07 -0.73
C TRP A 47 -10.53 3.48 0.71
N LEU A 48 -9.94 4.58 1.16
CA LEU A 48 -10.17 5.19 2.47
C LEU A 48 -11.54 5.86 2.58
N ILE A 49 -12.31 5.88 1.49
CA ILE A 49 -13.61 6.52 1.43
C ILE A 49 -14.63 5.39 1.52
N THR A 50 -14.52 4.39 0.65
CA THR A 50 -15.43 3.25 0.66
C THR A 50 -15.05 2.21 1.73
N ASN A 51 -13.88 2.34 2.34
CA ASN A 51 -13.34 1.40 3.32
C ASN A 51 -12.48 2.18 4.31
N LYS A 52 -12.01 1.55 5.41
CA LYS A 52 -11.31 2.31 6.44
C LYS A 52 -10.30 1.48 7.22
N LYS A 53 -9.73 0.43 6.60
CA LYS A 53 -8.96 -0.59 7.32
C LYS A 53 -7.85 -1.15 6.45
N CYS A 54 -6.70 -1.52 7.04
CA CYS A 54 -5.51 -1.91 6.26
C CYS A 54 -5.92 -3.14 5.43
N PRO A 55 -5.55 -3.31 4.16
CA PRO A 55 -6.12 -4.40 3.38
C PRO A 55 -5.49 -5.71 3.84
N ILE A 56 -4.17 -5.72 4.04
CA ILE A 56 -3.43 -6.89 4.46
C ILE A 56 -3.60 -7.04 5.98
N CYS A 57 -3.20 -6.02 6.74
CA CYS A 57 -3.15 -6.12 8.20
C CYS A 57 -4.57 -6.27 8.78
N ARG A 58 -5.59 -5.80 8.06
CA ARG A 58 -6.99 -5.75 8.50
C ARG A 58 -7.18 -5.15 9.90
N VAL A 59 -6.26 -4.32 10.37
CA VAL A 59 -6.52 -3.51 11.54
C VAL A 59 -7.13 -2.22 11.01
N ASP A 60 -8.21 -1.74 11.61
CA ASP A 60 -8.89 -0.59 11.06
C ASP A 60 -8.04 0.65 11.30
N ILE A 61 -7.33 1.10 10.27
CA ILE A 61 -6.32 2.14 10.38
C ILE A 61 -6.90 3.52 10.70
N GLU A 62 -8.14 3.81 10.27
CA GLU A 62 -8.79 5.12 10.45
C GLU A 62 -8.03 6.31 9.82
N ALA A 63 -6.86 6.11 9.23
CA ALA A 63 -6.02 7.20 8.79
C ALA A 63 -6.70 8.01 7.68
N GLN A 64 -6.73 9.33 7.89
CA GLN A 64 -7.31 10.29 6.98
C GLN A 64 -6.64 11.64 7.23
N LEU A 65 -5.31 11.65 7.33
CA LEU A 65 -4.58 12.92 7.45
C LEU A 65 -4.92 13.79 6.24
N PRO A 66 -4.98 15.12 6.43
CA PRO A 66 -5.32 16.06 5.37
C PRO A 66 -4.20 16.14 4.33
N SER A 67 -2.95 16.01 4.77
CA SER A 67 -1.78 16.21 3.92
C SER A 67 -1.77 17.62 3.31
N GLU A 68 -0.91 17.84 2.31
CA GLU A 68 -0.74 19.16 1.71
C GLU A 68 -1.92 19.45 0.78
N SER A 69 -2.14 18.55 -0.19
CA SER A 69 -3.20 18.61 -1.17
C SER A 69 -3.31 17.22 -1.77
N MET A 1 16.22 -14.57 -23.13
CA MET A 1 14.85 -15.10 -23.27
C MET A 1 13.90 -14.20 -22.50
N LYS A 2 12.59 -14.38 -22.64
CA LYS A 2 11.66 -13.61 -21.83
C LYS A 2 11.86 -14.05 -20.38
N GLN A 3 12.11 -13.11 -19.48
CA GLN A 3 12.25 -13.37 -18.05
C GLN A 3 11.72 -12.14 -17.32
N ASP A 4 11.62 -12.23 -16.00
CA ASP A 4 11.19 -11.15 -15.14
C ASP A 4 11.87 -11.40 -13.79
N GLY A 5 12.08 -10.35 -12.99
CA GLY A 5 12.82 -10.45 -11.75
C GLY A 5 13.24 -9.07 -11.27
N GLU A 6 13.61 -8.96 -9.99
CA GLU A 6 13.89 -7.70 -9.32
C GLU A 6 14.97 -7.96 -8.28
N GLU A 7 15.68 -6.91 -7.86
CA GLU A 7 16.64 -6.93 -6.78
C GLU A 7 16.48 -5.59 -6.08
N GLY A 8 16.06 -5.61 -4.82
CA GLY A 8 15.84 -4.42 -4.02
C GLY A 8 15.88 -4.81 -2.54
N THR A 9 15.77 -3.83 -1.65
CA THR A 9 15.63 -4.07 -0.21
C THR A 9 14.24 -3.63 0.17
N GLU A 10 13.61 -4.37 1.08
CA GLU A 10 12.18 -4.26 1.39
C GLU A 10 11.91 -4.94 2.73
N GLU A 11 12.44 -6.16 2.90
CA GLU A 11 12.19 -7.05 4.03
C GLU A 11 10.72 -7.42 4.13
N ASP A 12 9.87 -6.56 4.72
CA ASP A 12 8.45 -6.82 4.87
C ASP A 12 7.77 -5.48 5.12
N THR A 13 7.41 -4.78 4.04
CA THR A 13 6.74 -3.49 4.10
C THR A 13 5.96 -3.30 2.80
N GLU A 14 6.63 -3.24 1.64
CA GLU A 14 5.93 -2.89 0.41
C GLU A 14 6.26 -3.88 -0.67
N GLU A 15 5.23 -4.49 -1.28
CA GLU A 15 5.37 -5.37 -2.41
C GLU A 15 4.03 -5.32 -3.15
N LYS A 16 3.93 -4.53 -4.24
CA LYS A 16 2.80 -4.54 -5.18
C LYS A 16 1.49 -3.99 -4.60
N CYS A 17 0.60 -3.49 -5.47
CA CYS A 17 -0.63 -2.86 -5.00
C CYS A 17 -1.50 -3.98 -4.46
N THR A 18 -2.06 -3.83 -3.26
CA THR A 18 -2.93 -4.83 -2.68
C THR A 18 -4.37 -4.31 -2.56
N ILE A 19 -4.58 -2.99 -2.61
CA ILE A 19 -5.91 -2.42 -2.74
C ILE A 19 -6.57 -2.99 -3.99
N CYS A 20 -5.92 -2.73 -5.13
CA CYS A 20 -6.42 -3.04 -6.45
C CYS A 20 -5.90 -4.39 -6.94
N LEU A 21 -4.89 -4.95 -6.27
CA LEU A 21 -4.13 -6.11 -6.72
C LEU A 21 -3.51 -5.84 -8.09
N SER A 22 -2.36 -5.17 -8.06
CA SER A 22 -1.58 -4.80 -9.23
C SER A 22 -0.13 -4.64 -8.78
N ILE A 23 0.68 -3.88 -9.49
CA ILE A 23 2.09 -3.63 -9.22
C ILE A 23 2.25 -2.19 -8.75
N LEU A 24 3.41 -1.88 -8.18
CA LEU A 24 3.85 -0.55 -7.79
C LEU A 24 5.27 -0.39 -8.30
N GLU A 25 5.43 0.30 -9.42
CA GLU A 25 6.73 0.69 -9.93
C GLU A 25 7.04 2.09 -9.42
N GLU A 26 8.33 2.48 -9.42
CA GLU A 26 8.68 3.86 -9.09
C GLU A 26 8.38 4.75 -10.31
N GLY A 27 8.26 6.06 -10.06
CA GLY A 27 8.06 7.03 -11.12
C GLY A 27 6.67 7.64 -11.05
N GLU A 28 5.66 6.84 -10.68
CA GLU A 28 4.32 7.35 -10.47
C GLU A 28 4.19 7.99 -9.08
N ASP A 29 3.14 8.78 -8.88
CA ASP A 29 2.79 9.37 -7.59
C ASP A 29 2.13 8.27 -6.76
N VAL A 30 2.95 7.40 -6.19
CA VAL A 30 2.50 6.38 -5.28
C VAL A 30 2.40 6.99 -3.87
N ARG A 31 1.92 6.24 -2.87
CA ARG A 31 1.87 6.73 -1.49
C ARG A 31 2.19 5.59 -0.54
N CYS A 32 2.68 5.90 0.65
CA CYS A 32 2.95 4.92 1.68
C CYS A 32 2.01 5.21 2.83
N LEU A 33 1.37 4.17 3.37
CA LEU A 33 0.58 4.25 4.58
C LEU A 33 1.40 3.71 5.74
N PRO A 34 1.18 4.22 6.95
CA PRO A 34 1.92 3.81 8.13
C PRO A 34 1.54 2.40 8.58
N CYS A 35 0.58 1.73 7.93
CA CYS A 35 0.12 0.41 8.36
C CYS A 35 1.05 -0.69 7.79
N MET A 36 2.36 -0.40 7.68
CA MET A 36 3.41 -1.19 7.05
C MET A 36 3.09 -1.61 5.62
N HIS A 37 2.40 -0.78 4.82
CA HIS A 37 2.07 -1.10 3.44
C HIS A 37 1.99 0.17 2.60
N LEU A 38 2.32 0.08 1.31
CA LEU A 38 2.37 1.21 0.38
C LEU A 38 1.59 0.79 -0.86
N PHE A 39 0.80 1.71 -1.41
CA PHE A 39 -0.03 1.48 -2.59
C PHE A 39 -0.15 2.78 -3.38
N HIS A 40 -0.73 2.72 -4.57
CA HIS A 40 -0.97 3.88 -5.41
C HIS A 40 -1.63 5.01 -4.61
N GLN A 41 -1.17 6.26 -4.75
CA GLN A 41 -1.77 7.40 -4.06
C GLN A 41 -3.27 7.41 -4.33
N VAL A 42 -3.66 7.38 -5.58
CA VAL A 42 -5.08 7.47 -5.95
C VAL A 42 -5.90 6.35 -5.33
N CYS A 43 -5.34 5.14 -5.28
CA CYS A 43 -6.00 3.99 -4.68
C CYS A 43 -6.28 4.33 -3.22
N VAL A 44 -5.28 4.66 -2.40
CA VAL A 44 -5.52 4.95 -0.99
C VAL A 44 -6.48 6.12 -0.83
N ASP A 45 -6.35 7.13 -1.68
CA ASP A 45 -7.06 8.40 -1.61
C ASP A 45 -8.56 8.25 -1.89
N GLN A 46 -9.00 7.06 -2.34
CA GLN A 46 -10.40 6.72 -2.46
C GLN A 46 -10.76 5.51 -1.60
N TRP A 47 -9.83 4.59 -1.35
CA TRP A 47 -10.11 3.38 -0.62
C TRP A 47 -10.32 3.74 0.84
N LEU A 48 -9.66 4.77 1.34
CA LEU A 48 -9.85 5.27 2.70
C LEU A 48 -11.16 6.04 2.86
N ILE A 49 -11.87 6.29 1.77
CA ILE A 49 -13.10 7.04 1.77
C ILE A 49 -14.21 5.99 1.77
N THR A 50 -14.27 5.19 0.70
CA THR A 50 -15.31 4.18 0.54
C THR A 50 -15.09 2.98 1.46
N ASN A 51 -13.89 2.82 2.01
CA ASN A 51 -13.50 1.74 2.90
C ASN A 51 -12.76 2.40 4.06
N LYS A 52 -12.31 1.65 5.08
CA LYS A 52 -11.56 2.24 6.18
C LYS A 52 -10.89 1.17 7.04
N LYS A 53 -10.07 0.31 6.42
CA LYS A 53 -9.46 -0.83 7.07
C LYS A 53 -8.28 -1.35 6.26
N CYS A 54 -7.21 -1.87 6.89
CA CYS A 54 -5.97 -2.24 6.20
C CYS A 54 -6.23 -3.58 5.47
N PRO A 55 -5.71 -3.82 4.25
CA PRO A 55 -6.11 -4.98 3.48
C PRO A 55 -5.37 -6.24 3.96
N ILE A 56 -4.04 -6.18 4.08
CA ILE A 56 -3.23 -7.33 4.45
C ILE A 56 -3.29 -7.49 5.96
N CYS A 57 -2.82 -6.46 6.67
CA CYS A 57 -2.70 -6.42 8.13
C CYS A 57 -4.06 -6.58 8.80
N ARG A 58 -5.16 -6.25 8.10
CA ARG A 58 -6.53 -6.43 8.61
C ARG A 58 -6.71 -5.83 9.99
N VAL A 59 -6.13 -4.66 10.25
CA VAL A 59 -6.48 -3.87 11.41
C VAL A 59 -7.16 -2.64 10.85
N ASP A 60 -8.28 -2.23 11.45
CA ASP A 60 -9.11 -1.23 10.82
C ASP A 60 -8.47 0.15 11.03
N ILE A 61 -7.69 0.58 10.05
CA ILE A 61 -6.97 1.84 10.10
C ILE A 61 -7.88 3.04 9.77
N GLU A 62 -9.12 3.04 10.25
CA GLU A 62 -9.97 4.22 10.17
C GLU A 62 -9.40 5.38 10.98
N ALA A 63 -8.61 5.05 12.00
CA ALA A 63 -8.15 5.93 13.05
C ALA A 63 -9.33 6.69 13.68
N GLN A 64 -9.08 7.83 14.33
CA GLN A 64 -10.02 8.68 15.06
C GLN A 64 -9.31 9.37 16.21
N LEU A 65 -8.40 8.66 16.89
CA LEU A 65 -7.69 9.23 18.03
C LEU A 65 -6.94 10.49 17.59
N PRO A 66 -6.92 11.54 18.41
CA PRO A 66 -6.42 12.84 18.02
C PRO A 66 -4.91 12.76 17.77
N SER A 67 -4.51 12.77 16.50
CA SER A 67 -3.11 12.65 16.12
C SER A 67 -2.87 13.17 14.70
N GLU A 68 -3.57 14.25 14.32
CA GLU A 68 -3.42 14.85 13.01
C GLU A 68 -3.62 16.37 13.16
N SER A 69 -3.65 17.11 12.06
CA SER A 69 -3.81 18.56 12.07
C SER A 69 -5.30 18.94 12.16
N MET A 1 -4.04 -13.44 -17.23
CA MET A 1 -3.39 -12.14 -17.01
C MET A 1 -2.02 -12.40 -16.40
N LYS A 2 -1.16 -11.36 -16.32
CA LYS A 2 0.21 -11.45 -15.80
C LYS A 2 0.87 -12.77 -16.21
N GLN A 3 1.05 -12.96 -17.52
CA GLN A 3 1.75 -14.12 -18.04
C GLN A 3 3.17 -14.13 -17.48
N ASP A 4 3.73 -12.92 -17.36
CA ASP A 4 5.02 -12.60 -16.80
C ASP A 4 4.88 -11.30 -15.99
N GLY A 5 5.97 -10.87 -15.37
CA GLY A 5 6.03 -9.65 -14.59
C GLY A 5 7.09 -9.80 -13.50
N GLU A 6 7.65 -8.67 -13.08
CA GLU A 6 8.76 -8.62 -12.15
C GLU A 6 8.21 -8.66 -10.72
N GLU A 7 8.98 -9.24 -9.80
CA GLU A 7 8.69 -9.13 -8.38
C GLU A 7 8.99 -7.70 -7.92
N GLY A 8 10.23 -7.25 -8.12
CA GLY A 8 10.66 -5.91 -7.78
C GLY A 8 11.71 -5.98 -6.68
N THR A 9 11.75 -4.95 -5.83
CA THR A 9 12.52 -4.95 -4.60
C THR A 9 11.74 -5.70 -3.50
N GLU A 10 12.30 -5.74 -2.29
CA GLU A 10 11.66 -6.04 -1.02
C GLU A 10 12.78 -5.73 -0.02
N GLU A 11 12.43 -5.15 1.11
CA GLU A 11 13.36 -4.87 2.19
C GLU A 11 12.78 -5.41 3.50
N ASP A 12 11.71 -4.80 4.01
CA ASP A 12 11.04 -5.30 5.21
C ASP A 12 9.59 -4.79 5.32
N THR A 13 8.94 -4.48 4.19
CA THR A 13 7.70 -3.73 4.20
C THR A 13 6.64 -4.44 3.33
N GLU A 14 6.45 -4.04 2.07
CA GLU A 14 5.41 -4.61 1.22
C GLU A 14 5.75 -4.28 -0.23
N GLU A 15 5.27 -5.09 -1.16
CA GLU A 15 5.45 -4.86 -2.58
C GLU A 15 4.12 -5.14 -3.28
N LYS A 16 3.83 -4.46 -4.41
CA LYS A 16 2.63 -4.59 -5.23
C LYS A 16 1.36 -3.99 -4.58
N CYS A 17 0.49 -3.42 -5.42
CA CYS A 17 -0.74 -2.78 -4.95
C CYS A 17 -1.65 -3.89 -4.47
N THR A 18 -2.24 -3.75 -3.29
CA THR A 18 -3.16 -4.76 -2.74
C THR A 18 -4.55 -4.16 -2.51
N ILE A 19 -4.72 -2.83 -2.65
CA ILE A 19 -6.05 -2.26 -2.78
C ILE A 19 -6.70 -2.82 -4.05
N CYS A 20 -5.99 -2.63 -5.17
CA CYS A 20 -6.48 -2.91 -6.51
C CYS A 20 -6.01 -4.27 -7.00
N LEU A 21 -5.01 -4.86 -6.32
CA LEU A 21 -4.28 -6.03 -6.78
C LEU A 21 -3.65 -5.78 -8.15
N SER A 22 -2.52 -5.09 -8.13
CA SER A 22 -1.74 -4.73 -9.29
C SER A 22 -0.30 -4.55 -8.82
N ILE A 23 0.54 -3.87 -9.59
CA ILE A 23 1.94 -3.65 -9.28
C ILE A 23 2.11 -2.21 -8.82
N LEU A 24 3.24 -1.96 -8.14
CA LEU A 24 3.75 -0.65 -7.86
C LEU A 24 5.13 -0.59 -8.50
N GLU A 25 5.24 0.08 -9.63
CA GLU A 25 6.53 0.43 -10.20
C GLU A 25 6.95 1.75 -9.58
N GLU A 26 8.23 2.08 -9.69
CA GLU A 26 8.68 3.44 -9.40
C GLU A 26 8.19 4.38 -10.51
N GLY A 27 8.35 5.69 -10.32
CA GLY A 27 7.96 6.68 -11.31
C GLY A 27 6.61 7.29 -10.99
N GLU A 28 5.62 6.47 -10.60
CA GLU A 28 4.34 7.00 -10.15
C GLU A 28 4.51 7.72 -8.81
N ASP A 29 3.67 8.74 -8.57
CA ASP A 29 3.55 9.35 -7.25
C ASP A 29 2.71 8.41 -6.40
N VAL A 30 3.35 7.36 -5.89
CA VAL A 30 2.73 6.35 -5.06
C VAL A 30 2.66 6.87 -3.61
N ARG A 31 2.08 6.13 -2.66
CA ARG A 31 1.97 6.60 -1.29
C ARG A 31 2.11 5.44 -0.30
N CYS A 32 2.51 5.73 0.94
CA CYS A 32 2.90 4.72 1.91
C CYS A 32 2.14 4.93 3.21
N LEU A 33 1.29 3.97 3.58
CA LEU A 33 0.50 4.04 4.79
C LEU A 33 1.36 3.57 5.96
N PRO A 34 1.09 4.06 7.17
CA PRO A 34 1.83 3.66 8.35
C PRO A 34 1.54 2.21 8.75
N CYS A 35 0.50 1.57 8.19
CA CYS A 35 0.06 0.26 8.63
C CYS A 35 0.86 -0.87 7.97
N MET A 36 2.18 -0.67 7.78
CA MET A 36 3.18 -1.50 7.10
C MET A 36 2.85 -1.82 5.65
N HIS A 37 2.11 -0.97 4.93
CA HIS A 37 1.70 -1.26 3.57
C HIS A 37 1.73 0.01 2.75
N LEU A 38 2.05 -0.09 1.45
CA LEU A 38 2.13 1.06 0.56
C LEU A 38 1.39 0.71 -0.72
N PHE A 39 0.65 1.66 -1.30
CA PHE A 39 -0.11 1.44 -2.51
C PHE A 39 -0.15 2.74 -3.31
N HIS A 40 -0.70 2.68 -4.52
CA HIS A 40 -0.94 3.87 -5.31
C HIS A 40 -1.61 4.97 -4.48
N GLN A 41 -1.09 6.20 -4.57
CA GLN A 41 -1.70 7.37 -3.94
C GLN A 41 -3.20 7.41 -4.25
N VAL A 42 -3.59 7.38 -5.52
CA VAL A 42 -4.99 7.45 -5.91
C VAL A 42 -5.84 6.35 -5.30
N CYS A 43 -5.27 5.15 -5.21
CA CYS A 43 -5.96 4.02 -4.60
C CYS A 43 -6.28 4.38 -3.15
N VAL A 44 -5.30 4.80 -2.33
CA VAL A 44 -5.58 5.13 -0.93
C VAL A 44 -6.54 6.31 -0.83
N ASP A 45 -6.41 7.29 -1.73
CA ASP A 45 -7.12 8.57 -1.76
C ASP A 45 -8.64 8.36 -1.83
N GLN A 46 -9.05 7.19 -2.30
CA GLN A 46 -10.46 6.87 -2.52
C GLN A 46 -10.89 5.67 -1.69
N TRP A 47 -9.97 4.73 -1.43
CA TRP A 47 -10.29 3.52 -0.71
C TRP A 47 -10.44 3.85 0.77
N LEU A 48 -9.79 4.90 1.27
CA LEU A 48 -9.96 5.37 2.64
C LEU A 48 -11.25 6.18 2.82
N ILE A 49 -12.00 6.41 1.75
CA ILE A 49 -13.18 7.25 1.76
C ILE A 49 -14.38 6.31 1.68
N THR A 50 -14.39 5.45 0.66
CA THR A 50 -15.42 4.43 0.50
C THR A 50 -15.26 3.35 1.55
N ASN A 51 -14.01 3.10 1.95
CA ASN A 51 -13.63 2.00 2.83
C ASN A 51 -12.73 2.55 3.94
N LYS A 52 -12.33 1.72 4.91
CA LYS A 52 -11.59 2.25 6.06
C LYS A 52 -10.78 1.18 6.80
N LYS A 53 -10.33 0.13 6.12
CA LYS A 53 -9.74 -1.02 6.77
C LYS A 53 -8.56 -1.59 6.02
N CYS A 54 -7.44 -1.85 6.72
CA CYS A 54 -6.21 -2.29 6.08
C CYS A 54 -6.49 -3.67 5.45
N PRO A 55 -5.96 -4.02 4.27
CA PRO A 55 -6.31 -5.29 3.66
C PRO A 55 -5.51 -6.44 4.28
N ILE A 56 -4.17 -6.30 4.32
CA ILE A 56 -3.28 -7.41 4.66
C ILE A 56 -3.17 -7.54 6.18
N CYS A 57 -2.77 -6.46 6.87
CA CYS A 57 -2.72 -6.43 8.32
C CYS A 57 -4.14 -6.57 8.88
N ARG A 58 -5.15 -6.13 8.12
CA ARG A 58 -6.55 -6.45 8.38
C ARG A 58 -7.02 -5.88 9.72
N VAL A 59 -6.38 -4.80 10.16
CA VAL A 59 -6.86 -3.99 11.27
C VAL A 59 -7.55 -2.81 10.62
N ASP A 60 -8.78 -2.50 11.04
CA ASP A 60 -9.48 -1.39 10.47
C ASP A 60 -8.77 -0.10 10.86
N ILE A 61 -8.07 0.53 9.93
CA ILE A 61 -7.23 1.66 10.31
C ILE A 61 -8.04 2.90 10.67
N GLU A 62 -9.17 3.15 9.99
CA GLU A 62 -9.99 4.36 10.14
C GLU A 62 -9.21 5.68 10.06
N ALA A 63 -7.95 5.64 9.63
CA ALA A 63 -7.11 6.81 9.62
C ALA A 63 -7.62 7.81 8.58
N GLN A 64 -7.77 9.05 9.03
CA GLN A 64 -8.18 10.18 8.21
C GLN A 64 -7.33 11.40 8.56
N LEU A 65 -7.13 11.66 9.85
CA LEU A 65 -6.26 12.74 10.33
C LEU A 65 -4.92 12.84 9.58
N PRO A 66 -4.12 11.77 9.47
CA PRO A 66 -2.87 11.79 8.73
C PRO A 66 -3.06 11.48 7.24
N SER A 67 -4.24 11.03 6.83
CA SER A 67 -4.53 10.67 5.46
C SER A 67 -4.94 11.93 4.69
N GLU A 68 -3.97 12.54 4.00
CA GLU A 68 -4.26 13.63 3.08
C GLU A 68 -5.30 13.17 2.05
N SER A 69 -6.07 14.11 1.51
CA SER A 69 -7.18 13.85 0.59
C SER A 69 -7.44 15.11 -0.20
N MET A 1 -4.44 -13.47 -13.49
CA MET A 1 -4.04 -14.51 -12.52
C MET A 1 -2.64 -15.03 -12.83
N LYS A 2 -2.43 -15.80 -13.92
CA LYS A 2 -1.10 -16.30 -14.25
C LYS A 2 -0.08 -15.18 -14.49
N GLN A 3 -0.50 -14.08 -15.11
CA GLN A 3 0.35 -12.91 -15.34
C GLN A 3 0.61 -12.11 -14.06
N ASP A 4 -0.14 -12.36 -12.98
CA ASP A 4 0.10 -11.66 -11.73
C ASP A 4 1.36 -12.27 -11.10
N GLY A 5 2.06 -11.51 -10.26
CA GLY A 5 3.34 -11.95 -9.75
C GLY A 5 3.78 -11.09 -8.58
N GLU A 6 5.08 -10.99 -8.38
CA GLU A 6 5.68 -10.15 -7.35
C GLU A 6 6.52 -9.10 -8.06
N GLU A 7 7.10 -8.19 -7.26
CA GLU A 7 8.01 -7.16 -7.75
C GLU A 7 9.32 -7.42 -7.01
N GLY A 8 9.34 -7.09 -5.71
CA GLY A 8 10.40 -7.46 -4.79
C GLY A 8 9.92 -7.18 -3.38
N THR A 9 10.76 -7.47 -2.39
CA THR A 9 10.62 -7.01 -1.02
C THR A 9 11.96 -7.25 -0.34
N GLU A 10 12.07 -6.83 0.92
CA GLU A 10 13.16 -7.13 1.84
C GLU A 10 12.53 -7.83 3.04
N GLU A 11 11.50 -7.21 3.62
CA GLU A 11 10.81 -7.72 4.78
C GLU A 11 9.30 -7.66 4.48
N ASP A 12 8.54 -6.67 4.98
CA ASP A 12 7.11 -6.55 4.72
C ASP A 12 6.77 -5.08 4.82
N THR A 13 6.91 -4.39 3.70
CA THR A 13 6.59 -2.98 3.59
C THR A 13 6.19 -2.65 2.16
N GLU A 14 6.91 -3.20 1.18
CA GLU A 14 6.66 -2.93 -0.23
C GLU A 14 6.53 -4.26 -0.96
N GLU A 15 5.37 -4.49 -1.61
CA GLU A 15 5.15 -5.59 -2.54
C GLU A 15 3.86 -5.25 -3.31
N LYS A 16 3.99 -4.71 -4.52
CA LYS A 16 2.88 -4.42 -5.44
C LYS A 16 1.69 -3.69 -4.78
N CYS A 17 0.59 -3.53 -5.52
CA CYS A 17 -0.61 -2.89 -4.96
C CYS A 17 -1.50 -4.02 -4.44
N THR A 18 -2.03 -3.88 -3.22
CA THR A 18 -2.92 -4.88 -2.64
C THR A 18 -4.27 -4.27 -2.26
N ILE A 19 -4.46 -2.94 -2.41
CA ILE A 19 -5.80 -2.38 -2.44
C ILE A 19 -6.55 -3.01 -3.62
N CYS A 20 -5.94 -2.87 -4.79
CA CYS A 20 -6.55 -3.12 -6.08
C CYS A 20 -6.11 -4.49 -6.62
N LEU A 21 -5.01 -5.03 -6.10
CA LEU A 21 -4.22 -6.09 -6.72
C LEU A 21 -3.73 -5.64 -8.10
N SER A 22 -2.56 -5.01 -8.09
CA SER A 22 -1.86 -4.51 -9.25
C SER A 22 -0.40 -4.40 -8.85
N ILE A 23 0.36 -3.48 -9.43
CA ILE A 23 1.79 -3.31 -9.27
C ILE A 23 2.08 -1.87 -8.89
N LEU A 24 3.20 -1.66 -8.19
CA LEU A 24 3.70 -0.36 -7.83
C LEU A 24 5.11 -0.26 -8.39
N GLU A 25 5.23 0.36 -9.56
CA GLU A 25 6.51 0.77 -10.11
C GLU A 25 6.93 2.08 -9.45
N GLU A 26 8.23 2.27 -9.21
CA GLU A 26 8.73 3.52 -8.71
C GLU A 26 8.74 4.57 -9.82
N GLY A 27 8.79 5.85 -9.45
CA GLY A 27 8.81 6.95 -10.39
C GLY A 27 7.50 7.72 -10.29
N GLU A 28 6.39 7.00 -10.31
CA GLU A 28 5.08 7.60 -10.15
C GLU A 28 4.91 8.10 -8.71
N ASP A 29 4.01 9.08 -8.52
CA ASP A 29 3.73 9.64 -7.21
C ASP A 29 2.75 8.71 -6.49
N VAL A 30 3.29 7.61 -5.98
CA VAL A 30 2.54 6.61 -5.24
C VAL A 30 2.40 7.10 -3.78
N ARG A 31 1.71 6.36 -2.92
CA ARG A 31 1.58 6.73 -1.51
C ARG A 31 2.02 5.58 -0.63
N CYS A 32 2.51 5.88 0.56
CA CYS A 32 2.82 4.91 1.58
C CYS A 32 1.96 5.25 2.79
N LEU A 33 1.26 4.25 3.30
CA LEU A 33 0.55 4.36 4.56
C LEU A 33 1.45 3.84 5.67
N PRO A 34 1.26 4.33 6.90
CA PRO A 34 2.06 3.89 8.03
C PRO A 34 1.72 2.46 8.47
N CYS A 35 0.75 1.79 7.84
CA CYS A 35 0.32 0.46 8.25
C CYS A 35 1.24 -0.64 7.68
N MET A 36 2.52 -0.32 7.50
CA MET A 36 3.59 -1.09 6.86
C MET A 36 3.21 -1.56 5.47
N HIS A 37 2.43 -0.79 4.71
CA HIS A 37 2.07 -1.13 3.35
C HIS A 37 1.92 0.16 2.54
N LEU A 38 2.26 0.13 1.25
CA LEU A 38 2.19 1.28 0.36
C LEU A 38 1.35 0.90 -0.85
N PHE A 39 0.60 1.84 -1.43
CA PHE A 39 -0.24 1.59 -2.57
C PHE A 39 -0.36 2.86 -3.41
N HIS A 40 -0.91 2.73 -4.61
CA HIS A 40 -1.17 3.87 -5.49
C HIS A 40 -1.85 5.00 -4.73
N GLN A 41 -1.35 6.24 -4.88
CA GLN A 41 -1.96 7.40 -4.24
C GLN A 41 -3.46 7.45 -4.52
N VAL A 42 -3.85 7.32 -5.78
CA VAL A 42 -5.26 7.33 -6.17
C VAL A 42 -6.06 6.22 -5.47
N CYS A 43 -5.46 5.02 -5.38
CA CYS A 43 -6.10 3.88 -4.75
C CYS A 43 -6.40 4.24 -3.29
N VAL A 44 -5.43 4.69 -2.49
CA VAL A 44 -5.70 5.04 -1.10
C VAL A 44 -6.76 6.14 -1.03
N ASP A 45 -6.68 7.11 -1.94
CA ASP A 45 -7.51 8.32 -1.95
C ASP A 45 -8.99 8.02 -2.24
N GLN A 46 -9.32 6.78 -2.60
CA GLN A 46 -10.70 6.33 -2.72
C GLN A 46 -10.98 5.11 -1.84
N TRP A 47 -9.99 4.30 -1.53
CA TRP A 47 -10.20 3.09 -0.76
C TRP A 47 -10.41 3.48 0.70
N LEU A 48 -9.84 4.58 1.15
CA LEU A 48 -10.05 5.13 2.48
C LEU A 48 -11.35 5.90 2.60
N ILE A 49 -12.09 6.01 1.49
CA ILE A 49 -13.38 6.69 1.43
C ILE A 49 -14.43 5.57 1.49
N THR A 50 -14.40 4.65 0.52
CA THR A 50 -15.36 3.56 0.48
C THR A 50 -15.02 2.44 1.47
N ASN A 51 -13.85 2.49 2.10
CA ASN A 51 -13.36 1.47 3.02
C ASN A 51 -12.54 2.16 4.11
N LYS A 52 -12.18 1.46 5.19
CA LYS A 52 -11.45 2.12 6.29
C LYS A 52 -10.73 1.12 7.20
N LYS A 53 -9.96 0.21 6.59
CA LYS A 53 -9.30 -0.91 7.25
C LYS A 53 -8.13 -1.37 6.40
N CYS A 54 -7.06 -1.92 6.98
CA CYS A 54 -5.85 -2.27 6.24
C CYS A 54 -6.19 -3.55 5.43
N PRO A 55 -5.63 -3.79 4.23
CA PRO A 55 -6.02 -4.94 3.44
C PRO A 55 -5.30 -6.20 3.93
N ILE A 56 -3.98 -6.15 4.08
CA ILE A 56 -3.14 -7.29 4.44
C ILE A 56 -3.18 -7.48 5.95
N CYS A 57 -2.67 -6.48 6.66
CA CYS A 57 -2.51 -6.47 8.12
C CYS A 57 -3.88 -6.54 8.81
N ARG A 58 -4.96 -6.17 8.13
CA ARG A 58 -6.34 -6.34 8.60
C ARG A 58 -6.57 -5.70 9.98
N VAL A 59 -5.82 -4.64 10.30
CA VAL A 59 -6.13 -3.79 11.43
C VAL A 59 -6.88 -2.58 10.87
N ASP A 60 -7.95 -2.17 11.52
CA ASP A 60 -8.72 -1.01 11.12
C ASP A 60 -7.89 0.25 11.37
N ILE A 61 -7.28 0.81 10.32
CA ILE A 61 -6.43 1.97 10.55
C ILE A 61 -7.23 3.23 10.85
N GLU A 62 -8.46 3.37 10.32
CA GLU A 62 -9.28 4.59 10.46
C GLU A 62 -8.51 5.88 10.18
N ALA A 63 -7.51 5.76 9.32
CA ALA A 63 -6.70 6.85 8.80
C ALA A 63 -7.56 7.76 7.93
N GLN A 64 -7.10 8.99 7.73
CA GLN A 64 -7.88 10.08 7.15
C GLN A 64 -9.21 10.27 7.90
N LEU A 65 -9.08 10.42 9.22
CA LEU A 65 -10.13 10.63 10.23
C LEU A 65 -11.18 9.51 10.28
N PRO A 66 -11.66 9.15 11.48
CA PRO A 66 -12.66 8.11 11.63
C PRO A 66 -14.02 8.66 11.24
N SER A 67 -14.30 8.76 9.95
CA SER A 67 -15.58 9.17 9.40
C SER A 67 -15.72 8.55 8.01
N GLU A 68 -16.94 8.47 7.51
CA GLU A 68 -17.18 8.15 6.10
C GLU A 68 -17.27 9.49 5.38
N SER A 69 -16.24 9.79 4.60
CA SER A 69 -16.16 11.00 3.79
C SER A 69 -16.45 10.63 2.34
N MET A 1 12.20 3.50 -1.62
CA MET A 1 12.55 3.25 -3.05
C MET A 1 14.07 3.29 -3.21
N LYS A 2 14.68 2.15 -3.54
CA LYS A 2 16.10 1.81 -3.50
C LYS A 2 16.32 0.94 -2.26
N GLN A 3 17.09 -0.12 -2.43
CA GLN A 3 17.36 -1.12 -1.42
C GLN A 3 18.83 -1.50 -1.62
N ASP A 4 19.73 -0.55 -1.31
CA ASP A 4 21.13 -0.57 -1.69
C ASP A 4 22.01 -0.71 -0.45
N GLY A 5 21.62 -1.65 0.43
CA GLY A 5 22.31 -1.94 1.67
C GLY A 5 21.27 -2.43 2.66
N GLU A 6 21.50 -2.19 3.95
CA GLU A 6 20.47 -2.37 4.96
C GLU A 6 19.31 -1.40 4.69
N GLU A 7 18.10 -1.79 5.08
CA GLU A 7 16.90 -0.97 4.92
C GLU A 7 17.00 0.30 5.76
N GLY A 8 17.41 0.19 7.03
CA GLY A 8 17.68 1.34 7.87
C GLY A 8 16.40 1.88 8.52
N THR A 9 15.45 2.36 7.71
CA THR A 9 14.17 2.81 8.18
C THR A 9 13.24 1.62 8.44
N GLU A 10 12.04 1.90 8.96
CA GLU A 10 11.02 0.89 9.23
C GLU A 10 9.93 1.02 8.15
N GLU A 11 9.24 2.17 8.11
CA GLU A 11 8.19 2.39 7.14
C GLU A 11 8.76 2.86 5.79
N ASP A 12 9.31 1.94 5.00
CA ASP A 12 9.48 2.10 3.54
C ASP A 12 9.46 0.68 2.96
N THR A 13 8.27 0.19 2.64
CA THR A 13 8.09 -1.17 2.11
C THR A 13 7.31 -1.11 0.81
N GLU A 14 7.27 -2.23 0.07
CA GLU A 14 6.85 -2.23 -1.32
C GLU A 14 6.34 -3.62 -1.70
N GLU A 15 5.16 -3.71 -2.31
CA GLU A 15 4.77 -4.89 -3.07
C GLU A 15 3.62 -4.51 -4.02
N LYS A 16 3.02 -5.48 -4.71
CA LYS A 16 1.93 -5.31 -5.66
C LYS A 16 0.71 -4.62 -5.01
N CYS A 17 -0.02 -3.82 -5.79
CA CYS A 17 -1.18 -3.09 -5.30
C CYS A 17 -2.21 -4.12 -4.87
N THR A 18 -2.79 -3.96 -3.68
CA THR A 18 -3.77 -4.90 -3.16
C THR A 18 -5.14 -4.23 -2.96
N ILE A 19 -5.20 -2.90 -2.94
CA ILE A 19 -6.48 -2.18 -3.00
C ILE A 19 -7.18 -2.53 -4.30
N CYS A 20 -6.49 -2.29 -5.42
CA CYS A 20 -7.03 -2.44 -6.76
C CYS A 20 -6.75 -3.86 -7.29
N LEU A 21 -5.74 -4.54 -6.71
CA LEU A 21 -5.12 -5.73 -7.26
C LEU A 21 -4.50 -5.45 -8.62
N SER A 22 -3.23 -5.06 -8.56
CA SER A 22 -2.37 -4.79 -9.68
C SER A 22 -0.93 -4.85 -9.18
N ILE A 23 0.03 -4.39 -9.98
CA ILE A 23 1.42 -4.29 -9.60
C ILE A 23 1.65 -2.92 -8.98
N LEU A 24 2.85 -2.73 -8.43
CA LEU A 24 3.48 -1.45 -8.24
C LEU A 24 4.91 -1.61 -8.74
N GLU A 25 5.34 -0.70 -9.59
CA GLU A 25 6.69 -0.51 -10.06
C GLU A 25 7.25 0.74 -9.38
N GLU A 26 8.56 0.79 -9.15
CA GLU A 26 9.18 2.01 -8.63
C GLU A 26 9.15 3.09 -9.71
N GLY A 27 9.26 4.36 -9.29
CA GLY A 27 9.32 5.49 -10.20
C GLY A 27 8.07 6.35 -10.09
N GLU A 28 6.89 5.72 -10.08
CA GLU A 28 5.63 6.44 -9.96
C GLU A 28 5.48 7.06 -8.59
N ASP A 29 4.63 8.09 -8.50
CA ASP A 29 4.25 8.75 -7.25
C ASP A 29 3.25 7.87 -6.51
N VAL A 30 3.77 6.81 -5.91
CA VAL A 30 3.01 5.84 -5.14
C VAL A 30 3.04 6.28 -3.66
N ARG A 31 2.39 5.54 -2.74
CA ARG A 31 2.38 5.94 -1.34
C ARG A 31 2.47 4.74 -0.40
N CYS A 32 3.08 4.94 0.78
CA CYS A 32 3.17 3.91 1.80
C CYS A 32 2.11 4.21 2.87
N LEU A 33 1.53 3.15 3.42
CA LEU A 33 0.77 3.19 4.65
C LEU A 33 1.57 2.53 5.77
N PRO A 34 1.31 2.91 7.02
CA PRO A 34 2.01 2.35 8.17
C PRO A 34 1.61 0.91 8.45
N CYS A 35 0.59 0.35 7.77
CA CYS A 35 0.14 -1.01 8.05
C CYS A 35 1.01 -2.05 7.32
N MET A 36 2.32 -1.79 7.18
CA MET A 36 3.31 -2.58 6.44
C MET A 36 2.93 -2.84 4.99
N HIS A 37 2.19 -1.93 4.35
CA HIS A 37 1.77 -2.10 2.97
C HIS A 37 1.78 -0.75 2.26
N LEU A 38 2.06 -0.77 0.96
CA LEU A 38 2.24 0.40 0.12
C LEU A 38 1.46 0.12 -1.14
N PHE A 39 0.70 1.11 -1.59
CA PHE A 39 -0.16 1.03 -2.77
C PHE A 39 -0.14 2.38 -3.50
N HIS A 40 -0.77 2.44 -4.66
CA HIS A 40 -0.88 3.69 -5.41
C HIS A 40 -1.41 4.81 -4.51
N GLN A 41 -0.82 6.00 -4.58
CA GLN A 41 -1.31 7.15 -3.82
C GLN A 41 -2.81 7.31 -4.01
N VAL A 42 -3.29 7.34 -5.26
CA VAL A 42 -4.71 7.53 -5.55
C VAL A 42 -5.56 6.45 -4.88
N CYS A 43 -5.10 5.20 -4.94
CA CYS A 43 -5.82 4.08 -4.38
C CYS A 43 -6.04 4.34 -2.89
N VAL A 44 -4.99 4.60 -2.11
CA VAL A 44 -5.15 4.88 -0.69
C VAL A 44 -6.03 6.12 -0.48
N ASP A 45 -5.85 7.13 -1.31
CA ASP A 45 -6.45 8.46 -1.19
C ASP A 45 -7.97 8.43 -1.37
N GLN A 46 -8.52 7.33 -1.90
CA GLN A 46 -9.96 7.17 -2.06
C GLN A 46 -10.47 6.00 -1.23
N TRP A 47 -9.64 4.98 -1.02
CA TRP A 47 -10.07 3.77 -0.36
C TRP A 47 -10.16 4.05 1.14
N LEU A 48 -9.33 4.97 1.66
CA LEU A 48 -9.41 5.41 3.04
C LEU A 48 -10.61 6.31 3.31
N ILE A 49 -11.35 6.68 2.27
CA ILE A 49 -12.48 7.57 2.39
C ILE A 49 -13.69 6.64 2.46
N THR A 50 -13.92 5.85 1.42
CA THR A 50 -15.06 4.96 1.35
C THR A 50 -14.89 3.70 2.18
N ASN A 51 -13.68 3.43 2.67
CA ASN A 51 -13.32 2.25 3.45
C ASN A 51 -12.32 2.71 4.52
N LYS A 52 -11.83 1.79 5.38
CA LYS A 52 -10.96 2.17 6.51
C LYS A 52 -10.37 0.94 7.22
N LYS A 53 -9.82 -0.03 6.49
CA LYS A 53 -9.33 -1.28 7.08
C LYS A 53 -8.22 -1.90 6.25
N CYS A 54 -7.09 -2.31 6.86
CA CYS A 54 -5.93 -2.76 6.09
C CYS A 54 -6.34 -4.06 5.37
N PRO A 55 -6.11 -4.22 4.06
CA PRO A 55 -6.71 -5.32 3.31
C PRO A 55 -6.03 -6.64 3.64
N ILE A 56 -4.72 -6.61 3.83
CA ILE A 56 -3.90 -7.78 4.06
C ILE A 56 -3.89 -8.07 5.56
N CYS A 57 -3.49 -7.09 6.37
CA CYS A 57 -3.37 -7.25 7.81
C CYS A 57 -4.73 -7.53 8.43
N ARG A 58 -5.82 -7.07 7.80
CA ARG A 58 -7.18 -7.21 8.31
C ARG A 58 -7.32 -6.64 9.72
N VAL A 59 -6.53 -5.63 10.06
CA VAL A 59 -6.77 -4.80 11.22
C VAL A 59 -7.39 -3.52 10.69
N ASP A 60 -8.50 -3.09 11.28
CA ASP A 60 -9.17 -1.88 10.86
C ASP A 60 -8.33 -0.66 11.19
N ILE A 61 -7.61 -0.13 10.20
CA ILE A 61 -6.97 1.17 10.32
C ILE A 61 -7.97 2.31 10.18
N GLU A 62 -9.09 2.27 10.91
CA GLU A 62 -9.99 3.40 10.96
C GLU A 62 -9.47 4.49 11.89
N ALA A 63 -8.62 4.08 12.83
CA ALA A 63 -7.95 4.95 13.77
C ALA A 63 -6.53 4.44 13.95
N GLN A 64 -5.59 5.35 14.19
CA GLN A 64 -4.16 5.05 14.35
C GLN A 64 -3.43 6.33 14.73
N LEU A 65 -3.69 7.40 13.97
CA LEU A 65 -3.11 8.72 14.20
C LEU A 65 -3.48 9.17 15.62
N PRO A 66 -2.53 9.69 16.42
CA PRO A 66 -2.75 10.02 17.81
C PRO A 66 -3.57 11.31 17.94
N SER A 67 -4.89 11.20 17.80
CA SER A 67 -5.85 12.22 18.17
C SER A 67 -7.21 11.53 18.33
N GLU A 68 -8.26 12.30 18.60
CA GLU A 68 -9.63 11.79 18.60
C GLU A 68 -10.25 12.03 17.22
N SER A 69 -10.09 13.24 16.68
CA SER A 69 -10.38 13.61 15.30
C SER A 69 -9.46 14.78 14.92
N MET A 1 2.30 -5.71 -18.48
CA MET A 1 2.84 -6.60 -19.52
C MET A 1 3.63 -7.69 -18.80
N LYS A 2 4.31 -8.60 -19.51
CA LYS A 2 5.23 -9.51 -18.84
C LYS A 2 6.33 -8.65 -18.20
N GLN A 3 6.71 -8.97 -16.97
CA GLN A 3 7.71 -8.25 -16.21
C GLN A 3 8.59 -9.32 -15.55
N ASP A 4 9.77 -8.92 -15.09
CA ASP A 4 10.75 -9.78 -14.45
C ASP A 4 11.30 -9.05 -13.23
N GLY A 5 12.24 -9.67 -12.52
CA GLY A 5 12.85 -9.10 -11.34
C GLY A 5 13.99 -9.99 -10.90
N GLU A 6 14.91 -9.46 -10.10
CA GLU A 6 16.08 -10.20 -9.68
C GLU A 6 16.43 -9.70 -8.28
N GLU A 7 16.56 -10.61 -7.30
CA GLU A 7 16.87 -10.39 -5.90
C GLU A 7 15.82 -9.50 -5.19
N GLY A 8 15.11 -10.08 -4.24
CA GLY A 8 14.05 -9.39 -3.52
C GLY A 8 14.01 -9.80 -2.05
N THR A 9 13.50 -8.90 -1.20
CA THR A 9 13.46 -9.06 0.24
C THR A 9 12.02 -9.23 0.68
N GLU A 10 11.79 -10.01 1.74
CA GLU A 10 10.50 -10.30 2.30
C GLU A 10 10.73 -10.38 3.80
N GLU A 11 10.21 -9.39 4.53
CA GLU A 11 10.27 -9.34 5.98
C GLU A 11 8.83 -9.28 6.52
N ASP A 12 8.13 -8.16 6.32
CA ASP A 12 6.76 -7.98 6.80
C ASP A 12 6.16 -6.72 6.17
N THR A 13 6.29 -6.62 4.84
CA THR A 13 6.06 -5.37 4.14
C THR A 13 5.51 -5.62 2.74
N GLU A 14 6.04 -6.63 2.05
CA GLU A 14 5.71 -6.93 0.67
C GLU A 14 6.02 -5.77 -0.27
N GLU A 15 5.54 -5.86 -1.49
CA GLU A 15 5.59 -4.81 -2.49
C GLU A 15 4.35 -4.97 -3.36
N LYS A 16 4.24 -4.23 -4.48
CA LYS A 16 3.10 -4.25 -5.39
C LYS A 16 1.83 -3.64 -4.74
N CYS A 17 0.99 -2.99 -5.55
CA CYS A 17 -0.29 -2.46 -5.05
C CYS A 17 -1.09 -3.66 -4.56
N THR A 18 -1.70 -3.58 -3.38
CA THR A 18 -2.47 -4.68 -2.82
C THR A 18 -3.91 -4.24 -2.54
N ILE A 19 -4.22 -2.94 -2.60
CA ILE A 19 -5.60 -2.48 -2.67
C ILE A 19 -6.24 -3.09 -3.92
N CYS A 20 -5.61 -2.81 -5.06
CA CYS A 20 -6.12 -3.14 -6.38
C CYS A 20 -5.54 -4.47 -6.87
N LEU A 21 -4.42 -4.90 -6.29
CA LEU A 21 -3.56 -5.95 -6.83
C LEU A 21 -3.03 -5.55 -8.20
N SER A 22 -1.93 -4.80 -8.18
CA SER A 22 -1.20 -4.34 -9.36
C SER A 22 0.23 -4.08 -8.92
N ILE A 23 1.00 -3.32 -9.68
CA ILE A 23 2.40 -3.00 -9.43
C ILE A 23 2.51 -1.51 -9.14
N LEU A 24 3.58 -1.13 -8.44
CA LEU A 24 3.98 0.24 -8.24
C LEU A 24 5.36 0.41 -8.85
N GLU A 25 5.43 0.96 -10.06
CA GLU A 25 6.71 1.34 -10.65
C GLU A 25 7.01 2.79 -10.25
N GLU A 26 8.28 3.16 -10.19
CA GLU A 26 8.65 4.51 -9.78
C GLU A 26 8.30 5.52 -10.89
N GLY A 27 8.23 6.80 -10.52
CA GLY A 27 7.89 7.88 -11.43
C GLY A 27 6.54 8.46 -11.05
N GLU A 28 5.56 7.60 -10.72
CA GLU A 28 4.24 8.04 -10.32
C GLU A 28 4.27 8.62 -8.90
N ASP A 29 3.33 9.51 -8.62
CA ASP A 29 3.08 10.04 -7.29
C ASP A 29 2.28 8.99 -6.52
N VAL A 30 2.98 7.97 -6.04
CA VAL A 30 2.39 6.88 -5.28
C VAL A 30 2.33 7.31 -3.80
N ARG A 31 1.78 6.48 -2.91
CA ARG A 31 1.57 6.85 -1.51
C ARG A 31 1.98 5.71 -0.60
N CYS A 32 2.50 6.02 0.58
CA CYS A 32 2.96 5.05 1.55
C CYS A 32 2.13 5.24 2.82
N LEU A 33 1.45 4.19 3.28
CA LEU A 33 0.75 4.22 4.56
C LEU A 33 1.70 3.75 5.66
N PRO A 34 1.50 4.24 6.89
CA PRO A 34 2.33 3.90 8.03
C PRO A 34 2.12 2.45 8.46
N CYS A 35 0.98 1.83 8.14
CA CYS A 35 0.77 0.41 8.37
C CYS A 35 1.40 -0.34 7.20
N MET A 36 2.75 -0.34 7.22
CA MET A 36 3.78 -1.09 6.49
C MET A 36 3.44 -1.50 5.07
N HIS A 37 2.65 -0.71 4.35
CA HIS A 37 2.21 -1.07 3.03
C HIS A 37 2.08 0.22 2.22
N LEU A 38 2.33 0.15 0.92
CA LEU A 38 2.32 1.32 0.06
C LEU A 38 1.53 0.96 -1.19
N PHE A 39 0.73 1.91 -1.70
CA PHE A 39 -0.16 1.69 -2.82
C PHE A 39 -0.29 2.99 -3.59
N HIS A 40 -0.90 2.94 -4.76
CA HIS A 40 -1.20 4.13 -5.55
C HIS A 40 -1.91 5.19 -4.70
N GLN A 41 -1.51 6.46 -4.80
CA GLN A 41 -2.21 7.53 -4.09
C GLN A 41 -3.71 7.45 -4.34
N VAL A 42 -4.13 7.40 -5.61
CA VAL A 42 -5.55 7.34 -5.93
C VAL A 42 -6.25 6.15 -5.28
N CYS A 43 -5.56 5.01 -5.22
CA CYS A 43 -6.11 3.81 -4.59
C CYS A 43 -6.38 4.10 -3.12
N VAL A 44 -5.41 4.59 -2.34
CA VAL A 44 -5.69 4.89 -0.94
C VAL A 44 -6.81 5.92 -0.83
N ASP A 45 -6.81 6.91 -1.69
CA ASP A 45 -7.68 8.09 -1.64
C ASP A 45 -9.12 7.77 -2.02
N GLN A 46 -9.40 6.54 -2.45
CA GLN A 46 -10.75 6.06 -2.72
C GLN A 46 -11.10 4.86 -1.84
N TRP A 47 -10.11 4.05 -1.48
CA TRP A 47 -10.37 2.85 -0.72
C TRP A 47 -10.60 3.27 0.73
N LEU A 48 -9.97 4.34 1.20
CA LEU A 48 -10.24 4.88 2.54
C LEU A 48 -11.62 5.55 2.62
N ILE A 49 -12.34 5.64 1.51
CA ILE A 49 -13.66 6.25 1.47
C ILE A 49 -14.65 5.11 1.58
N THR A 50 -14.63 4.18 0.61
CA THR A 50 -15.56 3.05 0.59
C THR A 50 -15.26 2.03 1.68
N ASN A 51 -14.03 2.02 2.20
CA ASN A 51 -13.53 1.08 3.20
C ASN A 51 -12.88 1.91 4.32
N LYS A 52 -12.36 1.29 5.38
CA LYS A 52 -11.75 2.07 6.46
C LYS A 52 -10.69 1.29 7.25
N LYS A 53 -10.10 0.26 6.63
CA LYS A 53 -9.30 -0.76 7.31
C LYS A 53 -8.19 -1.25 6.38
N CYS A 54 -7.00 -1.50 6.93
CA CYS A 54 -5.82 -1.84 6.14
C CYS A 54 -6.14 -3.18 5.42
N PRO A 55 -5.56 -3.54 4.27
CA PRO A 55 -5.87 -4.82 3.65
C PRO A 55 -5.09 -5.93 4.36
N ILE A 56 -3.77 -5.95 4.21
CA ILE A 56 -2.92 -7.04 4.68
C ILE A 56 -2.84 -7.04 6.21
N CYS A 57 -2.32 -5.95 6.78
CA CYS A 57 -2.16 -5.83 8.23
C CYS A 57 -3.54 -5.84 8.91
N ARG A 58 -4.59 -5.43 8.17
CA ARG A 58 -5.98 -5.50 8.61
C ARG A 58 -6.25 -4.73 9.91
N VAL A 59 -5.38 -3.80 10.28
CA VAL A 59 -5.66 -2.91 11.40
C VAL A 59 -6.52 -1.79 10.86
N ASP A 60 -7.61 -1.45 11.54
CA ASP A 60 -8.46 -0.38 11.07
C ASP A 60 -7.71 0.94 11.19
N ILE A 61 -7.21 1.46 10.07
CA ILE A 61 -6.44 2.70 10.12
C ILE A 61 -7.32 3.91 10.40
N GLU A 62 -8.64 3.81 10.17
CA GLU A 62 -9.63 4.87 10.32
C GLU A 62 -9.45 6.11 9.43
N ALA A 63 -8.29 6.25 8.78
CA ALA A 63 -7.72 7.48 8.26
C ALA A 63 -7.58 8.59 9.31
N GLN A 64 -6.73 9.55 8.97
CA GLN A 64 -6.42 10.74 9.75
C GLN A 64 -5.86 11.76 8.78
N LEU A 65 -4.79 11.36 8.08
CA LEU A 65 -4.09 12.13 7.04
C LEU A 65 -3.15 13.13 7.73
N PRO A 66 -1.84 13.13 7.40
CA PRO A 66 -0.84 13.86 8.18
C PRO A 66 -0.97 15.37 8.05
N SER A 67 -1.26 15.87 6.83
CA SER A 67 -1.51 17.27 6.60
C SER A 67 -2.37 17.35 5.35
N GLU A 68 -3.42 18.18 5.37
CA GLU A 68 -4.37 18.25 4.27
C GLU A 68 -3.68 18.77 3.01
N SER A 69 -4.12 18.33 1.83
CA SER A 69 -3.56 18.75 0.56
C SER A 69 -4.65 18.67 -0.49
N MET A 1 25.27 -5.80 -4.18
CA MET A 1 25.12 -6.37 -2.83
C MET A 1 26.20 -5.76 -1.94
N LYS A 2 26.03 -5.85 -0.60
CA LYS A 2 26.92 -5.19 0.35
C LYS A 2 26.98 -3.69 0.06
N GLN A 3 27.98 -3.21 -0.69
CA GLN A 3 27.95 -1.84 -1.17
C GLN A 3 26.96 -1.74 -2.33
N ASP A 4 25.68 -1.58 -2.01
CA ASP A 4 24.62 -1.37 -2.98
C ASP A 4 23.87 -0.11 -2.58
N GLY A 5 23.13 -0.18 -1.47
CA GLY A 5 22.24 0.89 -1.04
C GLY A 5 20.85 0.61 -1.60
N GLU A 6 19.89 1.51 -1.35
CA GLU A 6 18.49 1.37 -1.73
C GLU A 6 17.83 0.15 -1.07
N GLU A 7 18.08 -1.06 -1.56
CA GLU A 7 17.71 -2.32 -0.93
C GLU A 7 18.48 -2.46 0.38
N GLY A 8 17.91 -1.90 1.44
CA GLY A 8 18.45 -1.94 2.79
C GLY A 8 17.64 -2.89 3.66
N THR A 9 16.65 -2.36 4.40
CA THR A 9 15.69 -3.20 5.10
C THR A 9 14.40 -3.25 4.28
N GLU A 10 13.49 -4.15 4.65
CA GLU A 10 12.26 -4.42 3.93
C GLU A 10 11.27 -5.11 4.87
N GLU A 11 11.74 -6.16 5.56
CA GLU A 11 10.94 -7.03 6.41
C GLU A 11 9.80 -7.69 5.60
N ASP A 12 8.67 -7.03 5.44
CA ASP A 12 7.52 -7.56 4.70
C ASP A 12 6.78 -6.37 4.09
N THR A 13 7.47 -5.58 3.26
CA THR A 13 6.93 -4.38 2.67
C THR A 13 7.56 -4.16 1.30
N GLU A 14 6.86 -3.43 0.43
CA GLU A 14 7.25 -3.03 -0.92
C GLU A 14 7.21 -4.16 -1.95
N GLU A 15 6.00 -4.59 -2.34
CA GLU A 15 5.86 -5.47 -3.49
C GLU A 15 4.47 -5.27 -4.12
N LYS A 16 4.37 -4.42 -5.16
CA LYS A 16 3.17 -4.26 -5.97
C LYS A 16 2.00 -3.75 -5.12
N CYS A 17 0.79 -3.52 -5.66
CA CYS A 17 -0.33 -3.20 -4.82
C CYS A 17 -1.22 -4.41 -4.57
N THR A 18 -1.90 -4.35 -3.43
CA THR A 18 -2.78 -5.38 -2.90
C THR A 18 -4.18 -4.81 -2.67
N ILE A 19 -4.32 -3.48 -2.59
CA ILE A 19 -5.63 -2.85 -2.65
C ILE A 19 -6.31 -3.24 -3.95
N CYS A 20 -5.68 -2.89 -5.08
CA CYS A 20 -6.25 -3.09 -6.40
C CYS A 20 -5.78 -4.43 -6.98
N LEU A 21 -4.69 -4.99 -6.46
CA LEU A 21 -3.94 -6.05 -7.13
C LEU A 21 -3.46 -5.58 -8.49
N SER A 22 -2.40 -4.79 -8.46
CA SER A 22 -1.68 -4.33 -9.63
C SER A 22 -0.24 -4.11 -9.20
N ILE A 23 0.50 -3.23 -9.87
CA ILE A 23 1.91 -3.00 -9.68
C ILE A 23 2.11 -1.59 -9.16
N LEU A 24 3.20 -1.40 -8.40
CA LEU A 24 3.70 -0.09 -8.06
C LEU A 24 4.99 0.08 -8.82
N GLU A 25 4.98 0.95 -9.82
CA GLU A 25 6.18 1.39 -10.51
C GLU A 25 6.61 2.71 -9.89
N GLU A 26 7.92 2.95 -9.83
CA GLU A 26 8.42 4.20 -9.25
C GLU A 26 8.25 5.35 -10.23
N GLY A 27 8.26 6.58 -9.72
CA GLY A 27 8.11 7.78 -10.53
C GLY A 27 6.76 8.42 -10.29
N GLU A 28 5.72 7.61 -10.10
CA GLU A 28 4.39 8.10 -9.79
C GLU A 28 4.32 8.58 -8.34
N ASP A 29 3.33 9.44 -8.06
CA ASP A 29 2.98 9.86 -6.72
C ASP A 29 2.22 8.72 -6.07
N VAL A 30 2.96 7.75 -5.53
CA VAL A 30 2.42 6.63 -4.81
C VAL A 30 2.30 7.03 -3.32
N ARG A 31 1.74 6.18 -2.45
CA ARG A 31 1.59 6.49 -1.03
C ARG A 31 2.03 5.29 -0.22
N CYS A 32 2.50 5.51 1.01
CA CYS A 32 2.75 4.46 1.96
C CYS A 32 1.79 4.67 3.14
N LEU A 33 1.15 3.59 3.58
CA LEU A 33 0.41 3.57 4.83
C LEU A 33 1.38 3.15 5.92
N PRO A 34 1.16 3.59 7.16
CA PRO A 34 2.03 3.24 8.26
C PRO A 34 1.92 1.76 8.64
N CYS A 35 0.90 1.04 8.15
CA CYS A 35 0.58 -0.29 8.62
C CYS A 35 1.35 -1.36 7.81
N MET A 36 2.67 -1.15 7.66
CA MET A 36 3.66 -1.92 6.89
C MET A 36 3.25 -2.24 5.46
N HIS A 37 2.51 -1.34 4.80
CA HIS A 37 2.03 -1.57 3.46
C HIS A 37 2.02 -0.26 2.67
N LEU A 38 2.18 -0.33 1.35
CA LEU A 38 2.16 0.84 0.48
C LEU A 38 1.40 0.48 -0.79
N PHE A 39 0.73 1.46 -1.40
CA PHE A 39 -0.07 1.25 -2.60
C PHE A 39 -0.12 2.56 -3.36
N HIS A 40 -0.72 2.54 -4.56
CA HIS A 40 -1.00 3.75 -5.30
C HIS A 40 -1.70 4.77 -4.41
N GLN A 41 -1.33 6.05 -4.51
CA GLN A 41 -2.01 7.10 -3.76
C GLN A 41 -3.51 7.02 -4.01
N VAL A 42 -3.93 6.92 -5.27
CA VAL A 42 -5.36 6.83 -5.59
C VAL A 42 -6.01 5.62 -4.93
N CYS A 43 -5.34 4.47 -4.95
CA CYS A 43 -5.85 3.23 -4.39
C CYS A 43 -6.20 3.49 -2.93
N VAL A 44 -5.24 3.91 -2.10
CA VAL A 44 -5.54 4.19 -0.69
C VAL A 44 -6.58 5.29 -0.55
N ASP A 45 -6.46 6.35 -1.34
CA ASP A 45 -7.30 7.54 -1.25
C ASP A 45 -8.76 7.19 -1.49
N GLN A 46 -9.02 6.09 -2.21
CA GLN A 46 -10.36 5.55 -2.38
C GLN A 46 -10.61 4.40 -1.41
N TRP A 47 -9.59 3.67 -0.95
CA TRP A 47 -9.78 2.55 -0.06
C TRP A 47 -10.25 3.05 1.28
N LEU A 48 -9.83 4.25 1.67
CA LEU A 48 -10.23 4.83 2.94
C LEU A 48 -11.72 5.20 2.93
N ILE A 49 -12.36 5.11 1.76
CA ILE A 49 -13.75 5.49 1.55
C ILE A 49 -14.56 4.20 1.43
N THR A 50 -14.15 3.31 0.53
CA THR A 50 -14.83 2.04 0.29
C THR A 50 -14.72 1.11 1.50
N ASN A 51 -13.61 1.22 2.24
CA ASN A 51 -13.17 0.23 3.21
C ASN A 51 -12.89 0.89 4.57
N LYS A 52 -12.17 2.02 4.56
CA LYS A 52 -11.81 2.83 5.73
C LYS A 52 -10.86 2.10 6.68
N LYS A 53 -10.06 1.15 6.17
CA LYS A 53 -9.07 0.43 6.96
C LYS A 53 -8.00 -0.18 6.07
N CYS A 54 -6.90 -0.64 6.68
CA CYS A 54 -5.72 -1.17 6.00
C CYS A 54 -6.22 -2.38 5.20
N PRO A 55 -5.74 -2.67 3.99
CA PRO A 55 -6.18 -3.84 3.25
C PRO A 55 -5.79 -5.14 3.98
N ILE A 56 -4.49 -5.43 4.09
CA ILE A 56 -4.04 -6.71 4.61
C ILE A 56 -4.30 -6.77 6.11
N CYS A 57 -3.81 -5.77 6.84
CA CYS A 57 -3.93 -5.74 8.29
C CYS A 57 -5.41 -5.67 8.69
N ARG A 58 -6.27 -5.08 7.84
CA ARG A 58 -7.71 -4.96 8.09
C ARG A 58 -8.05 -4.17 9.35
N VAL A 59 -7.08 -3.46 9.95
CA VAL A 59 -7.32 -2.57 11.06
C VAL A 59 -7.55 -1.17 10.50
N ASP A 60 -8.55 -0.48 11.01
CA ASP A 60 -8.77 0.93 10.72
C ASP A 60 -7.55 1.74 11.12
N ILE A 61 -6.76 2.16 10.13
CA ILE A 61 -5.68 3.08 10.44
C ILE A 61 -6.22 4.48 10.75
N GLU A 62 -7.32 4.91 10.10
CA GLU A 62 -7.84 6.28 10.11
C GLU A 62 -6.81 7.37 9.77
N ALA A 63 -5.59 6.99 9.37
CA ALA A 63 -4.50 7.92 9.11
C ALA A 63 -4.80 8.75 7.88
N GLN A 64 -4.49 10.05 7.96
CA GLN A 64 -4.72 10.97 6.85
C GLN A 64 -3.66 12.07 6.83
N LEU A 65 -2.42 11.72 7.25
CA LEU A 65 -1.26 12.60 7.35
C LEU A 65 -1.64 14.01 7.84
N PRO A 66 -1.97 14.14 9.13
CA PRO A 66 -2.38 15.41 9.69
C PRO A 66 -1.20 16.37 9.75
N SER A 67 -1.43 17.64 9.41
CA SER A 67 -0.43 18.70 9.40
C SER A 67 0.78 18.36 8.52
N GLU A 68 0.60 18.48 7.21
CA GLU A 68 1.64 18.25 6.20
C GLU A 68 1.42 19.27 5.08
N SER A 69 2.35 19.35 4.12
CA SER A 69 2.33 20.31 3.02
C SER A 69 2.68 19.56 1.74
N MET A 1 35.44 -25.06 6.68
CA MET A 1 34.06 -25.39 6.29
C MET A 1 33.11 -24.71 7.27
N LYS A 2 32.48 -23.61 6.88
CA LYS A 2 31.42 -22.99 7.68
C LYS A 2 30.67 -22.03 6.76
N GLN A 3 29.37 -21.87 6.96
CA GLN A 3 28.55 -20.98 6.16
C GLN A 3 27.32 -20.64 6.99
N ASP A 4 27.05 -19.35 7.20
CA ASP A 4 25.86 -18.89 7.89
C ASP A 4 25.80 -17.37 7.70
N GLY A 5 24.60 -16.78 7.74
CA GLY A 5 24.47 -15.33 7.66
C GLY A 5 23.07 -14.96 7.18
N GLU A 6 22.51 -13.89 7.74
CA GLU A 6 21.29 -13.27 7.27
C GLU A 6 21.33 -11.79 7.66
N GLU A 7 20.45 -10.99 7.06
CA GLU A 7 20.18 -9.64 7.47
C GLU A 7 18.82 -9.33 6.85
N GLY A 8 17.95 -8.69 7.61
CA GLY A 8 16.60 -8.34 7.19
C GLY A 8 16.24 -6.95 7.70
N THR A 9 14.99 -6.55 7.56
CA THR A 9 14.52 -5.26 8.02
C THR A 9 13.06 -5.41 8.44
N GLU A 10 12.38 -4.30 8.72
CA GLU A 10 11.04 -4.32 9.29
C GLU A 10 10.17 -3.26 8.62
N GLU A 11 10.59 -1.99 8.68
CA GLU A 11 9.77 -0.90 8.18
C GLU A 11 10.31 -0.42 6.83
N ASP A 12 10.31 -1.30 5.82
CA ASP A 12 10.81 -1.02 4.48
C ASP A 12 10.35 -2.16 3.58
N THR A 13 9.25 -1.96 2.85
CA THR A 13 8.68 -2.98 1.98
C THR A 13 8.17 -2.38 0.66
N GLU A 14 8.09 -3.24 -0.36
CA GLU A 14 7.65 -2.90 -1.71
C GLU A 14 7.10 -4.20 -2.32
N GLU A 15 5.92 -4.16 -2.95
CA GLU A 15 5.42 -5.18 -3.87
C GLU A 15 4.10 -4.69 -4.51
N LYS A 16 3.37 -5.57 -5.20
CA LYS A 16 2.09 -5.28 -5.88
C LYS A 16 1.05 -4.60 -4.98
N CYS A 17 0.14 -3.86 -5.63
CA CYS A 17 -0.99 -3.19 -5.00
C CYS A 17 -1.88 -4.28 -4.38
N THR A 18 -2.68 -3.93 -3.38
CA THR A 18 -3.62 -4.86 -2.77
C THR A 18 -5.02 -4.27 -2.67
N ILE A 19 -5.15 -2.93 -2.64
CA ILE A 19 -6.44 -2.27 -2.80
C ILE A 19 -7.09 -2.75 -4.11
N CYS A 20 -6.33 -2.61 -5.19
CA CYS A 20 -6.77 -2.90 -6.54
C CYS A 20 -6.20 -4.23 -7.03
N LEU A 21 -5.26 -4.82 -6.27
CA LEU A 21 -4.56 -6.07 -6.59
C LEU A 21 -3.70 -5.96 -7.86
N SER A 22 -3.57 -4.76 -8.42
CA SER A 22 -2.69 -4.45 -9.54
C SER A 22 -1.23 -4.46 -9.07
N ILE A 23 -0.32 -3.89 -9.85
CA ILE A 23 1.10 -3.78 -9.57
C ILE A 23 1.35 -2.42 -8.93
N LEU A 24 2.54 -2.24 -8.35
CA LEU A 24 3.10 -0.94 -8.04
C LEU A 24 4.42 -0.89 -8.78
N GLU A 25 4.51 0.00 -9.76
CA GLU A 25 5.73 0.29 -10.47
C GLU A 25 6.38 1.50 -9.81
N GLU A 26 7.70 1.44 -9.59
CA GLU A 26 8.43 2.57 -9.04
C GLU A 26 8.55 3.67 -10.09
N GLY A 27 8.73 4.91 -9.64
CA GLY A 27 8.84 6.06 -10.52
C GLY A 27 7.62 6.96 -10.39
N GLU A 28 6.44 6.35 -10.24
CA GLU A 28 5.20 7.07 -10.02
C GLU A 28 5.13 7.62 -8.59
N ASP A 29 4.28 8.62 -8.39
CA ASP A 29 3.98 9.16 -7.07
C ASP A 29 3.04 8.20 -6.36
N VAL A 30 3.61 7.12 -5.83
CA VAL A 30 2.92 6.11 -5.05
C VAL A 30 3.00 6.53 -3.57
N ARG A 31 2.27 5.84 -2.68
CA ARG A 31 2.23 6.23 -1.26
C ARG A 31 2.45 5.01 -0.38
N CYS A 32 2.85 5.25 0.88
CA CYS A 32 3.04 4.20 1.86
C CYS A 32 2.09 4.48 3.00
N LEU A 33 1.35 3.46 3.43
CA LEU A 33 0.60 3.52 4.68
C LEU A 33 1.50 2.99 5.79
N PRO A 34 1.26 3.41 7.03
CA PRO A 34 2.05 2.97 8.16
C PRO A 34 1.74 1.52 8.53
N CYS A 35 0.71 0.90 7.94
CA CYS A 35 0.22 -0.41 8.38
C CYS A 35 1.00 -1.53 7.66
N MET A 36 2.33 -1.36 7.55
CA MET A 36 3.36 -2.12 6.85
C MET A 36 3.01 -2.49 5.42
N HIS A 37 2.26 -1.63 4.70
CA HIS A 37 1.88 -1.87 3.33
C HIS A 37 1.87 -0.55 2.57
N LEU A 38 2.16 -0.59 1.27
CA LEU A 38 2.31 0.57 0.41
C LEU A 38 1.49 0.29 -0.84
N PHE A 39 0.79 1.30 -1.37
CA PHE A 39 -0.09 1.17 -2.51
C PHE A 39 -0.10 2.47 -3.31
N HIS A 40 -0.74 2.45 -4.48
CA HIS A 40 -0.94 3.66 -5.28
C HIS A 40 -1.52 4.77 -4.44
N GLN A 41 -0.96 5.98 -4.54
CA GLN A 41 -1.46 7.09 -3.74
C GLN A 41 -2.95 7.29 -3.97
N VAL A 42 -3.38 7.42 -5.22
CA VAL A 42 -4.78 7.63 -5.53
C VAL A 42 -5.67 6.54 -4.95
N CYS A 43 -5.21 5.29 -5.01
CA CYS A 43 -5.96 4.15 -4.47
C CYS A 43 -6.25 4.44 -3.00
N VAL A 44 -5.22 4.65 -2.16
CA VAL A 44 -5.44 4.89 -0.74
C VAL A 44 -6.29 6.14 -0.52
N ASP A 45 -6.00 7.19 -1.26
CA ASP A 45 -6.55 8.53 -1.09
C ASP A 45 -8.05 8.57 -1.36
N GLN A 46 -8.61 7.51 -1.96
CA GLN A 46 -10.06 7.31 -2.04
C GLN A 46 -10.52 6.12 -1.19
N TRP A 47 -9.69 5.09 -1.04
CA TRP A 47 -10.12 3.85 -0.43
C TRP A 47 -10.21 4.00 1.08
N LEU A 48 -9.57 5.01 1.65
CA LEU A 48 -9.69 5.35 3.06
C LEU A 48 -10.91 6.23 3.34
N ILE A 49 -11.62 6.62 2.28
CA ILE A 49 -12.81 7.46 2.35
C ILE A 49 -14.00 6.54 2.19
N THR A 50 -14.05 5.81 1.07
CA THR A 50 -15.13 4.89 0.79
C THR A 50 -15.01 3.62 1.63
N ASN A 51 -13.79 3.29 2.05
CA ASN A 51 -13.45 2.08 2.80
C ASN A 51 -12.63 2.48 4.02
N LYS A 52 -12.39 1.56 4.97
CA LYS A 52 -11.76 1.96 6.22
C LYS A 52 -11.11 0.80 6.99
N LYS A 53 -10.35 -0.03 6.27
CA LYS A 53 -9.85 -1.32 6.74
C LYS A 53 -8.59 -1.69 5.96
N CYS A 54 -7.62 -2.39 6.56
CA CYS A 54 -6.38 -2.78 5.88
C CYS A 54 -6.65 -4.16 5.26
N PRO A 55 -6.13 -4.51 4.07
CA PRO A 55 -6.42 -5.81 3.48
C PRO A 55 -5.61 -6.92 4.17
N ILE A 56 -4.29 -6.82 4.15
CA ILE A 56 -3.39 -7.90 4.55
C ILE A 56 -3.38 -7.98 6.08
N CYS A 57 -3.01 -6.86 6.72
CA CYS A 57 -2.95 -6.75 8.16
C CYS A 57 -4.36 -6.80 8.78
N ARG A 58 -5.42 -6.65 7.97
CA ARG A 58 -6.82 -6.85 8.38
C ARG A 58 -7.29 -5.95 9.51
N VAL A 59 -6.50 -4.97 9.94
CA VAL A 59 -6.86 -4.12 11.05
C VAL A 59 -7.53 -2.88 10.49
N ASP A 60 -8.49 -2.35 11.22
CA ASP A 60 -9.31 -1.26 10.73
C ASP A 60 -8.50 0.02 10.76
N ILE A 61 -7.87 0.35 9.64
CA ILE A 61 -7.16 1.61 9.49
C ILE A 61 -8.14 2.74 9.16
N GLU A 62 -9.28 2.79 9.85
CA GLU A 62 -10.13 3.97 9.91
C GLU A 62 -9.49 5.05 10.77
N ALA A 63 -8.58 4.64 11.65
CA ALA A 63 -7.74 5.52 12.43
C ALA A 63 -6.85 6.38 11.52
N GLN A 64 -6.15 7.36 12.11
CA GLN A 64 -5.49 8.47 11.43
C GLN A 64 -6.50 9.45 10.83
N LEU A 65 -7.40 8.99 9.97
CA LEU A 65 -8.34 9.81 9.21
C LEU A 65 -9.14 10.72 10.17
N PRO A 66 -8.89 12.04 10.21
CA PRO A 66 -9.51 12.89 11.20
C PRO A 66 -10.97 13.16 10.84
N SER A 67 -11.21 13.69 9.64
CA SER A 67 -12.52 13.90 9.05
C SER A 67 -12.28 14.13 7.57
N GLU A 68 -12.74 13.21 6.72
CA GLU A 68 -12.82 13.39 5.28
C GLU A 68 -13.83 12.36 4.78
N SER A 69 -14.65 12.69 3.79
CA SER A 69 -15.72 11.83 3.31
C SER A 69 -15.90 12.03 1.81
N MET A 1 -1.45 -8.73 -14.55
CA MET A 1 -1.66 -7.81 -15.67
C MET A 1 -0.44 -7.84 -16.59
N LYS A 2 0.52 -6.94 -16.40
CA LYS A 2 1.74 -6.91 -17.20
C LYS A 2 2.84 -6.33 -16.32
N GLN A 3 4.09 -6.39 -16.79
CA GLN A 3 5.27 -5.87 -16.12
C GLN A 3 5.69 -6.83 -15.01
N ASP A 4 6.98 -6.96 -14.79
CA ASP A 4 7.58 -7.81 -13.76
C ASP A 4 8.86 -7.11 -13.32
N GLY A 5 9.30 -7.37 -12.10
CA GLY A 5 10.44 -6.68 -11.50
C GLY A 5 11.24 -7.64 -10.64
N GLU A 6 12.38 -7.19 -10.10
CA GLU A 6 13.28 -8.07 -9.39
C GLU A 6 12.76 -8.32 -7.97
N GLU A 7 12.85 -9.56 -7.49
CA GLU A 7 12.48 -9.90 -6.12
C GLU A 7 13.65 -9.55 -5.20
N GLY A 8 13.78 -8.25 -4.90
CA GLY A 8 14.76 -7.75 -3.95
C GLY A 8 14.25 -7.97 -2.51
N THR A 9 14.91 -7.34 -1.53
CA THR A 9 14.48 -7.41 -0.15
C THR A 9 13.05 -6.87 -0.03
N GLU A 10 12.27 -7.50 0.82
CA GLU A 10 10.86 -7.24 1.05
C GLU A 10 10.68 -7.77 2.47
N GLU A 11 10.69 -6.87 3.45
CA GLU A 11 10.51 -7.28 4.83
C GLU A 11 9.01 -7.51 4.99
N ASP A 12 8.25 -6.43 4.95
CA ASP A 12 6.79 -6.45 5.01
C ASP A 12 6.16 -5.14 4.53
N THR A 13 6.89 -4.31 3.79
CA THR A 13 6.53 -2.92 3.55
C THR A 13 6.44 -2.60 2.06
N GLU A 14 7.56 -2.44 1.36
CA GLU A 14 7.53 -2.05 -0.05
C GLU A 14 7.18 -3.26 -0.91
N GLU A 15 5.91 -3.40 -1.30
CA GLU A 15 5.45 -4.50 -2.14
C GLU A 15 4.38 -4.03 -3.14
N LYS A 16 3.78 -4.99 -3.86
CA LYS A 16 2.76 -4.81 -4.89
C LYS A 16 1.41 -4.37 -4.32
N CYS A 17 0.67 -3.58 -5.11
CA CYS A 17 -0.59 -2.94 -4.73
C CYS A 17 -1.61 -4.02 -4.40
N THR A 18 -2.15 -3.99 -3.20
CA THR A 18 -3.13 -4.99 -2.79
C THR A 18 -4.56 -4.44 -2.85
N ILE A 19 -4.74 -3.11 -2.89
CA ILE A 19 -6.05 -2.50 -3.09
C ILE A 19 -6.65 -2.98 -4.41
N CYS A 20 -5.90 -2.73 -5.48
CA CYS A 20 -6.33 -2.97 -6.85
C CYS A 20 -5.86 -4.34 -7.34
N LEU A 21 -4.87 -4.93 -6.66
CA LEU A 21 -4.10 -6.07 -7.12
C LEU A 21 -3.38 -5.78 -8.43
N SER A 22 -2.20 -5.20 -8.25
CA SER A 22 -1.23 -4.88 -9.28
C SER A 22 0.11 -4.72 -8.60
N ILE A 23 1.13 -4.33 -9.35
CA ILE A 23 2.47 -4.00 -8.91
C ILE A 23 2.48 -2.54 -8.45
N LEU A 24 3.55 -2.15 -7.75
CA LEU A 24 3.95 -0.78 -7.54
C LEU A 24 5.39 -0.69 -8.02
N GLU A 25 5.64 0.02 -9.11
CA GLU A 25 6.98 0.37 -9.53
C GLU A 25 7.26 1.79 -9.05
N GLU A 26 8.53 2.18 -9.08
CA GLU A 26 8.87 3.57 -8.82
C GLU A 26 8.44 4.45 -10.00
N GLY A 27 8.41 5.77 -9.78
CA GLY A 27 8.05 6.73 -10.83
C GLY A 27 6.63 7.26 -10.62
N GLU A 28 5.69 6.39 -10.26
CA GLU A 28 4.31 6.82 -10.01
C GLU A 28 4.23 7.67 -8.75
N ASP A 29 3.22 8.55 -8.68
CA ASP A 29 2.80 9.19 -7.44
C ASP A 29 2.06 8.15 -6.59
N VAL A 30 2.84 7.30 -5.94
CA VAL A 30 2.35 6.31 -5.02
C VAL A 30 2.28 6.96 -3.63
N ARG A 31 1.60 6.32 -2.68
CA ARG A 31 1.45 6.85 -1.32
C ARG A 31 1.67 5.74 -0.32
N CYS A 32 2.16 6.09 0.87
CA CYS A 32 2.55 5.15 1.89
C CYS A 32 1.69 5.40 3.12
N LEU A 33 1.02 4.35 3.60
CA LEU A 33 0.23 4.37 4.81
C LEU A 33 1.07 3.85 5.97
N PRO A 34 0.76 4.27 7.20
CA PRO A 34 1.48 3.85 8.39
C PRO A 34 1.19 2.39 8.78
N CYS A 35 0.36 1.66 8.02
CA CYS A 35 -0.01 0.25 8.22
C CYS A 35 1.13 -0.71 7.78
N MET A 36 2.38 -0.23 7.81
CA MET A 36 3.56 -0.76 7.16
C MET A 36 3.29 -1.12 5.71
N HIS A 37 2.50 -0.32 4.98
CA HIS A 37 2.08 -0.72 3.65
C HIS A 37 1.82 0.47 2.76
N LEU A 38 2.04 0.30 1.45
CA LEU A 38 1.94 1.38 0.48
C LEU A 38 1.15 0.89 -0.72
N PHE A 39 0.49 1.81 -1.42
CA PHE A 39 -0.34 1.52 -2.58
C PHE A 39 -0.37 2.79 -3.43
N HIS A 40 -0.94 2.70 -4.62
CA HIS A 40 -1.15 3.89 -5.44
C HIS A 40 -1.88 4.97 -4.66
N GLN A 41 -1.44 6.23 -4.78
CA GLN A 41 -2.12 7.33 -4.11
C GLN A 41 -3.62 7.31 -4.42
N VAL A 42 -3.98 7.16 -5.69
CA VAL A 42 -5.39 7.12 -6.08
C VAL A 42 -6.14 5.99 -5.37
N CYS A 43 -5.53 4.80 -5.30
CA CYS A 43 -6.14 3.63 -4.68
C CYS A 43 -6.49 3.99 -3.23
N VAL A 44 -5.53 4.46 -2.44
CA VAL A 44 -5.81 4.81 -1.05
C VAL A 44 -6.81 5.95 -0.97
N ASP A 45 -6.78 6.88 -1.91
CA ASP A 45 -7.58 8.10 -1.91
C ASP A 45 -9.07 7.79 -2.07
N GLN A 46 -9.42 6.54 -2.39
CA GLN A 46 -10.80 6.05 -2.34
C GLN A 46 -10.96 4.96 -1.27
N TRP A 47 -9.95 4.12 -1.05
CA TRP A 47 -10.08 2.99 -0.16
C TRP A 47 -10.12 3.43 1.30
N LEU A 48 -9.64 4.63 1.59
CA LEU A 48 -9.66 5.19 2.93
C LEU A 48 -10.91 6.02 3.19
N ILE A 49 -11.75 6.15 2.17
CA ILE A 49 -12.94 6.97 2.23
C ILE A 49 -14.08 5.98 2.42
N THR A 50 -14.27 5.15 1.39
CA THR A 50 -15.27 4.10 1.41
C THR A 50 -14.94 3.14 2.54
N ASN A 51 -13.67 2.80 2.67
CA ASN A 51 -13.20 1.78 3.60
C ASN A 51 -12.17 2.43 4.51
N LYS A 52 -11.54 1.69 5.43
CA LYS A 52 -10.65 2.31 6.41
C LYS A 52 -9.85 1.25 7.15
N LYS A 53 -9.45 0.20 6.43
CA LYS A 53 -8.83 -1.02 6.95
C LYS A 53 -7.69 -1.42 6.02
N CYS A 54 -6.70 -2.14 6.55
CA CYS A 54 -5.46 -2.43 5.86
C CYS A 54 -5.84 -3.51 4.86
N PRO A 55 -5.68 -3.31 3.55
CA PRO A 55 -6.06 -4.32 2.56
C PRO A 55 -5.00 -5.43 2.45
N ILE A 56 -4.28 -5.70 3.53
CA ILE A 56 -3.31 -6.76 3.70
C ILE A 56 -3.51 -7.28 5.12
N CYS A 57 -3.22 -6.44 6.12
CA CYS A 57 -3.22 -6.82 7.52
C CYS A 57 -4.64 -6.91 8.11
N ARG A 58 -5.68 -6.57 7.33
CA ARG A 58 -7.06 -6.31 7.74
C ARG A 58 -7.23 -5.36 8.94
N VAL A 59 -6.17 -4.72 9.45
CA VAL A 59 -6.26 -3.92 10.67
C VAL A 59 -6.93 -2.61 10.34
N ASP A 60 -7.75 -2.10 11.22
CA ASP A 60 -8.45 -0.86 10.97
C ASP A 60 -7.47 0.29 11.09
N ILE A 61 -6.95 0.71 9.94
CA ILE A 61 -5.91 1.72 9.87
C ILE A 61 -6.44 3.10 10.22
N GLU A 62 -7.62 3.47 9.70
CA GLU A 62 -8.17 4.83 9.73
C GLU A 62 -7.25 5.95 9.22
N ALA A 63 -6.03 5.67 8.78
CA ALA A 63 -5.10 6.68 8.32
C ALA A 63 -5.66 7.34 7.07
N GLN A 64 -5.56 8.67 7.03
CA GLN A 64 -5.98 9.49 5.90
C GLN A 64 -5.16 10.77 5.93
N LEU A 65 -5.19 11.44 7.10
CA LEU A 65 -4.54 12.71 7.41
C LEU A 65 -3.20 12.84 6.67
N PRO A 66 -3.15 13.67 5.62
CA PRO A 66 -1.93 13.86 4.86
C PRO A 66 -0.99 14.78 5.65
N SER A 67 0.27 14.37 5.81
CA SER A 67 1.27 15.14 6.52
C SER A 67 1.55 16.44 5.77
N GLU A 68 1.94 16.32 4.49
CA GLU A 68 2.03 17.44 3.56
C GLU A 68 1.65 16.94 2.17
N SER A 69 1.46 17.86 1.22
CA SER A 69 1.26 17.57 -0.19
C SER A 69 1.51 18.86 -0.96
N MET A 1 23.27 -20.62 -20.97
CA MET A 1 22.90 -19.22 -20.69
C MET A 1 22.93 -18.96 -19.19
N LYS A 2 21.83 -19.18 -18.47
CA LYS A 2 21.68 -18.77 -17.08
C LYS A 2 20.68 -19.73 -16.43
N GLN A 3 20.87 -20.07 -15.16
CA GLN A 3 19.97 -20.98 -14.47
C GLN A 3 20.26 -20.93 -12.95
N ASP A 4 20.17 -19.74 -12.36
CA ASP A 4 20.42 -19.55 -10.93
C ASP A 4 19.71 -18.27 -10.50
N GLY A 5 19.45 -18.08 -9.20
CA GLY A 5 18.98 -16.82 -8.64
C GLY A 5 17.65 -16.91 -7.91
N GLU A 6 17.30 -18.08 -7.36
CA GLU A 6 16.08 -18.25 -6.58
C GLU A 6 16.38 -19.24 -5.44
N GLU A 7 16.79 -18.73 -4.27
CA GLU A 7 16.94 -19.51 -3.07
C GLU A 7 16.99 -18.48 -1.94
N GLY A 8 16.13 -18.66 -0.93
CA GLY A 8 16.03 -17.78 0.22
C GLY A 8 14.97 -16.69 0.00
N THR A 9 14.51 -16.08 1.09
CA THR A 9 13.68 -14.88 1.05
C THR A 9 13.76 -14.18 2.40
N GLU A 10 13.28 -12.94 2.51
CA GLU A 10 13.24 -12.21 3.78
C GLU A 10 12.27 -11.02 3.69
N GLU A 11 12.36 -10.24 2.61
CA GLU A 11 11.51 -9.07 2.36
C GLU A 11 10.02 -9.44 2.45
N ASP A 12 9.26 -8.73 3.30
CA ASP A 12 7.91 -9.14 3.68
C ASP A 12 7.06 -7.96 4.16
N THR A 13 7.25 -6.76 3.60
CA THR A 13 6.71 -5.54 4.20
C THR A 13 6.00 -4.67 3.16
N GLU A 14 6.69 -4.21 2.12
CA GLU A 14 6.18 -3.12 1.29
C GLU A 14 6.46 -3.36 -0.19
N GLU A 15 5.65 -4.21 -0.82
CA GLU A 15 5.85 -4.63 -2.19
C GLU A 15 4.49 -4.83 -2.88
N LYS A 16 4.29 -4.18 -4.04
CA LYS A 16 3.13 -4.34 -4.93
C LYS A 16 1.84 -3.74 -4.35
N CYS A 17 0.96 -3.22 -5.22
CA CYS A 17 -0.31 -2.66 -4.77
C CYS A 17 -1.12 -3.82 -4.21
N THR A 18 -1.81 -3.62 -3.10
CA THR A 18 -2.63 -4.65 -2.46
C THR A 18 -4.09 -4.19 -2.33
N ILE A 19 -4.36 -2.89 -2.36
CA ILE A 19 -5.73 -2.38 -2.50
C ILE A 19 -6.37 -3.00 -3.74
N CYS A 20 -5.70 -2.79 -4.88
CA CYS A 20 -6.19 -3.18 -6.19
C CYS A 20 -5.62 -4.55 -6.58
N LEU A 21 -4.53 -4.97 -5.94
CA LEU A 21 -3.68 -6.07 -6.36
C LEU A 21 -3.09 -5.84 -7.75
N SER A 22 -1.93 -5.21 -7.74
CA SER A 22 -1.18 -4.85 -8.93
C SER A 22 0.26 -4.59 -8.50
N ILE A 23 1.03 -3.86 -9.32
CA ILE A 23 2.40 -3.47 -9.05
C ILE A 23 2.44 -1.99 -8.74
N LEU A 24 3.53 -1.55 -8.12
CA LEU A 24 3.89 -0.16 -7.96
C LEU A 24 5.24 -0.02 -8.64
N GLU A 25 5.27 0.63 -9.80
CA GLU A 25 6.52 1.12 -10.36
C GLU A 25 6.98 2.35 -9.57
N GLU A 26 8.27 2.67 -9.60
CA GLU A 26 8.71 4.00 -9.22
C GLU A 26 8.51 4.93 -10.41
N GLY A 27 8.31 6.23 -10.16
CA GLY A 27 8.04 7.21 -11.19
C GLY A 27 6.66 7.82 -10.99
N GLU A 28 5.62 6.99 -10.87
CA GLU A 28 4.31 7.50 -10.51
C GLU A 28 4.32 8.13 -9.12
N ASP A 29 3.33 9.00 -8.86
CA ASP A 29 3.19 9.66 -7.58
C ASP A 29 2.39 8.76 -6.66
N VAL A 30 3.08 7.76 -6.09
CA VAL A 30 2.49 6.75 -5.22
C VAL A 30 2.51 7.24 -3.77
N ARG A 31 1.78 6.58 -2.87
CA ARG A 31 1.68 7.03 -1.48
C ARG A 31 1.98 5.89 -0.51
N CYS A 32 2.39 6.22 0.70
CA CYS A 32 2.79 5.27 1.72
C CYS A 32 1.92 5.49 2.95
N LEU A 33 1.18 4.46 3.37
CA LEU A 33 0.41 4.49 4.60
C LEU A 33 1.34 4.13 5.75
N PRO A 34 1.02 4.60 6.97
CA PRO A 34 1.82 4.31 8.14
C PRO A 34 1.71 2.84 8.56
N CYS A 35 0.72 2.09 8.05
CA CYS A 35 0.41 0.76 8.54
C CYS A 35 1.27 -0.30 7.80
N MET A 36 2.58 -0.03 7.67
CA MET A 36 3.67 -0.67 6.95
C MET A 36 3.35 -1.12 5.54
N HIS A 37 2.53 -0.36 4.79
CA HIS A 37 2.14 -0.73 3.45
C HIS A 37 2.03 0.53 2.60
N LEU A 38 2.30 0.42 1.30
CA LEU A 38 2.27 1.56 0.38
C LEU A 38 1.47 1.16 -0.85
N PHE A 39 0.67 2.06 -1.40
CA PHE A 39 -0.18 1.77 -2.55
C PHE A 39 -0.32 3.04 -3.38
N HIS A 40 -0.87 2.90 -4.58
CA HIS A 40 -1.16 4.03 -5.46
C HIS A 40 -1.86 5.15 -4.69
N GLN A 41 -1.42 6.40 -4.85
CA GLN A 41 -2.05 7.52 -4.16
C GLN A 41 -3.55 7.54 -4.40
N VAL A 42 -3.98 7.40 -5.66
CA VAL A 42 -5.40 7.34 -5.99
C VAL A 42 -6.10 6.20 -5.27
N CYS A 43 -5.48 5.02 -5.25
CA CYS A 43 -6.06 3.84 -4.61
C CYS A 43 -6.37 4.20 -3.16
N VAL A 44 -5.41 4.71 -2.39
CA VAL A 44 -5.67 5.05 -1.00
C VAL A 44 -6.75 6.14 -0.91
N ASP A 45 -6.71 7.12 -1.79
CA ASP A 45 -7.56 8.31 -1.76
C ASP A 45 -9.01 7.99 -2.08
N GLN A 46 -9.29 6.77 -2.51
CA GLN A 46 -10.64 6.33 -2.86
C GLN A 46 -11.04 5.15 -1.97
N TRP A 47 -10.08 4.31 -1.59
CA TRP A 47 -10.34 3.12 -0.80
C TRP A 47 -10.59 3.53 0.64
N LEU A 48 -9.97 4.60 1.13
CA LEU A 48 -10.21 5.14 2.46
C LEU A 48 -11.53 5.91 2.54
N ILE A 49 -12.23 6.06 1.41
CA ILE A 49 -13.48 6.78 1.32
C ILE A 49 -14.58 5.73 1.33
N THR A 50 -14.52 4.76 0.41
CA THR A 50 -15.50 3.68 0.33
C THR A 50 -15.22 2.56 1.33
N ASN A 51 -14.08 2.59 2.01
CA ASN A 51 -13.61 1.57 2.94
C ASN A 51 -12.78 2.27 4.03
N LYS A 52 -12.36 1.59 5.09
CA LYS A 52 -11.68 2.28 6.20
C LYS A 52 -10.89 1.33 7.12
N LYS A 53 -10.16 0.38 6.54
CA LYS A 53 -9.48 -0.71 7.24
C LYS A 53 -8.20 -1.06 6.47
N CYS A 54 -7.18 -1.65 7.11
CA CYS A 54 -5.96 -2.03 6.41
C CYS A 54 -6.27 -3.33 5.64
N PRO A 55 -5.64 -3.64 4.48
CA PRO A 55 -5.88 -4.90 3.82
C PRO A 55 -5.09 -6.01 4.51
N ILE A 56 -3.76 -5.95 4.46
CA ILE A 56 -2.87 -7.03 4.89
C ILE A 56 -2.87 -7.11 6.42
N CYS A 57 -2.46 -6.02 7.07
CA CYS A 57 -2.36 -5.92 8.52
C CYS A 57 -3.75 -6.07 9.15
N ARG A 58 -4.82 -5.79 8.39
CA ARG A 58 -6.19 -6.14 8.76
C ARG A 58 -6.63 -5.51 10.08
N VAL A 59 -6.00 -4.41 10.50
CA VAL A 59 -6.49 -3.62 11.61
C VAL A 59 -7.30 -2.49 11.00
N ASP A 60 -8.44 -2.15 11.57
CA ASP A 60 -9.25 -1.09 11.02
C ASP A 60 -8.57 0.25 11.29
N ILE A 61 -7.83 0.75 10.30
CA ILE A 61 -7.04 1.96 10.47
C ILE A 61 -7.92 3.21 10.52
N GLU A 62 -9.09 3.18 9.87
CA GLU A 62 -10.00 4.30 9.64
C GLU A 62 -9.37 5.57 9.03
N ALA A 63 -8.08 5.55 8.69
CA ALA A 63 -7.33 6.74 8.35
C ALA A 63 -7.93 7.48 7.18
N GLN A 64 -8.10 8.78 7.36
CA GLN A 64 -8.56 9.69 6.33
C GLN A 64 -8.16 11.12 6.74
N LEU A 65 -6.89 11.31 7.10
CA LEU A 65 -6.43 12.61 7.57
C LEU A 65 -6.67 13.68 6.50
N PRO A 66 -7.14 14.87 6.88
CA PRO A 66 -7.40 15.94 5.93
C PRO A 66 -6.08 16.61 5.53
N SER A 67 -6.02 17.08 4.29
CA SER A 67 -4.92 17.82 3.68
C SER A 67 -4.08 16.85 2.86
N GLU A 68 -3.75 17.25 1.63
CA GLU A 68 -3.01 16.47 0.65
C GLU A 68 -2.28 17.52 -0.21
N SER A 69 -1.10 17.22 -0.73
CA SER A 69 -0.20 18.28 -1.20
C SER A 69 0.64 17.81 -2.39
N MET A 1 18.75 -26.64 -16.99
CA MET A 1 18.75 -27.51 -15.80
C MET A 1 17.98 -26.83 -14.68
N LYS A 2 18.64 -26.01 -13.85
CA LYS A 2 18.01 -25.31 -12.74
C LYS A 2 18.74 -23.98 -12.57
N GLN A 3 18.14 -22.97 -11.92
CA GLN A 3 18.82 -21.70 -11.66
C GLN A 3 17.99 -20.89 -10.67
N ASP A 4 18.13 -21.17 -9.38
CA ASP A 4 17.24 -20.62 -8.36
C ASP A 4 17.82 -20.91 -6.99
N GLY A 5 17.54 -20.05 -6.00
CA GLY A 5 17.98 -20.24 -4.63
C GLY A 5 18.50 -18.93 -4.03
N GLU A 6 17.60 -18.04 -3.63
CA GLU A 6 17.94 -16.88 -2.82
C GLU A 6 16.69 -16.60 -1.97
N GLU A 7 16.88 -16.42 -0.66
CA GLU A 7 15.89 -15.99 0.32
C GLU A 7 16.54 -16.13 1.70
N GLY A 8 16.55 -15.06 2.49
CA GLY A 8 17.14 -15.11 3.82
C GLY A 8 17.01 -13.75 4.50
N THR A 9 15.77 -13.27 4.65
CA THR A 9 15.43 -12.01 5.28
C THR A 9 14.04 -12.18 5.88
N GLU A 10 13.65 -11.31 6.81
CA GLU A 10 12.37 -11.37 7.49
C GLU A 10 11.29 -10.84 6.53
N GLU A 11 11.36 -9.53 6.27
CA GLU A 11 10.46 -8.72 5.47
C GLU A 11 9.01 -8.66 6.01
N ASP A 12 8.51 -7.43 6.17
CA ASP A 12 7.21 -7.18 6.79
C ASP A 12 6.55 -6.03 6.02
N THR A 13 6.76 -5.98 4.70
CA THR A 13 6.41 -4.79 3.93
C THR A 13 5.93 -5.17 2.53
N GLU A 14 6.65 -6.05 1.82
CA GLU A 14 6.22 -6.53 0.51
C GLU A 14 6.23 -5.37 -0.51
N GLU A 15 5.69 -5.60 -1.69
CA GLU A 15 5.69 -4.65 -2.80
C GLU A 15 4.42 -4.93 -3.63
N LYS A 16 4.21 -4.24 -4.76
CA LYS A 16 3.05 -4.37 -5.64
C LYS A 16 1.75 -3.86 -4.98
N CYS A 17 0.85 -3.28 -5.78
CA CYS A 17 -0.40 -2.74 -5.24
C CYS A 17 -1.22 -3.93 -4.77
N THR A 18 -1.85 -3.82 -3.60
CA THR A 18 -2.67 -4.88 -3.04
C THR A 18 -4.09 -4.40 -2.76
N ILE A 19 -4.33 -3.08 -2.75
CA ILE A 19 -5.71 -2.58 -2.79
C ILE A 19 -6.38 -3.11 -4.06
N CYS A 20 -5.74 -2.85 -5.20
CA CYS A 20 -6.27 -3.15 -6.52
C CYS A 20 -5.73 -4.49 -7.04
N LEU A 21 -4.63 -4.97 -6.46
CA LEU A 21 -3.81 -6.06 -6.99
C LEU A 21 -3.26 -5.69 -8.37
N SER A 22 -2.14 -5.00 -8.36
CA SER A 22 -1.40 -4.58 -9.53
C SER A 22 0.06 -4.37 -9.11
N ILE A 23 0.84 -3.61 -9.88
CA ILE A 23 2.22 -3.30 -9.59
C ILE A 23 2.32 -1.89 -9.04
N LEU A 24 3.50 -1.55 -8.50
CA LEU A 24 3.89 -0.22 -8.09
C LEU A 24 5.30 -0.01 -8.61
N GLU A 25 5.40 0.72 -9.70
CA GLU A 25 6.64 1.20 -10.27
C GLU A 25 6.99 2.55 -9.64
N GLU A 26 8.28 2.85 -9.47
CA GLU A 26 8.68 4.15 -8.96
C GLU A 26 8.53 5.21 -10.05
N GLY A 27 8.46 6.48 -9.65
CA GLY A 27 8.30 7.60 -10.56
C GLY A 27 6.92 8.23 -10.38
N GLU A 28 5.89 7.41 -10.24
CA GLU A 28 4.54 7.90 -10.03
C GLU A 28 4.40 8.50 -8.62
N ASP A 29 3.45 9.42 -8.46
CA ASP A 29 3.07 9.96 -7.16
C ASP A 29 2.18 8.94 -6.47
N VAL A 30 2.80 7.89 -5.95
CA VAL A 30 2.14 6.85 -5.19
C VAL A 30 2.00 7.34 -3.73
N ARG A 31 1.41 6.54 -2.83
CA ARG A 31 1.38 6.90 -1.41
C ARG A 31 1.81 5.70 -0.58
N CYS A 32 2.27 5.94 0.65
CA CYS A 32 2.59 4.90 1.61
C CYS A 32 1.86 5.27 2.88
N LEU A 33 1.22 4.30 3.54
CA LEU A 33 0.66 4.49 4.87
C LEU A 33 1.62 3.89 5.88
N PRO A 34 1.55 4.35 7.13
CA PRO A 34 2.36 3.79 8.20
C PRO A 34 2.01 2.34 8.51
N CYS A 35 0.93 1.77 7.93
CA CYS A 35 0.68 0.34 8.12
C CYS A 35 1.41 -0.39 7.00
N MET A 36 2.75 -0.34 7.09
CA MET A 36 3.83 -1.06 6.42
C MET A 36 3.54 -1.52 5.01
N HIS A 37 2.81 -0.73 4.24
CA HIS A 37 2.45 -1.06 2.88
C HIS A 37 2.34 0.24 2.10
N LEU A 38 2.45 0.16 0.78
CA LEU A 38 2.32 1.33 -0.08
C LEU A 38 1.47 0.94 -1.27
N PHE A 39 0.63 1.85 -1.74
CA PHE A 39 -0.25 1.62 -2.87
C PHE A 39 -0.49 2.94 -3.58
N HIS A 40 -1.02 2.87 -4.79
CA HIS A 40 -1.38 4.03 -5.58
C HIS A 40 -2.11 5.05 -4.73
N GLN A 41 -1.69 6.31 -4.79
CA GLN A 41 -2.29 7.39 -4.01
C GLN A 41 -3.82 7.36 -4.16
N VAL A 42 -4.32 7.25 -5.39
CA VAL A 42 -5.76 7.16 -5.64
C VAL A 42 -6.39 5.95 -4.96
N CYS A 43 -5.72 4.79 -5.02
CA CYS A 43 -6.23 3.56 -4.44
C CYS A 43 -6.50 3.79 -2.95
N VAL A 44 -5.53 4.30 -2.19
CA VAL A 44 -5.79 4.58 -0.78
C VAL A 44 -6.87 5.65 -0.64
N ASP A 45 -6.87 6.65 -1.50
CA ASP A 45 -7.81 7.78 -1.44
C ASP A 45 -9.24 7.32 -1.67
N GLN A 46 -9.45 6.11 -2.18
CA GLN A 46 -10.76 5.48 -2.18
C GLN A 46 -10.90 4.45 -1.07
N TRP A 47 -9.82 3.78 -0.65
CA TRP A 47 -9.91 2.71 0.33
C TRP A 47 -10.17 3.25 1.73
N LEU A 48 -10.11 4.57 1.89
CA LEU A 48 -10.42 5.26 3.13
C LEU A 48 -11.82 5.86 3.10
N ILE A 49 -12.52 5.72 1.97
CA ILE A 49 -13.82 6.32 1.70
C ILE A 49 -14.84 5.17 1.65
N THR A 50 -14.60 4.20 0.78
CA THR A 50 -15.42 3.02 0.60
C THR A 50 -15.08 1.97 1.65
N ASN A 51 -13.84 2.02 2.16
CA ASN A 51 -13.32 1.14 3.20
C ASN A 51 -12.79 2.07 4.30
N LYS A 52 -12.32 1.50 5.41
CA LYS A 52 -11.74 2.30 6.49
C LYS A 52 -10.62 1.55 7.21
N LYS A 53 -9.99 0.60 6.52
CA LYS A 53 -9.12 -0.40 7.11
C LYS A 53 -8.04 -0.83 6.12
N CYS A 54 -6.87 -1.21 6.63
CA CYS A 54 -5.72 -1.53 5.79
C CYS A 54 -6.06 -2.83 5.04
N PRO A 55 -5.64 -3.01 3.77
CA PRO A 55 -5.96 -4.21 3.01
C PRO A 55 -5.33 -5.49 3.57
N ILE A 56 -4.00 -5.53 3.76
CA ILE A 56 -3.32 -6.76 4.15
C ILE A 56 -3.33 -6.87 5.68
N CYS A 57 -2.74 -5.87 6.32
CA CYS A 57 -2.53 -5.83 7.76
C CYS A 57 -3.89 -5.81 8.48
N ARG A 58 -4.94 -5.29 7.83
CA ARG A 58 -6.32 -5.34 8.33
C ARG A 58 -6.45 -4.70 9.72
N VAL A 59 -5.51 -3.83 10.08
CA VAL A 59 -5.70 -2.93 11.20
C VAL A 59 -6.55 -1.78 10.67
N ASP A 60 -7.55 -1.34 11.42
CA ASP A 60 -8.40 -0.27 10.95
C ASP A 60 -7.62 1.03 11.02
N ILE A 61 -7.02 1.42 9.90
CA ILE A 61 -6.19 2.61 9.89
C ILE A 61 -7.03 3.88 9.97
N GLU A 62 -8.22 3.91 9.34
CA GLU A 62 -9.07 5.09 9.13
C GLU A 62 -8.37 6.33 8.53
N ALA A 63 -7.08 6.25 8.20
CA ALA A 63 -6.19 7.38 8.02
C ALA A 63 -6.31 8.40 9.17
N GLN A 64 -5.86 9.63 8.94
CA GLN A 64 -5.84 10.71 9.93
C GLN A 64 -5.43 10.19 11.32
N LEU A 65 -4.25 9.56 11.39
CA LEU A 65 -3.77 8.91 12.60
C LEU A 65 -3.77 9.92 13.76
N PRO A 66 -3.96 9.47 15.00
CA PRO A 66 -4.17 10.33 16.16
C PRO A 66 -2.85 10.97 16.60
N SER A 67 -2.34 11.94 15.84
CA SER A 67 -1.09 12.64 16.06
C SER A 67 -0.96 13.71 14.98
N GLU A 68 -1.98 14.55 14.81
CA GLU A 68 -1.99 15.58 13.78
C GLU A 68 -2.61 16.85 14.38
N SER A 69 -3.05 17.80 13.56
CA SER A 69 -3.80 18.97 14.00
C SER A 69 -4.96 19.18 13.03
#